data_5T0E
#
_entry.id   5T0E
#
_cell.length_a   185.108
_cell.length_b   99.206
_cell.length_c   133.390
_cell.angle_alpha   90.00
_cell.angle_beta   126.34
_cell.angle_gamma   90.00
#
_symmetry.space_group_name_H-M   'C 1 2 1'
#
loop_
_entity.id
_entity.type
_entity.pdbx_description
1 polymer Hemagglutinin
2 polymer 'Hemagglutinin HA2 chain'
3 branched 'N-acetyl-alpha-neuraminic acid-(2-3)-beta-D-galactopyranose'
4 non-polymer 2-acetamido-2-deoxy-beta-D-glucopyranose
5 water water
#
loop_
_entity_poly.entity_id
_entity_poly.type
_entity_poly.pdbx_seq_one_letter_code
_entity_poly.pdbx_strand_id
1 'polypeptide(L)'
;ADPGDKICIGYHANNSTTQVDTLLEKNVTVTHSVELLENQKEKRFCKIMNKAPLDLKDCTIEGWILGNPKCDLLLGDQSW
SYIVERPNAQNGICYPGVLNELEELKAFIGSGERVERFEMFPKSTWAGVDTSRGVTNACPSYTIDSSFYRNLVWIVKTDS
ATYPVIKGTYNNTGTQPILYFWGVHHPLDTTVQDNLYGSGDKYVRMGTESMNFAKSPEIAARPAVNDQRSRIDYYWSVLR
PGETLNVESNGNLIAPWYAYKFVSTNKKGAVFKSDLPIENCDATCQTITGVLRTNKTFQNVSPLWIGECPKYVKSESLRL
ATGLRNVPQIATR
;
A,C,E
2 'polypeptide(L)'
;GIFGAIAGFIEGGWTGMIDGWYGYHHENSQGSGYAADRESTQKAIDGITNKVNSIINKMNTQFEAVDHEFSNLERRIGNL
NKRMEDGFLDVWTYNAELLVLLENERTLDLHDANVKNLYEKVKSQLRDNANDLGNGCFEFWHKCDNECMESVKNGTYDYP
KYQKESKLNRQGIEGRLVPR
;
B,D,F
#
# COMPACT_ATOMS: atom_id res chain seq x y z
N PRO A 3 -9.71 15.83 67.03
CA PRO A 3 -9.73 15.40 65.62
C PRO A 3 -8.89 14.14 65.39
N GLY A 4 -9.40 13.20 64.58
CA GLY A 4 -8.71 11.94 64.32
C GLY A 4 -7.65 12.03 63.23
N ASP A 5 -6.53 11.32 63.40
CA ASP A 5 -5.47 11.30 62.40
C ASP A 5 -5.98 10.65 61.11
N LYS A 6 -5.58 11.20 59.93
CA LYS A 6 -6.06 10.78 58.59
C LYS A 6 -4.87 10.33 57.73
N ILE A 7 -5.08 9.32 56.90
CA ILE A 7 -4.23 9.15 55.71
C ILE A 7 -5.11 8.85 54.49
N CYS A 8 -4.81 9.55 53.39
CA CYS A 8 -5.63 9.52 52.18
C CYS A 8 -4.78 9.11 51.01
N ILE A 9 -5.38 8.38 50.08
CA ILE A 9 -4.68 7.97 48.87
C ILE A 9 -5.27 8.73 47.71
N GLY A 10 -4.40 9.21 46.81
CA GLY A 10 -4.84 10.06 45.73
C GLY A 10 -3.80 10.25 44.64
N TYR A 11 -3.96 11.28 43.83
CA TYR A 11 -3.14 11.42 42.65
C TYR A 11 -2.88 12.89 42.34
N HIS A 12 -1.84 13.09 41.53
CA HIS A 12 -1.38 14.38 41.04
C HIS A 12 -2.42 15.11 40.19
N ALA A 13 -2.62 16.41 40.46
CA ALA A 13 -3.23 17.30 39.50
C ALA A 13 -2.34 18.52 39.26
N ASN A 14 -2.57 19.20 38.16
CA ASN A 14 -1.80 20.39 37.84
C ASN A 14 -2.60 21.38 37.02
N ASN A 15 -1.94 22.44 36.58
CA ASN A 15 -2.62 23.52 35.89
C ASN A 15 -2.72 23.24 34.37
N SER A 16 -2.39 22.03 33.93
CA SER A 16 -2.51 21.68 32.50
C SER A 16 -3.91 21.91 31.98
N THR A 17 -3.98 22.58 30.84
CA THR A 17 -5.24 22.71 30.13
C THR A 17 -5.16 21.94 28.80
N THR A 18 -4.06 21.22 28.59
CA THR A 18 -3.84 20.39 27.39
C THR A 18 -4.69 19.11 27.37
N GLN A 19 -5.37 18.84 26.26
CA GLN A 19 -6.30 17.71 26.13
C GLN A 19 -5.86 16.63 25.12
N VAL A 20 -6.34 15.41 25.33
CA VAL A 20 -6.18 14.30 24.38
C VAL A 20 -7.54 13.68 24.13
N ASP A 21 -7.62 12.86 23.08
CA ASP A 21 -8.80 12.06 22.80
C ASP A 21 -8.46 10.60 23.03
N THR A 22 -9.45 9.80 23.41
CA THR A 22 -9.34 8.35 23.46
C THR A 22 -10.51 7.77 22.69
N LEU A 23 -10.50 6.46 22.52
CA LEU A 23 -11.61 5.75 21.88
C LEU A 23 -12.93 6.00 22.62
N LEU A 24 -12.88 6.17 23.94
CA LEU A 24 -14.08 6.25 24.77
C LEU A 24 -14.51 7.70 24.97
N GLU A 25 -13.59 8.65 24.84
CA GLU A 25 -13.90 9.99 25.26
C GLU A 25 -13.01 11.03 24.59
N LYS A 26 -13.60 12.12 24.13
CA LYS A 26 -12.87 13.23 23.55
C LYS A 26 -12.62 14.32 24.58
N ASN A 27 -11.62 15.15 24.29
CA ASN A 27 -11.31 16.33 25.10
C ASN A 27 -11.03 16.05 26.57
N VAL A 28 -10.24 15.03 26.84
CA VAL A 28 -9.81 14.75 28.19
C VAL A 28 -8.56 15.55 28.55
N THR A 29 -8.64 16.37 29.58
CA THR A 29 -7.47 17.12 30.03
C THR A 29 -6.53 16.21 30.82
N VAL A 30 -5.24 16.22 30.48
CA VAL A 30 -4.32 15.31 31.16
C VAL A 30 -3.15 16.09 31.72
N THR A 31 -2.55 15.57 32.80
CA THR A 31 -1.48 16.28 33.49
C THR A 31 -0.19 16.39 32.70
N HIS A 32 0.10 15.39 31.84
CA HIS A 32 1.29 15.33 30.99
C HIS A 32 0.97 14.62 29.67
N SER A 33 1.58 15.08 28.60
CA SER A 33 1.33 14.57 27.27
C SER A 33 2.48 14.92 26.35
N VAL A 34 2.57 14.23 25.20
CA VAL A 34 3.58 14.50 24.20
C VAL A 34 2.90 14.64 22.82
N GLU A 35 3.18 15.73 22.10
CA GLU A 35 2.70 15.86 20.73
C GLU A 35 3.68 15.13 19.80
N LEU A 36 3.17 14.19 19.02
CA LEU A 36 4.09 13.39 18.19
C LEU A 36 4.23 13.94 16.77
N LEU A 37 3.38 14.91 16.42
CA LEU A 37 3.30 15.43 15.06
C LEU A 37 3.85 16.85 14.97
N GLU A 38 4.66 17.08 13.93
CA GLU A 38 5.18 18.40 13.59
C GLU A 38 4.41 19.07 12.48
N ASN A 39 3.98 20.31 12.71
CA ASN A 39 3.29 21.06 11.66
C ASN A 39 4.00 22.37 11.29
N GLN A 40 5.20 22.58 11.80
CA GLN A 40 5.99 23.78 11.49
C GLN A 40 7.10 23.51 10.47
N LYS A 41 7.37 24.50 9.61
CA LYS A 41 8.42 24.41 8.60
C LYS A 41 9.08 25.77 8.37
N GLU A 42 10.32 25.79 7.90
CA GLU A 42 10.88 27.04 7.38
C GLU A 42 10.66 27.10 5.87
N LYS A 43 10.03 28.16 5.40
CA LYS A 43 9.63 28.24 4.00
C LYS A 43 10.80 28.65 3.11
N ARG A 44 11.76 27.73 2.99
CA ARG A 44 12.95 27.94 2.19
C ARG A 44 13.66 26.62 1.89
N PHE A 45 14.67 26.71 1.02
CA PHE A 45 15.55 25.58 0.71
C PHE A 45 16.92 25.78 1.32
N CYS A 46 17.44 24.74 1.96
CA CYS A 46 18.77 24.74 2.55
C CYS A 46 19.62 23.62 1.98
N LYS A 47 20.90 23.63 2.36
CA LYS A 47 21.83 22.58 2.00
C LYS A 47 21.56 21.30 2.77
N ILE A 48 21.81 20.19 2.09
CA ILE A 48 21.67 18.85 2.63
C ILE A 48 23.02 18.17 2.43
N MET A 49 23.55 17.55 3.48
CA MET A 49 24.88 16.95 3.41
C MET A 49 25.87 18.04 3.04
N ASN A 50 25.57 19.23 3.50
CA ASN A 50 26.36 20.43 3.26
C ASN A 50 26.52 20.72 1.76
N LYS A 51 25.67 20.12 0.94
CA LYS A 51 25.67 20.39 -0.49
C LYS A 51 24.55 21.34 -0.82
N ALA A 52 24.89 22.42 -1.50
CA ALA A 52 23.91 23.35 -2.02
C ALA A 52 23.06 22.67 -3.09
N PRO A 53 21.77 23.04 -3.17
CA PRO A 53 20.95 22.59 -4.28
C PRO A 53 21.24 23.44 -5.51
N LEU A 54 20.88 22.93 -6.68
CA LEU A 54 21.06 23.66 -7.91
C LEU A 54 19.83 24.50 -8.22
N ASP A 55 20.02 25.83 -8.27
CA ASP A 55 18.94 26.75 -8.64
C ASP A 55 18.95 26.98 -10.15
N LEU A 56 17.93 26.50 -10.86
CA LEU A 56 17.85 26.67 -12.31
C LEU A 56 17.40 28.08 -12.70
N LYS A 57 16.97 28.87 -11.71
CA LYS A 57 16.58 30.27 -11.94
C LYS A 57 15.54 30.47 -13.04
N ASP A 58 15.87 31.21 -14.09
CA ASP A 58 14.90 31.44 -15.15
C ASP A 58 14.96 30.36 -16.25
N CYS A 59 15.65 29.25 -15.98
CA CYS A 59 15.78 28.13 -16.94
C CYS A 59 15.04 26.87 -16.48
N THR A 60 14.44 26.13 -17.40
CA THR A 60 13.92 24.80 -17.07
C THR A 60 15.05 23.76 -17.14
N ILE A 61 14.77 22.54 -16.70
CA ILE A 61 15.74 21.45 -16.86
C ILE A 61 16.17 21.24 -18.34
N GLU A 62 15.21 21.34 -19.26
CA GLU A 62 15.53 21.25 -20.69
C GLU A 62 16.54 22.36 -21.11
N GLY A 63 16.24 23.60 -20.70
CA GLY A 63 17.03 24.75 -21.08
C GLY A 63 18.44 24.62 -20.58
N TRP A 64 18.57 24.08 -19.37
CA TRP A 64 19.85 23.85 -18.72
C TRP A 64 20.73 22.85 -19.48
N ILE A 65 20.31 21.58 -19.55
CA ILE A 65 21.23 20.58 -20.09
C ILE A 65 21.36 20.56 -21.62
N LEU A 66 20.48 21.24 -22.35
CA LEU A 66 20.66 21.41 -23.82
C LEU A 66 21.60 22.57 -24.08
N GLY A 67 21.81 23.40 -23.06
CA GLY A 67 22.61 24.60 -23.20
C GLY A 67 21.89 25.71 -23.95
N ASN A 68 20.61 25.95 -23.65
CA ASN A 68 19.94 27.19 -24.10
C ASN A 68 20.88 28.37 -23.87
N PRO A 69 21.13 29.21 -24.90
CA PRO A 69 22.12 30.28 -24.81
C PRO A 69 21.85 31.26 -23.65
N LYS A 70 20.59 31.48 -23.31
CA LYS A 70 20.20 32.33 -22.19
C LYS A 70 20.49 31.69 -20.82
N CYS A 71 20.85 30.40 -20.83
CA CYS A 71 21.11 29.66 -19.60
C CYS A 71 22.61 29.56 -19.29
N ASP A 72 23.41 30.46 -19.87
CA ASP A 72 24.87 30.39 -19.73
C ASP A 72 25.37 30.53 -18.29
N LEU A 73 24.55 31.10 -17.42
CA LEU A 73 24.92 31.19 -16.01
C LEU A 73 25.15 29.78 -15.44
N LEU A 74 24.32 28.85 -15.86
CA LEU A 74 24.42 27.47 -15.40
C LEU A 74 25.36 26.68 -16.26
N LEU A 75 25.88 27.30 -17.29
CA LEU A 75 26.74 26.59 -18.22
C LEU A 75 27.91 25.96 -17.52
N GLY A 76 28.17 24.74 -17.93
CA GLY A 76 29.26 23.98 -17.38
C GLY A 76 29.08 22.87 -16.39
N ASP A 77 29.93 22.98 -15.39
CA ASP A 77 30.19 22.00 -14.33
C ASP A 77 29.28 22.30 -13.15
N GLN A 78 28.56 21.27 -12.69
CA GLN A 78 27.55 21.41 -11.65
C GLN A 78 27.60 20.27 -10.64
N SER A 79 27.52 20.59 -9.35
CA SER A 79 27.41 19.59 -8.30
C SER A 79 26.23 19.98 -7.39
N TRP A 80 25.38 19.03 -7.01
CA TRP A 80 24.18 19.38 -6.24
C TRP A 80 23.63 18.27 -5.36
N SER A 81 22.83 18.66 -4.37
CA SER A 81 22.17 17.70 -3.49
C SER A 81 20.73 17.50 -3.92
N TYR A 82 20.16 18.53 -4.54
CA TYR A 82 18.88 18.41 -5.22
C TYR A 82 18.71 19.57 -6.18
N ILE A 83 17.64 19.52 -6.96
CA ILE A 83 17.39 20.54 -7.97
C ILE A 83 16.11 21.33 -7.70
N VAL A 84 16.21 22.65 -7.85
CA VAL A 84 15.05 23.50 -7.70
C VAL A 84 14.71 24.18 -9.03
N GLU A 85 13.51 23.88 -9.55
CA GLU A 85 13.05 24.45 -10.80
C GLU A 85 11.87 25.38 -10.60
N ARG A 86 12.04 26.65 -11.00
CA ARG A 86 11.02 27.67 -10.78
C ARG A 86 9.86 27.49 -11.73
N PRO A 87 8.63 27.52 -11.21
CA PRO A 87 7.40 27.26 -11.96
C PRO A 87 7.24 28.11 -13.22
N ASN A 88 7.75 29.34 -13.22
CA ASN A 88 7.58 30.14 -14.42
C ASN A 88 8.91 30.50 -15.10
N ALA A 89 9.86 29.57 -15.04
CA ALA A 89 11.12 29.69 -15.77
C ALA A 89 10.77 29.79 -17.25
N GLN A 90 11.44 30.69 -17.97
CA GLN A 90 11.02 31.05 -19.33
C GLN A 90 11.89 30.40 -20.40
N ASN A 91 13.09 29.99 -20.00
CA ASN A 91 14.09 29.53 -20.93
C ASN A 91 14.23 28.01 -20.98
N GLY A 92 13.55 27.39 -21.94
CA GLY A 92 13.62 25.95 -22.09
C GLY A 92 14.05 25.56 -23.50
N ILE A 93 13.16 24.89 -24.21
CA ILE A 93 13.38 24.54 -25.61
C ILE A 93 13.01 25.73 -26.46
N CYS A 94 14.01 26.44 -26.97
CA CYS A 94 13.74 27.69 -27.71
C CYS A 94 13.42 27.42 -29.19
N TYR A 95 14.07 26.45 -29.83
CA TYR A 95 13.65 26.06 -31.17
C TYR A 95 12.63 24.93 -31.02
N PRO A 96 11.38 25.17 -31.46
CA PRO A 96 10.26 24.29 -31.12
C PRO A 96 10.45 22.84 -31.52
N GLY A 97 9.86 21.96 -30.73
CA GLY A 97 10.00 20.54 -30.96
C GLY A 97 9.94 19.77 -29.67
N VAL A 98 10.03 18.46 -29.78
CA VAL A 98 9.89 17.56 -28.65
C VAL A 98 11.24 17.03 -28.15
N LEU A 99 11.45 17.07 -26.84
CA LEU A 99 12.56 16.34 -26.23
C LEU A 99 12.08 14.93 -25.86
N ASN A 100 12.43 13.96 -26.70
CA ASN A 100 11.84 12.63 -26.59
C ASN A 100 12.24 11.93 -25.29
N GLU A 101 11.30 11.18 -24.72
CA GLU A 101 11.45 10.52 -23.43
C GLU A 101 11.86 11.54 -22.34
N LEU A 102 11.09 12.63 -22.25
CA LEU A 102 11.43 13.76 -21.37
C LEU A 102 11.34 13.38 -19.89
N GLU A 103 10.29 12.65 -19.55
CA GLU A 103 10.01 12.32 -18.14
C GLU A 103 11.12 11.41 -17.63
N GLU A 104 11.55 10.50 -18.49
CA GLU A 104 12.56 9.55 -18.08
C GLU A 104 13.94 10.24 -18.05
N LEU A 105 14.11 11.29 -18.84
CA LEU A 105 15.30 12.13 -18.71
C LEU A 105 15.31 12.87 -17.38
N LYS A 106 14.15 13.42 -16.98
CA LYS A 106 14.07 14.23 -15.77
C LYS A 106 14.36 13.30 -14.58
N ALA A 107 13.81 12.09 -14.63
CA ALA A 107 14.09 11.06 -13.63
C ALA A 107 15.57 10.70 -13.56
N PHE A 108 16.24 10.64 -14.71
CA PHE A 108 17.67 10.25 -14.73
C PHE A 108 18.51 11.38 -14.15
N ILE A 109 18.19 12.61 -14.51
CA ILE A 109 18.92 13.77 -14.00
C ILE A 109 18.77 13.89 -12.49
N GLY A 110 17.58 13.61 -11.99
CA GLY A 110 17.30 13.67 -10.57
C GLY A 110 18.18 12.70 -9.81
N SER A 111 18.43 11.56 -10.42
CA SER A 111 19.29 10.53 -9.84
C SER A 111 20.74 10.98 -9.64
N GLY A 112 21.22 11.86 -10.51
CA GLY A 112 22.59 12.36 -10.44
C GLY A 112 22.92 13.33 -9.32
N GLU A 113 24.22 13.45 -9.03
CA GLU A 113 24.72 14.38 -8.02
C GLU A 113 25.74 15.40 -8.55
N ARG A 114 26.19 15.22 -9.79
CA ARG A 114 27.18 16.11 -10.42
C ARG A 114 27.37 15.80 -11.92
N VAL A 115 27.59 16.85 -12.71
CA VAL A 115 27.96 16.68 -14.11
C VAL A 115 29.18 17.53 -14.48
N GLU A 116 30.01 16.99 -15.37
CA GLU A 116 31.17 17.69 -15.93
C GLU A 116 31.00 17.85 -17.43
N ARG A 117 30.90 19.10 -17.86
CA ARG A 117 30.72 19.38 -19.26
C ARG A 117 32.06 19.24 -19.97
N PHE A 118 32.00 18.83 -21.24
CA PHE A 118 33.20 18.62 -22.05
C PHE A 118 32.80 18.50 -23.51
N GLU A 119 33.73 18.85 -24.39
CA GLU A 119 33.53 18.71 -25.81
C GLU A 119 33.55 17.25 -26.19
N MET A 120 32.42 16.74 -26.69
CA MET A 120 32.37 15.32 -27.08
C MET A 120 32.79 15.12 -28.52
N PHE A 121 32.18 15.87 -29.43
CA PHE A 121 32.55 15.88 -30.84
C PHE A 121 32.95 17.28 -31.24
N PRO A 122 34.23 17.47 -31.57
CA PRO A 122 34.69 18.78 -32.06
C PRO A 122 34.02 19.06 -33.38
N LYS A 123 33.80 20.34 -33.70
CA LYS A 123 33.16 20.68 -34.97
C LYS A 123 33.89 20.05 -36.17
N SER A 124 35.21 19.89 -36.06
CA SER A 124 36.03 19.29 -37.11
C SER A 124 35.65 17.86 -37.48
N THR A 125 34.92 17.20 -36.59
CA THR A 125 34.58 15.79 -36.75
C THR A 125 33.81 15.61 -38.03
N TRP A 126 32.94 16.57 -38.34
CA TRP A 126 32.10 16.46 -39.51
C TRP A 126 32.78 17.16 -40.68
N ALA A 127 32.94 16.43 -41.78
CA ALA A 127 33.74 16.88 -42.91
C ALA A 127 32.92 17.14 -44.15
N GLY A 128 33.14 18.29 -44.76
CA GLY A 128 32.48 18.64 -46.00
C GLY A 128 31.19 19.38 -45.75
N VAL A 129 30.98 19.78 -44.49
CA VAL A 129 29.75 20.45 -44.14
C VAL A 129 30.04 21.74 -43.39
N ASP A 130 29.05 22.64 -43.36
CA ASP A 130 29.24 23.93 -42.72
C ASP A 130 28.75 23.89 -41.27
N THR A 131 29.71 23.99 -40.36
CA THR A 131 29.51 24.05 -38.91
C THR A 131 28.94 25.39 -38.41
N SER A 132 29.47 26.45 -38.99
CA SER A 132 29.20 27.86 -38.65
C SER A 132 27.82 28.51 -38.79
N ARG A 133 27.09 28.16 -39.83
CA ARG A 133 25.79 28.76 -40.12
C ARG A 133 24.59 28.41 -39.24
N GLY A 134 24.70 27.41 -38.37
CA GLY A 134 23.56 26.99 -37.57
C GLY A 134 23.19 27.76 -36.31
N VAL A 135 22.45 28.83 -36.52
CA VAL A 135 21.96 29.70 -35.47
C VAL A 135 20.57 30.13 -35.89
N THR A 136 19.75 30.54 -34.94
CA THR A 136 18.39 30.97 -35.26
C THR A 136 17.89 32.08 -34.34
N ASN A 137 16.95 32.88 -34.83
CA ASN A 137 16.37 33.93 -33.99
C ASN A 137 15.47 33.38 -32.87
N ALA A 138 15.03 32.13 -33.03
CA ALA A 138 14.25 31.44 -32.01
C ALA A 138 15.07 31.29 -30.72
N CYS A 139 16.40 31.22 -30.86
CA CYS A 139 17.29 30.98 -29.73
C CYS A 139 18.34 32.06 -29.54
N PRO A 140 17.90 33.25 -29.12
CA PRO A 140 18.95 34.25 -28.85
C PRO A 140 19.68 34.03 -27.55
N SER A 141 20.87 34.59 -27.44
CA SER A 141 21.51 34.76 -26.15
C SER A 141 21.03 36.09 -25.56
N TYR A 142 21.64 36.52 -24.47
CA TYR A 142 21.25 37.78 -23.84
C TYR A 142 22.02 38.91 -24.51
N THR A 143 22.80 38.56 -25.53
CA THR A 143 23.60 39.53 -26.25
C THR A 143 23.42 39.47 -27.79
N ILE A 144 23.46 38.26 -28.37
CA ILE A 144 23.29 38.10 -29.82
C ILE A 144 21.87 37.60 -30.12
N ASP A 145 21.23 38.15 -31.14
CA ASP A 145 19.82 37.80 -31.39
C ASP A 145 19.64 36.44 -32.08
N SER A 146 20.70 35.92 -32.66
CA SER A 146 20.60 34.63 -33.34
C SER A 146 21.74 33.76 -32.90
N SER A 147 21.40 32.67 -32.22
CA SER A 147 22.36 31.81 -31.58
C SER A 147 21.79 30.39 -31.57
N PHE A 148 22.37 29.50 -30.77
CA PHE A 148 21.90 28.13 -30.72
C PHE A 148 22.41 27.46 -29.48
N TYR A 149 21.83 26.33 -29.13
CA TYR A 149 22.18 25.65 -27.89
C TYR A 149 23.67 25.39 -27.87
N ARG A 150 24.25 25.57 -26.69
CA ARG A 150 25.68 25.39 -26.47
C ARG A 150 26.13 23.95 -26.70
N ASN A 151 25.26 22.99 -26.42
CA ASN A 151 25.63 21.58 -26.51
C ASN A 151 25.37 20.89 -27.85
N LEU A 152 24.88 21.63 -28.83
CA LEU A 152 24.50 21.06 -30.11
C LEU A 152 25.05 21.90 -31.26
N VAL A 153 25.37 21.25 -32.36
CA VAL A 153 25.71 21.95 -33.60
C VAL A 153 24.67 21.64 -34.61
N TRP A 154 24.02 22.69 -35.11
CA TRP A 154 23.12 22.61 -36.21
C TRP A 154 23.90 22.63 -37.52
N ILE A 155 24.11 21.46 -38.11
CA ILE A 155 24.93 21.35 -39.32
C ILE A 155 24.14 21.62 -40.60
N VAL A 156 24.78 22.38 -41.49
CA VAL A 156 24.19 22.76 -42.76
C VAL A 156 25.15 22.31 -43.88
N LYS A 157 24.61 22.07 -45.06
CA LYS A 157 25.48 21.77 -46.19
C LYS A 157 26.23 23.03 -46.58
N THR A 158 27.42 22.85 -47.14
CA THR A 158 28.18 24.01 -47.58
C THR A 158 27.66 24.45 -48.95
N ASP A 159 28.33 25.40 -49.58
CA ASP A 159 27.85 25.99 -50.83
C ASP A 159 27.64 24.92 -51.92
N SER A 160 28.44 23.86 -51.87
CA SER A 160 28.31 22.76 -52.81
C SER A 160 26.94 22.10 -52.66
N ALA A 161 26.43 21.56 -53.75
CA ALA A 161 25.09 20.96 -53.79
C ALA A 161 24.98 19.81 -52.79
N THR A 162 26.07 19.06 -52.63
CA THR A 162 26.05 17.89 -51.75
C THR A 162 26.27 18.14 -50.25
N TYR A 163 25.47 17.44 -49.46
CA TYR A 163 25.73 17.29 -48.04
C TYR A 163 26.27 15.88 -47.95
N PRO A 164 27.56 15.72 -47.63
CA PRO A 164 28.13 14.39 -47.70
C PRO A 164 27.76 13.51 -46.52
N VAL A 165 27.98 12.22 -46.65
CA VAL A 165 27.88 11.35 -45.49
C VAL A 165 28.94 11.81 -44.50
N ILE A 166 28.53 12.02 -43.25
CA ILE A 166 29.45 12.42 -42.22
C ILE A 166 29.43 11.34 -41.15
N LYS A 167 30.56 11.16 -40.47
CA LYS A 167 30.66 10.12 -39.47
C LYS A 167 31.36 10.69 -38.27
N GLY A 168 31.02 10.18 -37.09
CA GLY A 168 31.68 10.59 -35.85
C GLY A 168 31.76 9.42 -34.89
N THR A 169 32.90 9.29 -34.23
CA THR A 169 33.04 8.27 -33.23
C THR A 169 33.51 8.89 -31.91
N TYR A 170 32.94 8.45 -30.81
CA TYR A 170 33.49 8.71 -29.50
C TYR A 170 33.55 7.40 -28.73
N ASN A 171 34.70 7.09 -28.16
CA ASN A 171 34.89 5.88 -27.37
C ASN A 171 34.99 6.31 -25.92
N ASN A 172 34.17 5.74 -25.05
CA ASN A 172 34.19 6.15 -23.67
C ASN A 172 35.14 5.31 -22.86
N THR A 173 36.27 5.92 -22.51
CA THR A 173 37.31 5.24 -21.78
C THR A 173 37.35 5.64 -20.32
N GLY A 174 36.35 6.43 -19.90
CA GLY A 174 36.39 7.18 -18.65
C GLY A 174 35.94 6.74 -17.25
N THR A 175 35.25 5.60 -17.14
CA THR A 175 34.71 5.05 -15.86
C THR A 175 33.37 5.71 -15.42
N GLN A 176 32.90 6.69 -16.17
CA GLN A 176 31.66 7.39 -15.84
C GLN A 176 30.74 7.43 -17.03
N PRO A 177 29.43 7.30 -16.77
CA PRO A 177 28.55 7.36 -17.93
C PRO A 177 28.52 8.79 -18.47
N ILE A 178 28.31 8.89 -19.78
CA ILE A 178 28.15 10.18 -20.40
C ILE A 178 26.70 10.42 -20.83
N LEU A 179 26.14 11.54 -20.38
CA LEU A 179 24.80 11.95 -20.81
C LEU A 179 24.96 12.91 -21.97
N TYR A 180 24.36 12.59 -23.12
CA TYR A 180 24.57 13.40 -24.32
C TYR A 180 23.28 13.54 -25.10
N PHE A 181 23.24 14.56 -25.95
CA PHE A 181 22.04 14.90 -26.69
C PHE A 181 22.34 15.04 -28.18
N TRP A 182 21.29 14.87 -29.00
CA TRP A 182 21.36 15.18 -30.42
C TRP A 182 19.97 15.55 -30.90
N GLY A 183 19.85 15.81 -32.20
CA GLY A 183 18.57 16.17 -32.76
C GLY A 183 18.44 15.78 -34.22
N VAL A 184 17.20 15.80 -34.71
CA VAL A 184 16.89 15.69 -36.12
C VAL A 184 16.01 16.87 -36.47
N HIS A 185 16.32 17.56 -37.56
CA HIS A 185 15.59 18.78 -37.92
C HIS A 185 14.56 18.46 -38.98
N HIS A 186 13.31 18.86 -38.71
CA HIS A 186 12.20 18.70 -39.65
C HIS A 186 11.78 20.03 -40.28
N PRO A 187 12.15 20.27 -41.54
CA PRO A 187 11.77 21.56 -42.15
C PRO A 187 10.28 21.65 -42.45
N LEU A 188 9.75 22.87 -42.42
CA LEU A 188 8.35 23.11 -42.76
C LEU A 188 8.06 22.71 -44.20
N ASP A 189 8.98 22.97 -45.13
CA ASP A 189 8.77 22.63 -46.54
C ASP A 189 9.98 22.01 -47.26
N THR A 190 9.70 21.45 -48.43
CA THR A 190 10.73 20.86 -49.30
C THR A 190 11.77 21.92 -49.71
N THR A 191 11.31 23.15 -49.90
CA THR A 191 12.21 24.21 -50.32
C THR A 191 13.30 24.48 -49.28
N VAL A 192 12.90 24.57 -48.00
CA VAL A 192 13.88 24.75 -46.91
C VAL A 192 14.76 23.52 -46.79
N GLN A 193 14.16 22.34 -46.96
CA GLN A 193 14.94 21.11 -46.91
C GLN A 193 16.01 21.12 -48.00
N ASP A 194 15.66 21.57 -49.21
CA ASP A 194 16.62 21.62 -50.31
C ASP A 194 17.73 22.61 -50.00
N ASN A 195 17.35 23.78 -49.51
CA ASN A 195 18.29 24.84 -49.27
C ASN A 195 19.35 24.50 -48.22
N LEU A 196 18.91 23.91 -47.11
CA LEU A 196 19.78 23.51 -45.98
C LEU A 196 20.61 22.25 -46.18
N TYR A 197 20.03 21.26 -46.84
CA TYR A 197 20.64 19.94 -46.89
C TYR A 197 20.60 19.43 -48.33
N GLY A 198 21.24 18.30 -48.57
CA GLY A 198 21.23 17.77 -49.91
C GLY A 198 19.84 17.38 -50.36
N SER A 199 19.67 17.24 -51.67
CA SER A 199 18.41 16.78 -52.22
C SER A 199 18.37 15.28 -51.86
N GLY A 200 17.22 14.63 -51.99
CA GLY A 200 17.14 13.18 -51.80
C GLY A 200 17.00 12.69 -50.37
N ASP A 201 16.92 11.37 -50.21
CA ASP A 201 16.54 10.75 -48.93
C ASP A 201 17.59 10.97 -47.82
N LYS A 202 17.18 11.56 -46.69
CA LYS A 202 18.12 11.83 -45.60
C LYS A 202 17.93 10.95 -44.36
N TYR A 203 19.01 10.76 -43.61
CA TYR A 203 18.93 9.93 -42.41
C TYR A 203 19.92 10.35 -41.33
N VAL A 204 19.59 9.96 -40.10
CA VAL A 204 20.47 10.10 -38.96
C VAL A 204 20.52 8.75 -38.28
N ARG A 205 21.69 8.13 -38.27
CA ARG A 205 21.82 6.80 -37.71
C ARG A 205 22.88 6.82 -36.63
N MET A 206 22.60 6.19 -35.50
CA MET A 206 23.56 6.17 -34.41
C MET A 206 23.52 4.85 -33.71
N GLY A 207 24.67 4.39 -33.27
CA GLY A 207 24.75 3.11 -32.62
C GLY A 207 25.83 3.02 -31.58
N THR A 208 25.61 2.12 -30.63
CA THR A 208 26.58 1.77 -29.60
C THR A 208 26.48 0.26 -29.53
N GLU A 209 27.29 -0.35 -28.68
CA GLU A 209 27.27 -1.78 -28.51
C GLU A 209 25.87 -2.24 -28.07
N SER A 210 25.22 -1.43 -27.23
CA SER A 210 23.88 -1.75 -26.73
C SER A 210 22.69 -1.02 -27.37
N MET A 211 22.94 -0.06 -28.26
CA MET A 211 21.88 0.83 -28.73
C MET A 211 21.85 1.10 -30.24
N ASN A 212 20.64 1.32 -30.78
CA ASN A 212 20.47 1.71 -32.17
C ASN A 212 19.48 2.84 -32.29
N PHE A 213 19.67 3.66 -33.31
CA PHE A 213 18.78 4.76 -33.58
C PHE A 213 18.87 5.09 -35.03
N ALA A 214 17.71 5.20 -35.68
CA ALA A 214 17.61 5.69 -37.06
C ALA A 214 16.41 6.61 -37.21
N LYS A 215 16.59 7.74 -37.85
CA LYS A 215 15.45 8.65 -38.06
C LYS A 215 15.69 9.42 -39.34
N SER A 216 14.60 9.68 -40.06
CA SER A 216 14.66 10.48 -41.26
C SER A 216 13.73 11.70 -41.10
N PRO A 217 13.98 12.77 -41.85
CA PRO A 217 13.15 13.96 -41.66
C PRO A 217 11.66 13.79 -42.05
N GLU A 218 10.78 14.44 -41.29
CA GLU A 218 9.34 14.39 -41.51
C GLU A 218 8.89 15.80 -41.84
N ILE A 219 8.87 16.11 -43.12
CA ILE A 219 8.70 17.48 -43.60
C ILE A 219 7.25 17.90 -43.65
N ALA A 220 6.88 18.89 -42.83
CA ALA A 220 5.53 19.44 -42.84
C ALA A 220 5.49 20.81 -42.17
N ALA A 221 4.52 21.64 -42.55
CA ALA A 221 4.33 22.92 -41.88
C ALA A 221 3.57 22.73 -40.56
N ARG A 222 4.07 23.33 -39.50
CA ARG A 222 3.47 23.17 -38.19
C ARG A 222 3.12 24.56 -37.73
N PRO A 223 2.17 24.69 -36.80
CA PRO A 223 1.79 26.02 -36.33
C PRO A 223 3.01 26.74 -35.76
N ALA A 224 3.12 28.04 -36.00
CA ALA A 224 4.31 28.76 -35.61
C ALA A 224 4.47 28.77 -34.09
N VAL A 225 5.70 28.57 -33.62
CA VAL A 225 6.06 28.72 -32.22
C VAL A 225 7.41 29.41 -32.28
N ASN A 226 7.56 30.49 -31.51
CA ASN A 226 8.77 31.32 -31.56
C ASN A 226 9.06 31.69 -33.00
N ASP A 227 7.99 31.95 -33.76
CA ASP A 227 8.11 32.30 -35.17
C ASP A 227 8.76 31.20 -35.99
N GLN A 228 8.47 29.95 -35.66
CA GLN A 228 9.03 28.82 -36.40
C GLN A 228 7.94 27.80 -36.68
N ARG A 229 7.86 27.36 -37.93
CA ARG A 229 6.88 26.38 -38.34
C ARG A 229 7.55 25.02 -38.64
N SER A 230 8.89 25.03 -38.64
CA SER A 230 9.72 23.83 -38.65
C SER A 230 9.85 23.31 -37.21
N ARG A 231 10.33 22.08 -37.04
CA ARG A 231 10.53 21.50 -35.70
C ARG A 231 11.85 20.76 -35.60
N ILE A 232 12.35 20.61 -34.39
CA ILE A 232 13.45 19.67 -34.13
C ILE A 232 13.00 18.57 -33.16
N ASP A 233 13.28 17.32 -33.50
CA ASP A 233 13.19 16.20 -32.58
C ASP A 233 14.48 16.09 -31.79
N TYR A 234 14.41 16.38 -30.50
CA TYR A 234 15.58 16.26 -29.63
C TYR A 234 15.60 14.87 -29.03
N TYR A 235 16.80 14.36 -28.78
CA TYR A 235 16.99 13.03 -28.19
C TYR A 235 18.12 13.08 -27.18
N TRP A 236 18.14 12.12 -26.26
CA TRP A 236 19.17 11.99 -25.24
C TRP A 236 19.50 10.50 -25.03
N SER A 237 20.69 10.23 -24.51
CA SER A 237 21.09 8.87 -24.22
C SER A 237 22.26 8.88 -23.27
N VAL A 238 22.61 7.70 -22.76
CA VAL A 238 23.69 7.56 -21.82
C VAL A 238 24.69 6.53 -22.31
N LEU A 239 25.89 7.00 -22.62
CA LEU A 239 26.97 6.17 -23.12
C LEU A 239 27.72 5.59 -21.92
N ARG A 240 27.50 4.31 -21.66
CA ARG A 240 28.08 3.59 -20.55
C ARG A 240 29.60 3.60 -20.63
N PRO A 241 30.27 3.44 -19.47
CA PRO A 241 31.74 3.28 -19.46
C PRO A 241 32.16 2.13 -20.37
N GLY A 242 33.12 2.35 -21.25
CA GLY A 242 33.63 1.29 -22.10
C GLY A 242 32.91 1.23 -23.42
N GLU A 243 31.76 1.91 -23.51
CA GLU A 243 30.96 1.90 -24.74
C GLU A 243 31.45 2.92 -25.78
N THR A 244 31.18 2.63 -27.05
CA THR A 244 31.57 3.48 -28.14
C THR A 244 30.34 3.98 -28.87
N LEU A 245 30.35 5.25 -29.29
CA LEU A 245 29.24 5.79 -30.07
C LEU A 245 29.61 6.03 -31.53
N ASN A 246 28.83 5.50 -32.46
CA ASN A 246 29.01 5.82 -33.88
C ASN A 246 27.88 6.69 -34.37
N VAL A 247 28.24 7.79 -35.03
CA VAL A 247 27.28 8.72 -35.59
C VAL A 247 27.44 8.76 -37.10
N GLU A 248 26.35 8.62 -37.84
CA GLU A 248 26.42 8.72 -39.29
C GLU A 248 25.21 9.47 -39.79
N SER A 249 25.44 10.44 -40.67
CA SER A 249 24.33 11.23 -41.20
C SER A 249 24.50 11.73 -42.63
N ASN A 250 23.42 11.56 -43.39
CA ASN A 250 23.20 12.10 -44.75
C ASN A 250 22.81 13.59 -44.79
N GLY A 251 22.25 14.08 -43.70
CA GLY A 251 21.71 15.42 -43.60
C GLY A 251 20.76 15.49 -42.41
N ASN A 252 20.25 16.69 -42.13
CA ASN A 252 19.26 16.94 -41.06
C ASN A 252 19.72 16.61 -39.64
N LEU A 253 21.02 16.49 -39.46
CA LEU A 253 21.57 16.20 -38.15
C LEU A 253 21.81 17.45 -37.33
N ILE A 254 21.26 17.47 -36.10
CA ILE A 254 21.72 18.41 -35.10
C ILE A 254 22.67 17.60 -34.23
N ALA A 255 23.97 17.87 -34.39
CA ALA A 255 25.01 17.01 -33.84
C ALA A 255 25.25 17.26 -32.36
N PRO A 256 25.63 16.20 -31.60
CA PRO A 256 26.13 16.42 -30.24
C PRO A 256 27.42 17.20 -30.33
N TRP A 257 27.60 18.21 -29.48
CA TRP A 257 28.84 19.00 -29.47
C TRP A 257 29.49 18.83 -28.12
N TYR A 258 28.89 19.40 -27.08
CA TYR A 258 29.35 19.18 -25.71
C TYR A 258 28.43 18.18 -25.01
N ALA A 259 28.98 17.42 -24.07
CA ALA A 259 28.19 16.46 -23.30
C ALA A 259 28.62 16.45 -21.84
N TYR A 260 28.02 15.55 -21.05
CA TYR A 260 28.29 15.54 -19.62
C TYR A 260 28.72 14.21 -19.07
N LYS A 261 29.87 14.19 -18.40
CA LYS A 261 30.22 13.05 -17.58
C LYS A 261 29.34 13.12 -16.34
N PHE A 262 28.72 11.99 -16.02
CA PHE A 262 27.61 11.95 -15.09
C PHE A 262 27.93 11.09 -13.88
N VAL A 263 27.75 11.63 -12.68
CA VAL A 263 27.92 10.79 -11.51
C VAL A 263 26.56 10.63 -10.80
N SER A 264 26.15 9.37 -10.65
CA SER A 264 24.94 9.03 -9.91
C SER A 264 25.21 9.14 -8.43
N THR A 265 24.14 9.24 -7.67
CA THR A 265 24.27 9.49 -6.26
C THR A 265 23.72 8.38 -5.40
N ASN A 266 24.19 8.35 -4.14
CA ASN A 266 23.66 7.48 -3.10
C ASN A 266 22.49 8.11 -2.29
N LYS A 267 22.20 9.38 -2.57
CA LYS A 267 21.06 10.10 -2.00
C LYS A 267 19.82 9.77 -2.84
N LYS A 268 18.69 10.44 -2.59
CA LYS A 268 17.42 10.06 -3.24
C LYS A 268 17.40 10.15 -4.79
N GLY A 269 17.81 11.25 -5.44
CA GLY A 269 17.72 12.63 -5.01
C GLY A 269 16.41 13.24 -5.49
N ALA A 270 16.30 14.57 -5.51
CA ALA A 270 15.03 15.22 -5.84
C ALA A 270 15.09 16.37 -6.86
N VAL A 271 13.96 16.60 -7.51
CA VAL A 271 13.72 17.78 -8.34
C VAL A 271 12.46 18.46 -7.79
N PHE A 272 12.63 19.60 -7.09
CA PHE A 272 11.50 20.34 -6.54
C PHE A 272 11.06 21.49 -7.45
N LYS A 273 9.83 21.45 -7.93
CA LYS A 273 9.28 22.57 -8.65
C LYS A 273 8.65 23.52 -7.64
N SER A 274 9.31 24.66 -7.41
CA SER A 274 8.91 25.58 -6.34
C SER A 274 9.48 26.98 -6.54
N ASP A 275 8.80 27.98 -5.99
CA ASP A 275 9.27 29.35 -6.03
C ASP A 275 9.96 29.81 -4.72
N LEU A 276 10.13 28.89 -3.76
CA LEU A 276 10.71 29.25 -2.46
C LEU A 276 12.18 29.64 -2.61
N PRO A 277 12.64 30.56 -1.75
CA PRO A 277 14.05 31.01 -1.83
C PRO A 277 15.09 29.96 -1.39
N ILE A 278 16.23 29.94 -2.05
CA ILE A 278 17.37 29.15 -1.55
C ILE A 278 18.26 30.08 -0.75
N GLU A 279 18.59 29.68 0.47
CA GLU A 279 19.44 30.48 1.34
C GLU A 279 20.66 29.71 1.82
N ASN A 280 21.61 30.43 2.41
CA ASN A 280 22.82 29.81 2.92
C ASN A 280 22.58 29.19 4.30
N CYS A 281 21.83 28.09 4.31
CA CYS A 281 21.45 27.42 5.54
C CYS A 281 21.64 25.90 5.41
N ASP A 282 21.61 25.21 6.55
CA ASP A 282 21.73 23.77 6.60
C ASP A 282 20.46 23.12 7.10
N ALA A 283 20.15 21.97 6.49
CA ALA A 283 19.00 21.19 6.85
C ALA A 283 19.31 19.69 6.89
N THR A 284 18.54 18.99 7.73
CA THR A 284 18.57 17.53 7.86
C THR A 284 17.40 16.95 7.07
N CYS A 285 16.33 17.73 7.02
CA CYS A 285 15.08 17.35 6.39
C CYS A 285 14.58 18.51 5.55
N GLN A 286 14.61 18.33 4.24
CA GLN A 286 14.09 19.32 3.29
C GLN A 286 12.86 18.81 2.55
N THR A 287 11.70 19.38 2.83
CA THR A 287 10.51 19.04 2.05
C THR A 287 10.33 20.04 0.91
N ILE A 288 9.40 19.74 -0.01
CA ILE A 288 9.21 20.63 -1.15
C ILE A 288 8.59 21.96 -0.73
N THR A 289 7.89 21.99 0.42
CA THR A 289 7.37 23.27 0.92
C THR A 289 8.19 23.82 2.10
N GLY A 290 9.29 23.17 2.44
CA GLY A 290 10.15 23.72 3.48
C GLY A 290 10.97 22.77 4.32
N VAL A 291 11.82 23.40 5.14
CA VAL A 291 12.69 22.66 6.05
C VAL A 291 11.93 22.24 7.29
N LEU A 292 12.07 20.98 7.68
CA LEU A 292 11.62 20.60 9.01
C LEU A 292 12.84 20.51 9.90
N ARG A 293 12.73 21.12 11.06
CA ARG A 293 13.82 21.13 12.00
C ARG A 293 13.19 20.68 13.31
N THR A 294 13.15 19.35 13.50
CA THR A 294 12.27 18.78 14.51
C THR A 294 12.72 17.42 15.01
N ASN A 295 12.26 17.03 16.19
CA ASN A 295 12.47 15.68 16.65
C ASN A 295 11.20 14.83 16.68
N LYS A 296 10.10 15.38 16.18
CA LYS A 296 8.83 14.65 16.19
C LYS A 296 8.86 13.44 15.25
N THR A 297 8.03 12.46 15.58
CA THR A 297 7.83 11.25 14.79
C THR A 297 7.10 11.42 13.49
N PHE A 298 6.11 12.30 13.50
CA PHE A 298 5.21 12.51 12.39
C PHE A 298 5.28 13.96 11.95
N GLN A 299 4.93 14.20 10.70
CA GLN A 299 4.82 15.55 10.17
C GLN A 299 3.61 15.71 9.22
N ASN A 300 3.02 16.89 9.17
CA ASN A 300 1.94 17.09 8.22
C ASN A 300 2.26 18.11 7.13
N VAL A 301 3.53 18.47 7.01
CA VAL A 301 3.95 19.39 5.97
C VAL A 301 3.93 18.93 4.49
N SER A 302 4.51 17.77 4.18
CA SER A 302 4.57 17.26 2.81
C SER A 302 5.11 15.83 2.73
N PRO A 303 4.57 15.02 1.79
CA PRO A 303 5.07 13.67 1.50
C PRO A 303 6.34 13.67 0.65
N LEU A 304 6.63 14.80 0.03
CA LEU A 304 7.80 14.94 -0.85
C LEU A 304 8.97 15.58 -0.15
N TRP A 305 10.07 14.85 0.01
CA TRP A 305 11.25 15.41 0.67
C TRP A 305 12.53 14.69 0.28
N ILE A 306 13.64 15.26 0.73
CA ILE A 306 14.95 14.62 0.63
C ILE A 306 15.60 14.72 2.03
N GLY A 307 16.40 13.73 2.40
CA GLY A 307 17.00 13.69 3.73
C GLY A 307 16.20 12.83 4.70
N GLU A 308 16.41 13.05 6.00
CA GLU A 308 15.75 12.25 7.03
C GLU A 308 14.59 13.01 7.62
N CYS A 309 13.38 12.62 7.23
CA CYS A 309 12.20 13.36 7.66
C CYS A 309 11.29 12.46 8.48
N PRO A 310 10.44 13.07 9.30
CA PRO A 310 9.39 12.28 9.96
C PRO A 310 8.33 11.77 8.95
N LYS A 311 7.60 10.75 9.35
CA LYS A 311 6.57 10.16 8.52
C LYS A 311 5.44 11.15 8.28
N TYR A 312 5.02 11.25 7.02
CA TYR A 312 3.92 12.14 6.64
C TYR A 312 2.55 11.52 6.91
N VAL A 313 1.66 12.29 7.54
CA VAL A 313 0.28 11.85 7.76
C VAL A 313 -0.65 13.03 7.54
N LYS A 314 -1.95 12.77 7.40
CA LYS A 314 -2.89 13.84 7.20
C LYS A 314 -3.35 14.45 8.52
N SER A 315 -2.92 13.87 9.62
CA SER A 315 -3.38 14.28 10.94
C SER A 315 -3.11 15.76 11.22
N GLU A 316 -3.96 16.39 12.03
CA GLU A 316 -3.72 17.74 12.54
C GLU A 316 -2.86 17.70 13.80
N SER A 317 -3.03 16.66 14.61
CA SER A 317 -2.31 16.50 15.88
C SER A 317 -2.31 15.04 16.31
N LEU A 318 -1.22 14.60 16.93
CA LEU A 318 -1.10 13.23 17.43
C LEU A 318 -0.53 13.28 18.85
N ARG A 319 -1.36 13.71 19.78
CA ARG A 319 -0.92 13.89 21.14
C ARG A 319 -1.22 12.64 21.98
N LEU A 320 -0.14 12.04 22.49
CA LEU A 320 -0.21 10.88 23.36
C LEU A 320 -0.26 11.35 24.80
N ALA A 321 -1.26 10.89 25.53
CA ALA A 321 -1.25 11.04 26.99
C ALA A 321 -0.06 10.29 27.59
N THR A 322 0.58 10.88 28.59
CA THR A 322 1.61 10.18 29.33
C THR A 322 1.27 10.25 30.83
N GLY A 323 0.70 11.38 31.25
CA GLY A 323 0.19 11.52 32.60
C GLY A 323 -1.25 11.04 32.68
N LEU A 324 -1.98 11.50 33.69
CA LEU A 324 -3.32 11.01 33.96
C LEU A 324 -4.36 12.12 33.82
N ARG A 325 -5.62 11.77 34.04
CA ARG A 325 -6.67 12.74 33.94
C ARG A 325 -6.39 13.84 34.95
N ASN A 326 -6.48 15.08 34.53
CA ASN A 326 -6.15 16.20 35.38
C ASN A 326 -7.41 16.69 36.07
N VAL A 327 -7.52 16.48 37.39
CA VAL A 327 -8.75 16.87 38.09
C VAL A 327 -8.41 17.80 39.25
N PRO A 328 -7.98 19.03 38.93
CA PRO A 328 -7.54 19.93 39.99
C PRO A 328 -8.71 20.45 40.82
N GLN A 329 -8.43 20.82 42.07
CA GLN A 329 -9.49 21.39 42.91
C GLN A 329 -10.01 22.73 42.38
N ILE A 330 -11.34 22.89 42.46
CA ILE A 330 -12.01 24.12 42.11
C ILE A 330 -11.76 25.17 43.19
N ALA A 331 -11.22 26.30 42.77
CA ALA A 331 -10.97 27.39 43.69
C ALA A 331 -11.84 28.55 43.29
N THR A 332 -12.35 29.27 44.27
CA THR A 332 -13.20 30.42 43.99
C THR A 332 -12.61 31.67 44.64
N GLY B 1 -13.52 5.68 35.83
CA GLY B 1 -12.56 5.39 34.76
C GLY B 1 -12.63 3.88 34.87
N ILE B 2 -11.84 3.04 34.20
CA ILE B 2 -12.17 1.58 34.30
C ILE B 2 -11.89 0.92 35.69
N PHE B 3 -10.88 1.39 36.43
CA PHE B 3 -10.65 0.84 37.76
C PHE B 3 -11.42 1.64 38.83
N GLY B 4 -12.04 2.75 38.41
CA GLY B 4 -13.04 3.47 39.25
C GLY B 4 -12.50 4.33 40.39
N ALA B 5 -11.17 4.49 40.43
CA ALA B 5 -10.51 5.32 41.41
C ALA B 5 -10.45 6.78 40.96
N ILE B 6 -9.80 7.01 39.82
CA ILE B 6 -9.56 8.36 39.35
C ILE B 6 -10.86 8.95 38.83
N ALA B 7 -11.16 10.16 39.25
CA ALA B 7 -12.44 10.79 38.93
C ALA B 7 -13.57 9.82 39.34
N GLY B 8 -13.36 9.09 40.43
CA GLY B 8 -14.23 7.98 40.80
C GLY B 8 -14.48 8.03 42.30
N PHE B 9 -14.11 6.98 43.03
CA PHE B 9 -14.33 6.99 44.46
C PHE B 9 -13.33 7.94 45.15
N ILE B 10 -12.30 8.33 44.42
CA ILE B 10 -11.45 9.45 44.78
C ILE B 10 -11.72 10.57 43.78
N GLU B 11 -12.48 11.58 44.22
CA GLU B 11 -13.12 12.51 43.31
C GLU B 11 -12.20 13.43 42.54
N GLY B 12 -11.18 13.95 43.22
CA GLY B 12 -10.29 14.90 42.57
C GLY B 12 -8.82 14.59 42.76
N GLY B 13 -7.97 15.33 42.04
CA GLY B 13 -6.52 15.20 42.20
C GLY B 13 -5.95 16.20 43.20
N TRP B 14 -4.63 16.16 43.42
CA TRP B 14 -3.96 17.06 44.36
C TRP B 14 -2.91 17.92 43.68
N THR B 15 -3.18 19.22 43.54
CA THR B 15 -2.17 20.12 42.99
C THR B 15 -0.99 20.23 43.94
N GLY B 16 -1.23 19.91 45.21
CA GLY B 16 -0.19 20.03 46.23
C GLY B 16 0.81 18.89 46.21
N MET B 17 0.43 17.75 45.63
CA MET B 17 1.38 16.64 45.53
C MET B 17 2.21 16.76 44.25
N ILE B 18 3.40 17.34 44.37
CA ILE B 18 4.19 17.80 43.23
C ILE B 18 5.35 16.87 42.86
N ASP B 19 5.65 15.90 43.72
CA ASP B 19 6.82 15.04 43.49
C ASP B 19 6.47 13.68 42.88
N GLY B 20 5.20 13.43 42.60
CA GLY B 20 4.82 12.15 42.01
C GLY B 20 3.44 12.14 41.38
N TRP B 21 3.17 11.14 40.54
CA TRP B 21 1.81 10.87 40.03
C TRP B 21 0.79 10.34 41.04
N TYR B 22 1.23 9.41 41.90
CA TYR B 22 0.37 8.75 42.89
C TYR B 22 0.96 8.90 44.27
N GLY B 23 0.09 9.11 45.25
CA GLY B 23 0.53 9.52 46.56
C GLY B 23 -0.38 9.41 47.74
N TYR B 24 0.16 9.89 48.86
CA TYR B 24 -0.52 9.98 50.13
C TYR B 24 -0.71 11.40 50.61
N HIS B 25 -1.86 11.66 51.20
CA HIS B 25 -2.04 12.86 51.97
C HIS B 25 -2.31 12.46 53.41
N HIS B 26 -1.63 13.09 54.35
CA HIS B 26 -1.79 12.68 55.76
C HIS B 26 -2.06 13.89 56.63
N GLU B 27 -2.76 13.66 57.74
CA GLU B 27 -2.89 14.66 58.77
C GLU B 27 -2.73 14.02 60.14
N ASN B 28 -1.94 14.65 60.99
CA ASN B 28 -1.77 14.19 62.36
C ASN B 28 -1.38 15.35 63.27
N SER B 29 -1.22 15.07 64.55
CA SER B 29 -0.95 16.13 65.52
C SER B 29 0.33 16.85 65.15
N GLN B 30 1.33 16.12 64.67
CA GLN B 30 2.56 16.73 64.20
C GLN B 30 2.38 17.66 62.99
N GLY B 31 1.56 17.28 62.02
CA GLY B 31 1.35 18.12 60.85
C GLY B 31 0.52 17.46 59.77
N SER B 32 0.53 18.07 58.61
CA SER B 32 -0.18 17.59 57.43
C SER B 32 0.69 17.82 56.20
N GLY B 33 0.49 17.00 55.16
CA GLY B 33 1.25 17.17 53.94
C GLY B 33 0.92 16.16 52.85
N TYR B 34 1.65 16.28 51.75
CA TYR B 34 1.55 15.40 50.61
C TYR B 34 2.86 14.69 50.40
N ALA B 35 2.81 13.43 49.99
CA ALA B 35 4.02 12.73 49.61
C ALA B 35 3.71 11.68 48.54
N ALA B 36 4.45 11.72 47.43
CA ALA B 36 4.27 10.75 46.36
C ALA B 36 4.69 9.38 46.82
N ASP B 37 4.01 8.36 46.30
CA ASP B 37 4.52 7.01 46.44
C ASP B 37 5.56 6.79 45.34
N ARG B 38 6.83 6.77 45.72
CA ARG B 38 7.95 6.83 44.79
C ARG B 38 8.01 5.60 43.92
N GLU B 39 7.86 4.45 44.56
CA GLU B 39 7.95 3.19 43.88
C GLU B 39 6.89 2.99 42.79
N SER B 40 5.62 3.31 43.08
CA SER B 40 4.59 3.11 42.06
C SER B 40 4.71 4.17 40.95
N THR B 41 5.04 5.41 41.33
CA THR B 41 5.23 6.45 40.31
C THR B 41 6.40 6.14 39.37
N GLN B 42 7.50 5.62 39.91
CA GLN B 42 8.68 5.40 39.09
C GLN B 42 8.47 4.26 38.12
N LYS B 43 7.79 3.22 38.57
CA LYS B 43 7.42 2.13 37.65
C LYS B 43 6.50 2.59 36.54
N ALA B 44 5.54 3.47 36.87
CA ALA B 44 4.63 4.02 35.84
C ALA B 44 5.39 4.88 34.83
N ILE B 45 6.33 5.68 35.35
CA ILE B 45 7.18 6.47 34.48
C ILE B 45 8.00 5.58 33.51
N ASP B 46 8.63 4.53 34.02
CA ASP B 46 9.40 3.61 33.18
C ASP B 46 8.49 2.99 32.10
N GLY B 47 7.34 2.49 32.51
CA GLY B 47 6.41 1.84 31.60
C GLY B 47 5.92 2.76 30.52
N ILE B 48 5.43 3.93 30.91
CA ILE B 48 4.90 4.89 29.94
C ILE B 48 6.03 5.39 29.01
N THR B 49 7.23 5.54 29.54
CA THR B 49 8.36 5.94 28.71
C THR B 49 8.67 4.85 27.67
N ASN B 50 8.74 3.59 28.12
CA ASN B 50 8.90 2.48 27.20
C ASN B 50 7.81 2.46 26.11
N LYS B 51 6.55 2.70 26.50
CA LYS B 51 5.48 2.75 25.54
C LYS B 51 5.75 3.82 24.49
N VAL B 52 6.10 5.01 24.96
CA VAL B 52 6.32 6.11 24.03
C VAL B 52 7.48 5.77 23.08
N ASN B 53 8.57 5.22 23.62
CA ASN B 53 9.71 4.90 22.78
C ASN B 53 9.42 3.75 21.82
N SER B 54 8.57 2.82 22.23
CA SER B 54 8.19 1.72 21.35
C SER B 54 7.39 2.23 20.16
N ILE B 55 6.39 3.06 20.42
CA ILE B 55 5.57 3.64 19.39
C ILE B 55 6.45 4.42 18.42
N ILE B 56 7.35 5.22 18.97
CA ILE B 56 8.26 5.98 18.13
C ILE B 56 9.12 5.06 17.30
N ASN B 57 9.68 4.03 17.92
CA ASN B 57 10.52 3.12 17.14
C ASN B 57 9.74 2.38 16.05
N LYS B 58 8.54 1.90 16.34
CA LYS B 58 7.80 1.16 15.32
C LYS B 58 7.34 2.09 14.20
N MET B 59 7.18 3.35 14.54
CA MET B 59 6.78 4.34 13.56
C MET B 59 7.97 4.98 12.81
N ASN B 60 9.15 4.39 12.93
CA ASN B 60 10.34 5.05 12.40
C ASN B 60 10.73 4.69 10.95
N THR B 61 9.76 4.29 10.13
CA THR B 61 9.98 4.17 8.68
C THR B 61 9.13 5.23 8.00
N GLN B 62 9.42 5.51 6.74
CA GLN B 62 8.66 6.50 6.02
C GLN B 62 8.37 6.08 4.59
N PHE B 63 7.13 6.16 4.17
CA PHE B 63 6.83 5.83 2.80
C PHE B 63 7.38 7.01 2.05
N GLU B 64 7.87 6.79 0.84
CA GLU B 64 8.39 7.91 0.08
C GLU B 64 7.68 8.20 -1.22
N ALA B 65 7.16 9.42 -1.30
CA ALA B 65 6.53 9.90 -2.52
C ALA B 65 7.59 10.49 -3.42
N VAL B 66 7.31 10.57 -4.71
CA VAL B 66 8.35 10.99 -5.64
C VAL B 66 7.89 12.06 -6.62
N ASP B 67 8.83 12.87 -7.07
CA ASP B 67 8.56 14.01 -7.93
C ASP B 67 8.27 13.69 -9.42
N HIS B 68 8.09 12.43 -9.80
CA HIS B 68 8.18 12.09 -11.23
C HIS B 68 7.11 12.69 -12.11
N GLU B 69 7.52 13.11 -13.31
CA GLU B 69 6.59 13.62 -14.30
C GLU B 69 6.03 12.51 -15.16
N PHE B 70 4.79 12.71 -15.60
CA PHE B 70 4.13 11.81 -16.54
C PHE B 70 3.59 12.58 -17.75
N SER B 71 3.64 11.95 -18.92
CA SER B 71 3.26 12.60 -20.16
C SER B 71 1.78 12.39 -20.43
N ASN B 72 1.27 13.02 -21.48
CA ASN B 72 -0.15 12.89 -21.78
C ASN B 72 -0.53 11.51 -22.38
N LEU B 73 0.43 10.59 -22.49
CA LEU B 73 0.08 9.19 -22.77
C LEU B 73 0.33 8.28 -21.58
N GLU B 74 0.40 8.88 -20.39
CA GLU B 74 0.72 8.12 -19.19
C GLU B 74 -0.29 8.40 -18.09
N ARG B 75 -1.55 8.61 -18.49
CA ARG B 75 -2.63 8.85 -17.52
C ARG B 75 -2.76 7.67 -16.58
N ARG B 76 -2.71 6.45 -17.13
CA ARG B 76 -2.91 5.26 -16.29
C ARG B 76 -1.80 5.10 -15.24
N ILE B 77 -0.53 5.16 -15.66
CA ILE B 77 0.53 4.96 -14.70
C ILE B 77 0.65 6.15 -13.73
N GLY B 78 0.35 7.38 -14.19
CA GLY B 78 0.33 8.55 -13.31
C GLY B 78 -0.74 8.41 -12.23
N ASN B 79 -1.94 7.98 -12.61
CA ASN B 79 -2.97 7.68 -11.64
C ASN B 79 -2.59 6.50 -10.74
N LEU B 80 -1.89 5.51 -11.30
CA LEU B 80 -1.44 4.40 -10.50
C LEU B 80 -0.49 4.92 -9.41
N ASN B 81 0.47 5.77 -9.78
CA ASN B 81 1.39 6.31 -8.78
C ASN B 81 0.63 7.07 -7.69
N LYS B 82 -0.30 7.91 -8.13
CA LYS B 82 -1.13 8.70 -7.24
C LYS B 82 -1.96 7.85 -6.30
N ARG B 83 -2.63 6.83 -6.81
CA ARG B 83 -3.46 5.99 -5.97
C ARG B 83 -2.62 5.17 -4.99
N MET B 84 -1.40 4.84 -5.40
CA MET B 84 -0.48 4.09 -4.57
C MET B 84 0.03 4.92 -3.38
N GLU B 85 0.52 6.13 -3.66
CA GLU B 85 1.03 7.03 -2.64
C GLU B 85 -0.06 7.44 -1.65
N ASP B 86 -1.25 7.79 -2.17
CA ASP B 86 -2.39 8.15 -1.35
C ASP B 86 -2.82 6.95 -0.50
N GLY B 87 -2.73 5.76 -1.10
CA GLY B 87 -3.05 4.52 -0.40
C GLY B 87 -2.22 4.33 0.85
N PHE B 88 -0.90 4.49 0.72
CA PHE B 88 -0.03 4.35 1.89
C PHE B 88 -0.22 5.51 2.88
N LEU B 89 -0.48 6.71 2.36
CA LEU B 89 -0.82 7.87 3.21
C LEU B 89 -2.05 7.57 4.08
N ASP B 90 -3.09 7.02 3.45
CA ASP B 90 -4.29 6.71 4.21
C ASP B 90 -4.10 5.60 5.24
N VAL B 91 -3.34 4.56 4.88
CA VAL B 91 -3.02 3.48 5.82
C VAL B 91 -2.24 3.99 7.02
N TRP B 92 -1.24 4.84 6.79
CA TRP B 92 -0.42 5.32 7.89
C TRP B 92 -1.12 6.36 8.75
N THR B 93 -1.94 7.20 8.12
CA THR B 93 -2.76 8.13 8.88
C THR B 93 -3.71 7.35 9.82
N TYR B 94 -4.30 6.29 9.30
CA TYR B 94 -5.18 5.44 10.08
C TYR B 94 -4.44 4.78 11.21
N ASN B 95 -3.30 4.18 10.89
CA ASN B 95 -2.53 3.50 11.92
C ASN B 95 -2.20 4.44 13.09
N ALA B 96 -1.65 5.61 12.79
CA ALA B 96 -1.23 6.56 13.82
C ALA B 96 -2.40 7.09 14.60
N GLU B 97 -3.45 7.52 13.93
CA GLU B 97 -4.60 8.08 14.63
C GLU B 97 -5.32 7.06 15.52
N LEU B 98 -5.51 5.84 15.03
CA LEU B 98 -6.18 4.79 15.83
C LEU B 98 -5.33 4.36 17.02
N LEU B 99 -4.03 4.22 16.78
CA LEU B 99 -3.10 3.83 17.83
C LEU B 99 -3.14 4.86 18.96
N VAL B 100 -3.07 6.14 18.61
CA VAL B 100 -3.11 7.17 19.67
C VAL B 100 -4.43 7.15 20.47
N LEU B 101 -5.58 7.01 19.82
CA LEU B 101 -6.85 6.92 20.55
C LEU B 101 -6.89 5.72 21.50
N LEU B 102 -6.42 4.61 20.97
CA LEU B 102 -6.36 3.35 21.72
C LEU B 102 -5.39 3.43 22.91
N GLU B 103 -4.16 3.87 22.66
CA GLU B 103 -3.16 3.90 23.72
C GLU B 103 -3.49 4.96 24.76
N ASN B 104 -4.14 6.05 24.36
CA ASN B 104 -4.57 7.05 25.30
C ASN B 104 -5.64 6.48 26.25
N GLU B 105 -6.56 5.69 25.72
CA GLU B 105 -7.53 5.00 26.58
C GLU B 105 -6.78 4.13 27.59
N ARG B 106 -5.86 3.29 27.10
CA ARG B 106 -5.19 2.35 28.00
C ARG B 106 -4.21 3.02 28.98
N THR B 107 -3.59 4.15 28.61
CA THR B 107 -2.69 4.81 29.55
C THR B 107 -3.48 5.42 30.72
N LEU B 108 -4.65 6.01 30.43
CA LEU B 108 -5.48 6.53 31.51
C LEU B 108 -5.94 5.39 32.43
N ASP B 109 -6.27 4.23 31.85
CA ASP B 109 -6.62 3.06 32.69
C ASP B 109 -5.48 2.57 33.56
N LEU B 110 -4.28 2.57 32.99
CA LEU B 110 -3.10 2.14 33.77
C LEU B 110 -2.91 3.02 35.03
N HIS B 111 -3.01 4.33 34.87
CA HIS B 111 -2.93 5.24 36.01
C HIS B 111 -4.05 4.96 37.01
N ASP B 112 -5.24 4.69 36.49
CA ASP B 112 -6.40 4.45 37.33
C ASP B 112 -6.15 3.23 38.21
N ALA B 113 -5.54 2.21 37.60
CA ALA B 113 -5.18 0.97 38.24
C ALA B 113 -4.12 1.18 39.32
N ASN B 114 -3.10 1.98 39.04
CA ASN B 114 -2.04 2.18 40.03
C ASN B 114 -2.58 2.90 41.25
N VAL B 115 -3.51 3.82 41.05
CA VAL B 115 -4.16 4.49 42.19
C VAL B 115 -5.00 3.48 43.00
N LYS B 116 -5.82 2.70 42.31
CA LYS B 116 -6.65 1.73 43.03
C LYS B 116 -5.84 0.70 43.81
N ASN B 117 -4.73 0.22 43.24
CA ASN B 117 -3.89 -0.76 43.90
C ASN B 117 -3.17 -0.15 45.10
N LEU B 118 -2.81 1.12 45.01
CA LEU B 118 -2.20 1.82 46.13
C LEU B 118 -3.23 1.97 47.26
N TYR B 119 -4.47 2.31 46.89
CA TYR B 119 -5.54 2.37 47.85
C TYR B 119 -5.79 1.03 48.54
N GLU B 120 -5.87 -0.02 47.75
CA GLU B 120 -6.15 -1.35 48.29
C GLU B 120 -5.04 -1.85 49.17
N LYS B 121 -3.81 -1.52 48.78
CA LYS B 121 -2.64 -1.87 49.55
C LYS B 121 -2.73 -1.29 50.99
N VAL B 122 -3.14 -0.03 51.10
CA VAL B 122 -3.21 0.61 52.41
C VAL B 122 -4.37 0.02 53.18
N LYS B 123 -5.51 -0.08 52.51
CA LYS B 123 -6.72 -0.65 53.08
C LYS B 123 -6.48 -2.00 53.77
N SER B 124 -5.71 -2.88 53.13
CA SER B 124 -5.47 -4.21 53.67
C SER B 124 -4.44 -4.23 54.81
N GLN B 125 -3.61 -3.19 54.91
CA GLN B 125 -2.73 -3.07 56.07
C GLN B 125 -3.50 -2.61 57.30
N LEU B 126 -4.34 -1.58 57.13
CA LEU B 126 -5.03 -0.91 58.23
C LEU B 126 -6.15 -1.75 58.82
N ARG B 127 -6.80 -2.56 57.99
CA ARG B 127 -7.91 -3.41 58.46
C ARG B 127 -8.88 -2.55 59.24
N ASP B 128 -9.27 -3.03 60.43
CA ASP B 128 -10.24 -2.30 61.23
C ASP B 128 -9.57 -1.40 62.28
N ASN B 129 -8.26 -1.19 62.15
CA ASN B 129 -7.58 -0.18 62.96
C ASN B 129 -7.87 1.22 62.45
N ALA B 130 -8.49 1.31 61.27
CA ALA B 130 -8.90 2.60 60.74
C ALA B 130 -10.29 2.54 60.13
N ASN B 131 -10.88 3.72 60.00
CA ASN B 131 -12.23 3.84 59.53
C ASN B 131 -12.24 4.43 58.13
N ASP B 132 -13.02 3.86 57.21
CA ASP B 132 -13.09 4.50 55.91
C ASP B 132 -13.98 5.74 55.97
N LEU B 133 -13.39 6.87 55.60
CA LEU B 133 -14.11 8.15 55.58
C LEU B 133 -14.70 8.45 54.23
N GLY B 134 -14.35 7.65 53.23
CA GLY B 134 -14.75 7.94 51.87
C GLY B 134 -13.72 8.80 51.16
N ASN B 135 -13.80 8.85 49.84
CA ASN B 135 -12.87 9.60 49.02
C ASN B 135 -11.42 9.14 49.19
N GLY B 136 -11.24 7.85 49.42
CA GLY B 136 -9.92 7.26 49.55
C GLY B 136 -9.15 7.62 50.83
N CYS B 137 -9.87 8.21 51.80
CA CYS B 137 -9.30 8.61 53.10
C CYS B 137 -9.65 7.63 54.24
N PHE B 138 -8.66 7.30 55.07
CA PHE B 138 -8.89 6.57 56.32
C PHE B 138 -8.63 7.43 57.55
N GLU B 139 -9.56 7.42 58.50
CA GLU B 139 -9.28 7.93 59.84
C GLU B 139 -8.91 6.82 60.83
N PHE B 140 -7.71 6.93 61.42
CA PHE B 140 -7.19 5.92 62.32
C PHE B 140 -8.01 5.89 63.62
N TRP B 141 -8.14 4.71 64.20
CA TRP B 141 -8.80 4.57 65.49
C TRP B 141 -7.78 4.72 66.63
N HIS B 142 -6.55 5.09 66.29
CA HIS B 142 -5.47 5.24 67.26
C HIS B 142 -4.64 6.45 66.84
N LYS B 143 -3.75 6.92 67.73
CA LYS B 143 -2.79 7.96 67.37
C LYS B 143 -1.82 7.40 66.33
N CYS B 144 -1.64 8.13 65.24
CA CYS B 144 -0.72 7.66 64.23
C CYS B 144 0.28 8.77 63.94
N ASP B 145 1.44 8.72 64.59
CA ASP B 145 2.43 9.75 64.40
C ASP B 145 3.18 9.58 63.07
N ASN B 146 4.21 10.41 62.86
CA ASN B 146 4.93 10.43 61.59
C ASN B 146 5.57 9.09 61.24
N GLU B 147 6.06 8.37 62.25
CA GLU B 147 6.68 7.07 61.99
C GLU B 147 5.62 6.03 61.65
N CYS B 148 4.46 6.12 62.29
CA CYS B 148 3.31 5.32 61.92
C CYS B 148 2.86 5.58 60.46
N MET B 149 2.79 6.85 60.09
CA MET B 149 2.37 7.22 58.72
C MET B 149 3.33 6.63 57.72
N GLU B 150 4.62 6.78 58.03
CA GLU B 150 5.69 6.28 57.17
C GLU B 150 5.60 4.78 56.97
N SER B 151 5.28 4.09 58.04
CA SER B 151 5.18 2.63 57.99
C SER B 151 4.01 2.23 57.11
N VAL B 152 2.95 3.04 57.05
CA VAL B 152 1.84 2.72 56.14
C VAL B 152 2.36 2.86 54.71
N LYS B 153 3.04 3.98 54.46
CA LYS B 153 3.59 4.28 53.16
C LYS B 153 4.67 3.27 52.73
N ASN B 154 5.46 2.80 53.69
CA ASN B 154 6.51 1.80 53.46
C ASN B 154 6.00 0.39 53.30
N GLY B 155 4.76 0.13 53.70
CA GLY B 155 4.22 -1.22 53.64
C GLY B 155 4.57 -2.02 54.89
N THR B 156 5.06 -1.34 55.93
CA THR B 156 5.48 -2.05 57.15
C THR B 156 4.60 -1.72 58.36
N TYR B 157 3.34 -1.36 58.13
CA TYR B 157 2.45 -1.01 59.23
C TYR B 157 2.17 -2.17 60.18
N ASP B 158 2.16 -1.88 61.49
CA ASP B 158 2.06 -2.90 62.53
C ASP B 158 0.65 -2.94 63.14
N TYR B 159 -0.23 -3.70 62.52
CA TYR B 159 -1.60 -3.80 63.02
C TYR B 159 -1.72 -4.33 64.47
N PRO B 160 -0.96 -5.40 64.82
CA PRO B 160 -0.96 -5.85 66.22
C PRO B 160 -0.58 -4.75 67.23
N LYS B 161 0.47 -3.98 66.93
CA LYS B 161 0.94 -2.91 67.81
C LYS B 161 -0.18 -1.96 68.24
N TYR B 162 -1.15 -1.70 67.36
CA TYR B 162 -2.20 -0.71 67.62
C TYR B 162 -3.60 -1.29 67.80
N GLN B 163 -3.73 -2.60 67.78
CA GLN B 163 -5.06 -3.20 67.79
C GLN B 163 -5.83 -3.01 69.11
N LYS B 164 -5.13 -3.01 70.25
CA LYS B 164 -5.82 -2.80 71.54
C LYS B 164 -6.37 -1.37 71.61
N GLU B 165 -5.51 -0.39 71.40
CA GLU B 165 -5.91 1.02 71.38
C GLU B 165 -7.09 1.29 70.43
N SER B 166 -6.96 0.85 69.18
CA SER B 166 -8.02 1.13 68.20
C SER B 166 -9.32 0.41 68.58
N LYS B 167 -9.21 -0.80 69.15
CA LYS B 167 -10.40 -1.52 69.58
C LYS B 167 -11.11 -0.77 70.72
N LEU B 168 -10.35 -0.20 71.64
CA LEU B 168 -10.95 0.53 72.76
C LEU B 168 -11.69 1.78 72.29
N ASN B 169 -11.12 2.50 71.34
CA ASN B 169 -11.75 3.70 70.81
C ASN B 169 -12.96 3.39 69.96
N ARG B 170 -12.87 2.32 69.17
CA ARG B 170 -14.03 1.88 68.39
C ARG B 170 -15.22 1.64 69.29
N GLN B 171 -14.96 1.09 70.49
CA GLN B 171 -16.03 0.87 71.46
C GLN B 171 -16.57 2.20 71.97
N GLY B 172 -15.67 3.06 72.43
CA GLY B 172 -16.05 4.35 72.99
C GLY B 172 -17.00 5.18 72.13
N ILE B 173 -16.99 4.93 70.82
CA ILE B 173 -17.89 5.61 69.90
C ILE B 173 -19.15 4.79 69.64
N GLY C 4 -1.39 -21.43 62.59
CA GLY C 4 -2.62 -22.10 62.18
C GLY C 4 -2.54 -22.55 60.73
N ASP C 5 -3.52 -23.34 60.29
CA ASP C 5 -3.65 -23.80 58.91
C ASP C 5 -3.62 -22.60 57.91
N LYS C 6 -2.96 -22.77 56.75
CA LYS C 6 -2.83 -21.73 55.67
C LYS C 6 -3.58 -22.18 54.41
N ILE C 7 -4.23 -21.23 53.73
CA ILE C 7 -4.48 -21.37 52.29
C ILE C 7 -3.97 -20.09 51.64
N CYS C 8 -3.24 -20.27 50.53
CA CYS C 8 -2.61 -19.21 49.80
C CYS C 8 -3.04 -19.33 48.34
N ILE C 9 -3.10 -18.19 47.65
CA ILE C 9 -3.43 -18.21 46.22
C ILE C 9 -2.18 -17.83 45.43
N GLY C 10 -1.96 -18.46 44.29
CA GLY C 10 -0.76 -18.13 43.57
C GLY C 10 -0.74 -18.58 42.14
N TYR C 11 0.47 -18.56 41.58
CA TYR C 11 0.66 -18.83 40.17
C TYR C 11 1.93 -19.61 39.92
N HIS C 12 1.94 -20.21 38.73
CA HIS C 12 2.96 -21.08 38.20
C HIS C 12 4.30 -20.35 37.91
N ALA C 13 5.41 -21.01 38.21
CA ALA C 13 6.72 -20.58 37.74
C ALA C 13 7.49 -21.77 37.13
N ASN C 14 8.54 -21.52 36.38
CA ASN C 14 9.34 -22.59 35.81
C ASN C 14 10.73 -22.11 35.49
N ASN C 15 11.54 -22.98 34.92
CA ASN C 15 12.96 -22.64 34.73
C ASN C 15 13.18 -21.96 33.37
N SER C 16 12.09 -21.58 32.70
CA SER C 16 12.18 -20.85 31.45
C SER C 16 13.01 -19.59 31.63
N THR C 17 13.83 -19.29 30.64
CA THR C 17 14.62 -18.07 30.57
C THR C 17 14.34 -17.35 29.23
N THR C 18 13.26 -17.76 28.57
CA THR C 18 12.83 -17.14 27.32
C THR C 18 12.01 -15.87 27.58
N GLN C 19 12.40 -14.77 26.92
CA GLN C 19 11.78 -13.46 27.13
C GLN C 19 10.92 -12.95 25.96
N VAL C 20 9.98 -12.07 26.28
CA VAL C 20 9.20 -11.34 25.29
C VAL C 20 9.34 -9.85 25.57
N ASP C 21 8.97 -9.00 24.63
CA ASP C 21 8.83 -7.57 24.94
C ASP C 21 7.35 -7.19 24.91
N THR C 22 7.09 -6.05 25.53
CA THR C 22 5.78 -5.54 25.83
C THR C 22 5.84 -4.06 25.48
N LEU C 23 4.71 -3.41 25.18
CA LEU C 23 4.72 -1.94 25.08
C LEU C 23 5.29 -1.24 26.32
N LEU C 24 5.04 -1.82 27.50
CA LEU C 24 5.47 -1.23 28.75
C LEU C 24 6.86 -1.65 29.21
N GLU C 25 7.32 -2.82 28.75
CA GLU C 25 8.47 -3.43 29.38
C GLU C 25 9.20 -4.41 28.46
N LYS C 26 10.52 -4.28 28.40
CA LYS C 26 11.32 -5.14 27.55
C LYS C 26 11.95 -6.24 28.38
N ASN C 27 12.29 -7.35 27.71
CA ASN C 27 13.01 -8.43 28.36
C ASN C 27 12.27 -9.12 29.49
N VAL C 28 10.99 -9.38 29.30
CA VAL C 28 10.20 -10.04 30.33
C VAL C 28 10.22 -11.56 30.20
N THR C 29 10.78 -12.25 31.20
CA THR C 29 10.79 -13.71 31.21
C THR C 29 9.39 -14.26 31.49
N VAL C 30 8.93 -15.16 30.61
CA VAL C 30 7.60 -15.74 30.77
C VAL C 30 7.67 -17.26 30.75
N THR C 31 6.69 -17.89 31.36
CA THR C 31 6.72 -19.34 31.59
C THR C 31 6.51 -20.15 30.31
N HIS C 32 5.79 -19.58 29.36
CA HIS C 32 5.42 -20.24 28.08
C HIS C 32 5.29 -19.15 27.01
N SER C 33 5.61 -19.49 25.76
CA SER C 33 5.48 -18.52 24.68
C SER C 33 5.67 -19.24 23.33
N VAL C 34 5.32 -18.56 22.24
CA VAL C 34 5.46 -19.10 20.87
C VAL C 34 6.17 -18.14 19.95
N GLU C 35 7.26 -18.60 19.35
CA GLU C 35 7.93 -17.83 18.30
C GLU C 35 7.14 -17.94 17.00
N LEU C 36 6.76 -16.82 16.41
CA LEU C 36 5.93 -16.86 15.19
C LEU C 36 6.73 -16.72 13.89
N LEU C 37 8.02 -16.37 13.99
CA LEU C 37 8.84 -16.06 12.82
C LEU C 37 9.87 -17.15 12.55
N GLU C 38 10.05 -17.46 11.28
CA GLU C 38 11.04 -18.41 10.79
C GLU C 38 12.23 -17.65 10.18
N ASN C 39 13.44 -17.90 10.68
CA ASN C 39 14.61 -17.26 10.11
C ASN C 39 15.59 -18.26 9.48
N GLN C 40 15.16 -19.50 9.29
CA GLN C 40 16.04 -20.56 8.82
C GLN C 40 15.60 -21.12 7.46
N LYS C 41 16.58 -21.46 6.54
CA LYS C 41 16.42 -21.80 5.12
C LYS C 41 17.34 -22.91 4.62
N GLU C 42 16.95 -23.79 3.84
CA GLU C 42 17.87 -24.69 3.14
C GLU C 42 18.36 -23.95 1.91
N LYS C 43 19.66 -23.81 1.74
CA LYS C 43 20.19 -23.01 0.65
C LYS C 43 20.28 -23.79 -0.66
N ARG C 44 19.11 -24.16 -1.18
CA ARG C 44 19.02 -24.93 -2.43
C ARG C 44 17.64 -24.75 -3.05
N PHE C 45 17.52 -25.15 -4.31
CA PHE C 45 16.22 -25.18 -5.00
C PHE C 45 15.71 -26.62 -5.02
N CYS C 46 14.40 -26.80 -4.78
CA CYS C 46 13.76 -28.12 -4.75
C CYS C 46 12.58 -28.13 -5.70
N LYS C 47 11.96 -29.29 -5.86
CA LYS C 47 10.76 -29.39 -6.68
C LYS C 47 9.61 -28.72 -5.94
N ILE C 48 8.69 -28.17 -6.72
CA ILE C 48 7.46 -27.62 -6.20
C ILE C 48 6.30 -28.29 -6.91
N MET C 49 5.36 -28.84 -6.14
CA MET C 49 4.29 -29.67 -6.67
C MET C 49 4.87 -30.91 -7.36
N ASN C 50 5.92 -31.48 -6.77
CA ASN C 50 6.69 -32.59 -7.35
C ASN C 50 7.08 -32.35 -8.82
N LYS C 51 7.39 -31.09 -9.14
CA LYS C 51 7.79 -30.68 -10.48
C LYS C 51 9.10 -29.90 -10.41
N ALA C 52 10.07 -30.34 -11.21
CA ALA C 52 11.42 -29.78 -11.23
C ALA C 52 11.44 -28.37 -11.82
N PRO C 53 12.38 -27.53 -11.37
CA PRO C 53 12.62 -26.24 -12.03
C PRO C 53 13.48 -26.42 -13.27
N LEU C 54 13.38 -25.47 -14.18
CA LEU C 54 14.23 -25.46 -15.35
C LEU C 54 15.53 -24.73 -15.05
N ASP C 55 16.64 -25.47 -15.02
CA ASP C 55 17.95 -24.85 -14.93
C ASP C 55 18.43 -24.42 -16.33
N LEU C 56 18.60 -23.11 -16.52
CA LEU C 56 19.07 -22.58 -17.80
C LEU C 56 20.59 -22.65 -17.94
N LYS C 57 21.26 -22.97 -16.82
CA LYS C 57 22.69 -23.27 -16.79
C LYS C 57 23.56 -22.12 -17.29
N ASP C 58 24.22 -22.31 -18.43
CA ASP C 58 25.14 -21.30 -18.96
C ASP C 58 24.45 -20.44 -20.02
N CYS C 59 23.14 -20.56 -20.08
CA CYS C 59 22.33 -19.78 -20.99
C CYS C 59 21.40 -18.81 -20.24
N THR C 60 21.18 -17.64 -20.83
CA THR C 60 20.16 -16.72 -20.36
C THR C 60 18.86 -17.12 -21.00
N ILE C 61 17.78 -16.46 -20.59
CA ILE C 61 16.47 -16.71 -21.18
C ILE C 61 16.45 -16.44 -22.69
N GLU C 62 17.13 -15.39 -23.15
CA GLU C 62 17.28 -15.08 -24.61
C GLU C 62 17.97 -16.20 -25.40
N GLY C 63 19.06 -16.73 -24.83
CA GLY C 63 19.86 -17.78 -25.46
C GLY C 63 19.01 -19.03 -25.59
N TRP C 64 18.29 -19.36 -24.53
CA TRP C 64 17.37 -20.49 -24.56
C TRP C 64 16.30 -20.33 -25.62
N ILE C 65 15.51 -19.26 -25.51
CA ILE C 65 14.26 -19.21 -26.26
C ILE C 65 14.48 -18.79 -27.73
N LEU C 66 15.59 -18.11 -28.02
CA LEU C 66 15.91 -17.85 -29.44
C LEU C 66 16.60 -19.08 -30.04
N GLY C 67 17.21 -19.88 -29.17
CA GLY C 67 17.92 -21.07 -29.60
C GLY C 67 19.34 -20.79 -30.02
N ASN C 68 20.07 -20.11 -29.14
CA ASN C 68 21.49 -19.89 -29.37
C ASN C 68 22.09 -21.31 -29.57
N PRO C 69 22.99 -21.50 -30.55
CA PRO C 69 23.49 -22.84 -30.88
C PRO C 69 24.18 -23.52 -29.71
N LYS C 70 24.71 -22.74 -28.78
CA LYS C 70 25.39 -23.26 -27.59
C LYS C 70 24.40 -23.68 -26.49
N CYS C 71 23.12 -23.45 -26.72
CA CYS C 71 22.06 -23.75 -25.76
C CYS C 71 21.26 -24.99 -26.12
N ASP C 72 21.85 -25.86 -26.92
CA ASP C 72 21.18 -27.01 -27.48
C ASP C 72 20.66 -28.02 -26.45
N LEU C 73 21.25 -28.02 -25.27
CA LEU C 73 20.83 -28.92 -24.22
C LEU C 73 19.37 -28.67 -23.86
N LEU C 74 18.93 -27.43 -24.03
CA LEU C 74 17.59 -26.99 -23.66
C LEU C 74 16.56 -27.04 -24.80
N LEU C 75 16.92 -27.66 -25.91
CA LEU C 75 16.18 -27.53 -27.18
C LEU C 75 14.69 -27.97 -27.27
N GLY C 76 14.27 -29.02 -26.58
CA GLY C 76 12.89 -29.49 -26.70
C GLY C 76 11.80 -28.83 -25.85
N ASP C 77 10.64 -29.49 -25.78
CA ASP C 77 9.63 -29.30 -24.80
C ASP C 77 10.28 -29.13 -23.43
N GLN C 78 9.77 -28.20 -22.64
CA GLN C 78 10.17 -28.04 -21.26
C GLN C 78 8.92 -27.85 -20.41
N SER C 79 8.87 -28.48 -19.23
CA SER C 79 7.81 -28.26 -18.22
C SER C 79 8.48 -27.84 -16.96
N TRP C 80 8.00 -26.78 -16.32
CA TRP C 80 8.70 -26.31 -15.15
C TRP C 80 7.78 -25.71 -14.10
N SER C 81 8.28 -25.69 -12.89
CA SER C 81 7.54 -25.12 -11.77
C SER C 81 7.99 -23.68 -11.56
N TYR C 82 9.24 -23.44 -11.93
CA TYR C 82 9.84 -22.12 -11.95
C TYR C 82 11.13 -22.23 -12.73
N ILE C 83 11.71 -21.08 -13.08
CA ILE C 83 12.92 -21.03 -13.87
C ILE C 83 14.06 -20.49 -13.04
N VAL C 84 15.23 -21.10 -13.16
CA VAL C 84 16.45 -20.62 -12.52
C VAL C 84 17.44 -20.17 -13.59
N GLU C 85 17.80 -18.90 -13.54
CA GLU C 85 18.77 -18.34 -14.47
C GLU C 85 20.02 -17.96 -13.69
N ARG C 86 21.16 -18.54 -14.06
CA ARG C 86 22.42 -18.30 -13.37
C ARG C 86 22.98 -16.94 -13.79
N PRO C 87 23.49 -16.16 -12.84
CA PRO C 87 23.88 -14.76 -13.11
C PRO C 87 25.03 -14.61 -14.09
N ASN C 88 25.93 -15.58 -14.15
CA ASN C 88 27.09 -15.42 -15.03
C ASN C 88 26.93 -16.19 -16.36
N ALA C 89 25.69 -16.49 -16.71
CA ALA C 89 25.39 -17.24 -17.94
C ALA C 89 25.85 -16.45 -19.15
N GLN C 90 26.66 -17.07 -20.01
CA GLN C 90 27.27 -16.30 -21.10
C GLN C 90 26.62 -16.45 -22.47
N ASN C 91 25.75 -17.44 -22.64
CA ASN C 91 25.11 -17.63 -23.94
C ASN C 91 23.74 -16.99 -24.01
N GLY C 92 23.68 -15.87 -24.71
CA GLY C 92 22.45 -15.13 -24.92
C GLY C 92 22.26 -14.79 -26.38
N ILE C 93 22.16 -13.50 -26.67
CA ILE C 93 22.10 -13.01 -28.03
C ILE C 93 23.51 -12.99 -28.56
N CYS C 94 23.82 -13.89 -29.49
CA CYS C 94 25.17 -14.02 -29.99
C CYS C 94 25.44 -13.06 -31.14
N TYR C 95 24.49 -12.92 -32.08
CA TYR C 95 24.61 -11.90 -33.12
C TYR C 95 24.03 -10.58 -32.57
N PRO C 96 24.86 -9.54 -32.46
CA PRO C 96 24.47 -8.35 -31.69
C PRO C 96 23.21 -7.68 -32.23
N GLY C 97 22.44 -7.14 -31.30
CA GLY C 97 21.22 -6.43 -31.63
C GLY C 97 20.27 -6.43 -30.45
N VAL C 98 19.12 -5.81 -30.64
CA VAL C 98 18.15 -5.65 -29.57
C VAL C 98 17.02 -6.67 -29.71
N LEU C 99 16.72 -7.37 -28.63
CA LEU C 99 15.50 -8.15 -28.53
C LEU C 99 14.43 -7.18 -28.03
N ASN C 100 13.58 -6.72 -28.93
CA ASN C 100 12.64 -5.67 -28.61
C ASN C 100 11.56 -6.14 -27.63
N GLU C 101 11.13 -5.24 -26.73
CA GLU C 101 10.23 -5.57 -25.62
C GLU C 101 10.71 -6.79 -24.82
N LEU C 102 11.99 -6.75 -24.48
CA LEU C 102 12.62 -7.85 -23.80
C LEU C 102 11.98 -8.14 -22.45
N GLU C 103 11.68 -7.09 -21.68
CA GLU C 103 11.14 -7.25 -20.32
C GLU C 103 9.75 -7.93 -20.31
N GLU C 104 8.88 -7.54 -21.25
CA GLU C 104 7.57 -8.16 -21.41
C GLU C 104 7.70 -9.64 -21.82
N LEU C 105 8.68 -9.95 -22.67
CA LEU C 105 8.89 -11.34 -23.07
C LEU C 105 9.28 -12.17 -21.84
N LYS C 106 10.18 -11.64 -21.03
CA LYS C 106 10.64 -12.34 -19.81
C LYS C 106 9.42 -12.53 -18.85
N ALA C 107 8.56 -11.51 -18.68
CA ALA C 107 7.34 -11.70 -17.85
C ALA C 107 6.34 -12.70 -18.47
N PHE C 108 6.16 -12.65 -19.78
CA PHE C 108 5.27 -13.62 -20.43
C PHE C 108 5.81 -15.07 -20.25
N ILE C 109 7.11 -15.27 -20.46
CA ILE C 109 7.73 -16.57 -20.25
C ILE C 109 7.62 -17.04 -18.78
N GLY C 110 7.82 -16.11 -17.85
CA GLY C 110 7.70 -16.43 -16.43
C GLY C 110 6.31 -16.92 -16.02
N SER C 111 5.28 -16.53 -16.79
CA SER C 111 3.91 -16.92 -16.48
C SER C 111 3.53 -18.28 -17.09
N GLY C 112 4.44 -18.91 -17.81
CA GLY C 112 4.15 -20.23 -18.33
C GLY C 112 4.57 -21.36 -17.40
N GLU C 113 4.24 -22.59 -17.80
CA GLU C 113 4.68 -23.78 -17.08
C GLU C 113 5.13 -24.86 -18.05
N ARG C 114 4.90 -24.63 -19.34
CA ARG C 114 5.33 -25.56 -20.38
C ARG C 114 5.41 -24.90 -21.75
N VAL C 115 6.40 -25.32 -22.54
CA VAL C 115 6.41 -24.98 -23.97
C VAL C 115 6.72 -26.23 -24.77
N GLU C 116 6.29 -26.21 -26.02
CA GLU C 116 6.30 -27.34 -26.91
C GLU C 116 6.86 -26.83 -28.22
N ARG C 117 8.09 -27.22 -28.57
CA ARG C 117 8.74 -26.66 -29.75
C ARG C 117 8.33 -27.40 -31.03
N PHE C 118 8.09 -26.65 -32.10
CA PHE C 118 7.60 -27.24 -33.33
C PHE C 118 8.02 -26.35 -34.49
N GLU C 119 8.16 -26.94 -35.67
CA GLU C 119 8.54 -26.15 -36.86
C GLU C 119 7.35 -25.35 -37.35
N MET C 120 7.45 -24.03 -37.29
CA MET C 120 6.33 -23.19 -37.65
C MET C 120 6.33 -22.92 -39.17
N PHE C 121 7.49 -22.53 -39.69
CA PHE C 121 7.73 -22.28 -41.11
C PHE C 121 8.88 -23.12 -41.63
N PRO C 122 8.58 -24.24 -42.31
CA PRO C 122 9.64 -24.99 -42.99
C PRO C 122 10.38 -24.10 -43.97
N LYS C 123 11.67 -24.35 -44.18
CA LYS C 123 12.48 -23.54 -45.07
C LYS C 123 11.92 -23.46 -46.50
N SER C 124 11.19 -24.48 -46.92
CA SER C 124 10.60 -24.51 -48.26
C SER C 124 9.54 -23.42 -48.44
N THR C 125 9.15 -22.80 -47.34
CA THR C 125 8.09 -21.82 -47.37
C THR C 125 8.47 -20.66 -48.27
N TRP C 126 9.74 -20.27 -48.22
CA TRP C 126 10.20 -19.10 -48.96
C TRP C 126 10.86 -19.53 -50.26
N ALA C 127 10.19 -19.22 -51.36
CA ALA C 127 10.60 -19.69 -52.66
C ALA C 127 11.67 -18.84 -53.31
N GLY C 128 12.62 -19.50 -53.98
CA GLY C 128 13.57 -18.76 -54.81
C GLY C 128 14.58 -17.94 -54.06
N VAL C 129 14.77 -18.27 -52.80
CA VAL C 129 15.83 -17.69 -51.99
C VAL C 129 16.69 -18.81 -51.42
N ASP C 130 17.83 -18.45 -50.86
CA ASP C 130 18.71 -19.43 -50.22
C ASP C 130 18.55 -19.48 -48.68
N THR C 131 18.25 -20.67 -48.15
CA THR C 131 17.88 -20.84 -46.74
C THR C 131 18.97 -21.58 -46.00
N SER C 132 20.10 -21.84 -46.68
CA SER C 132 21.14 -22.71 -46.14
C SER C 132 22.46 -21.99 -45.81
N ARG C 133 22.64 -20.75 -46.28
CA ARG C 133 23.90 -20.03 -46.01
C ARG C 133 23.85 -19.08 -44.79
N GLY C 134 22.75 -19.10 -44.05
CA GLY C 134 22.54 -18.10 -43.02
C GLY C 134 23.25 -18.39 -41.72
N VAL C 135 24.59 -18.37 -41.72
CA VAL C 135 25.38 -18.62 -40.52
C VAL C 135 26.46 -17.55 -40.34
N THR C 136 27.02 -17.49 -39.13
CA THR C 136 27.94 -16.42 -38.75
C THR C 136 28.89 -16.90 -37.67
N ASN C 137 30.13 -16.44 -37.75
CA ASN C 137 31.13 -16.66 -36.71
C ASN C 137 30.77 -15.97 -35.38
N ALA C 138 29.74 -15.14 -35.38
CA ALA C 138 29.24 -14.56 -34.12
C ALA C 138 28.46 -15.60 -33.33
N CYS C 139 28.02 -16.66 -33.99
CA CYS C 139 27.18 -17.67 -33.36
C CYS C 139 27.68 -19.11 -33.54
N PRO C 140 28.84 -19.44 -32.93
CA PRO C 140 29.31 -20.83 -33.00
C PRO C 140 28.50 -21.74 -32.13
N SER C 141 28.40 -23.01 -32.50
CA SER C 141 27.96 -24.01 -31.55
C SER C 141 29.26 -24.43 -30.86
N TYR C 142 29.26 -25.54 -30.13
CA TYR C 142 30.49 -25.95 -29.47
C TYR C 142 31.38 -26.73 -30.46
N THR C 143 30.81 -27.08 -31.61
CA THR C 143 31.49 -27.92 -32.60
C THR C 143 31.63 -27.24 -33.97
N ILE C 144 30.85 -26.20 -34.22
CA ILE C 144 30.88 -25.50 -35.51
C ILE C 144 31.20 -24.01 -35.33
N ASP C 145 32.14 -23.49 -36.10
CA ASP C 145 32.60 -22.14 -35.84
C ASP C 145 31.60 -21.10 -36.34
N SER C 146 30.75 -21.50 -37.29
CA SER C 146 29.72 -20.59 -37.79
C SER C 146 28.37 -21.30 -37.85
N SER C 147 27.41 -20.82 -37.06
CA SER C 147 26.09 -21.44 -37.02
C SER C 147 25.06 -20.33 -36.85
N PHE C 148 23.83 -20.69 -36.46
CA PHE C 148 22.82 -19.68 -36.20
C PHE C 148 21.84 -20.15 -35.16
N TYR C 149 20.92 -19.27 -34.77
CA TYR C 149 19.79 -19.63 -33.92
C TYR C 149 19.01 -20.78 -34.50
N ARG C 150 18.60 -21.70 -33.64
CA ARG C 150 17.90 -22.88 -34.11
C ARG C 150 16.46 -22.54 -34.44
N ASN C 151 16.01 -21.36 -34.00
CA ASN C 151 14.60 -21.03 -34.15
C ASN C 151 14.35 -20.01 -35.23
N LEU C 152 15.42 -19.58 -35.91
CA LEU C 152 15.32 -18.57 -36.93
C LEU C 152 16.08 -19.06 -38.20
N VAL C 153 15.71 -18.54 -39.36
CA VAL C 153 16.50 -18.75 -40.58
C VAL C 153 16.95 -17.41 -41.13
N TRP C 154 18.26 -17.25 -41.30
CA TRP C 154 18.77 -16.05 -41.93
C TRP C 154 18.80 -16.25 -43.46
N ILE C 155 17.75 -15.79 -44.11
CA ILE C 155 17.57 -15.98 -45.54
C ILE C 155 18.48 -15.03 -46.33
N VAL C 156 19.01 -15.54 -47.43
CA VAL C 156 19.91 -14.77 -48.27
C VAL C 156 19.50 -15.01 -49.73
N LYS C 157 19.88 -14.09 -50.60
CA LYS C 157 19.53 -14.22 -52.01
C LYS C 157 20.29 -15.38 -52.62
N THR C 158 19.69 -15.97 -53.66
CA THR C 158 20.29 -17.10 -54.35
C THR C 158 21.52 -16.63 -55.09
N ASP C 159 22.40 -17.55 -55.44
CA ASP C 159 23.67 -17.20 -56.06
C ASP C 159 23.54 -16.39 -57.35
N SER C 160 22.61 -16.76 -58.21
CA SER C 160 22.46 -16.02 -59.45
C SER C 160 21.35 -14.98 -59.43
N ALA C 161 20.20 -15.38 -58.93
CA ALA C 161 18.99 -14.56 -58.91
C ALA C 161 18.91 -13.40 -57.93
N THR C 162 17.98 -12.51 -58.22
CA THR C 162 17.67 -11.35 -57.41
C THR C 162 16.86 -11.90 -56.24
N TYR C 163 16.64 -11.10 -55.19
CA TYR C 163 15.87 -11.56 -54.03
C TYR C 163 14.42 -11.22 -54.34
N PRO C 164 13.58 -12.24 -54.49
CA PRO C 164 12.16 -12.01 -54.85
C PRO C 164 11.28 -11.76 -53.63
N VAL C 165 9.99 -11.48 -53.87
CA VAL C 165 9.08 -11.33 -52.74
C VAL C 165 8.77 -12.71 -52.21
N ILE C 166 9.08 -12.94 -50.93
CA ILE C 166 8.78 -14.22 -50.32
C ILE C 166 7.58 -14.06 -49.41
N LYS C 167 6.83 -15.13 -49.21
CA LYS C 167 5.61 -15.06 -48.44
C LYS C 167 5.38 -16.34 -47.67
N GLY C 168 4.75 -16.22 -46.52
CA GLY C 168 4.39 -17.39 -45.75
C GLY C 168 3.18 -17.11 -44.90
N THR C 169 2.41 -18.16 -44.65
CA THR C 169 1.29 -18.08 -43.76
C THR C 169 1.36 -19.24 -42.76
N TYR C 170 0.92 -18.97 -41.53
CA TYR C 170 0.70 -20.03 -40.56
C TYR C 170 -0.62 -19.76 -39.87
N ASN C 171 -1.50 -20.76 -39.89
CA ASN C 171 -2.83 -20.67 -39.31
C ASN C 171 -2.91 -21.43 -37.99
N ASN C 172 -3.00 -20.73 -36.87
CA ASN C 172 -3.06 -21.42 -35.58
C ASN C 172 -4.40 -22.13 -35.39
N THR C 173 -4.51 -23.33 -35.93
CA THR C 173 -5.74 -24.13 -35.79
C THR C 173 -5.78 -24.90 -34.46
N GLY C 174 -4.77 -24.68 -33.60
CA GLY C 174 -4.70 -25.35 -32.32
C GLY C 174 -5.37 -24.66 -31.13
N THR C 175 -5.23 -25.24 -29.95
CA THR C 175 -5.90 -24.68 -28.79
C THR C 175 -4.95 -23.84 -27.93
N GLN C 176 -3.68 -23.74 -28.33
CA GLN C 176 -2.68 -23.12 -27.47
C GLN C 176 -2.03 -21.91 -28.15
N PRO C 177 -1.71 -20.86 -27.36
CA PRO C 177 -1.04 -19.72 -27.98
C PRO C 177 0.37 -20.13 -28.44
N ILE C 178 0.84 -19.51 -29.51
CA ILE C 178 2.19 -19.76 -30.03
C ILE C 178 3.11 -18.57 -29.86
N LEU C 179 4.21 -18.79 -29.15
CA LEU C 179 5.26 -17.79 -29.00
C LEU C 179 6.28 -17.98 -30.13
N TYR C 180 6.50 -16.95 -30.94
CA TYR C 180 7.42 -17.07 -32.08
C TYR C 180 8.28 -15.82 -32.23
N PHE C 181 9.29 -15.90 -33.08
CA PHE C 181 10.35 -14.91 -33.13
C PHE C 181 10.70 -14.57 -34.54
N TRP C 182 11.12 -13.34 -34.78
CA TRP C 182 11.70 -13.03 -36.08
C TRP C 182 12.71 -11.89 -35.94
N GLY C 183 13.26 -11.47 -37.06
CA GLY C 183 14.27 -10.44 -37.01
C GLY C 183 14.45 -9.69 -38.29
N VAL C 184 15.18 -8.59 -38.20
CA VAL C 184 15.51 -7.78 -39.35
C VAL C 184 16.99 -7.49 -39.35
N HIS C 185 17.67 -7.86 -40.43
CA HIS C 185 19.10 -7.61 -40.53
C HIS C 185 19.39 -6.17 -40.98
N HIS C 186 20.27 -5.50 -40.24
CA HIS C 186 20.73 -4.15 -40.54
C HIS C 186 22.22 -4.17 -40.90
N PRO C 187 22.55 -4.35 -42.18
CA PRO C 187 23.98 -4.43 -42.53
C PRO C 187 24.73 -3.15 -42.23
N LEU C 188 26.02 -3.27 -41.98
CA LEU C 188 26.93 -2.14 -41.81
C LEU C 188 27.09 -1.28 -43.06
N ASP C 189 27.07 -1.93 -44.22
CA ASP C 189 27.42 -1.32 -45.49
C ASP C 189 26.34 -1.53 -46.53
N THR C 190 26.31 -0.65 -47.53
CA THR C 190 25.47 -0.88 -48.71
C THR C 190 26.00 -2.05 -49.55
N THR C 191 27.28 -2.39 -49.36
CA THR C 191 27.94 -3.50 -50.04
C THR C 191 27.45 -4.87 -49.54
N VAL C 192 27.43 -5.03 -48.21
CA VAL C 192 26.88 -6.26 -47.62
C VAL C 192 25.39 -6.33 -47.97
N GLN C 193 24.69 -5.19 -47.90
CA GLN C 193 23.30 -5.12 -48.29
C GLN C 193 23.07 -5.68 -49.69
N ASP C 194 23.79 -5.14 -50.66
CA ASP C 194 23.62 -5.62 -52.04
C ASP C 194 24.11 -7.04 -52.26
N ASN C 195 25.18 -7.45 -51.59
CA ASN C 195 25.62 -8.84 -51.65
C ASN C 195 24.58 -9.88 -51.22
N LEU C 196 23.98 -9.65 -50.06
CA LEU C 196 23.10 -10.65 -49.45
C LEU C 196 21.69 -10.57 -50.00
N TYR C 197 21.25 -9.36 -50.28
CA TYR C 197 19.89 -9.13 -50.69
C TYR C 197 19.91 -8.40 -52.03
N GLY C 198 18.75 -8.10 -52.57
CA GLY C 198 18.77 -7.38 -53.82
C GLY C 198 19.29 -5.95 -53.70
N SER C 199 19.35 -5.26 -54.83
CA SER C 199 19.42 -3.81 -54.87
C SER C 199 18.04 -3.25 -54.48
N GLY C 200 17.96 -1.98 -54.11
CA GLY C 200 16.67 -1.34 -53.90
C GLY C 200 16.08 -1.35 -52.50
N ASP C 201 14.93 -0.71 -52.30
CA ASP C 201 14.26 -0.64 -51.01
C ASP C 201 13.73 -2.00 -50.56
N LYS C 202 14.06 -2.38 -49.33
CA LYS C 202 13.62 -3.66 -48.80
C LYS C 202 12.66 -3.52 -47.61
N TYR C 203 11.79 -4.50 -47.40
CA TYR C 203 10.86 -4.44 -46.29
C TYR C 203 10.65 -5.80 -45.65
N VAL C 204 10.23 -5.77 -44.39
CA VAL C 204 9.69 -6.95 -43.75
C VAL C 204 8.31 -6.55 -43.24
N ARG C 205 7.29 -7.24 -43.72
CA ARG C 205 5.96 -6.98 -43.20
C ARG C 205 5.29 -8.24 -42.71
N MET C 206 4.60 -8.12 -41.58
CA MET C 206 3.88 -9.22 -41.02
C MET C 206 2.55 -8.74 -40.43
N GLY C 207 1.56 -9.61 -40.41
CA GLY C 207 0.31 -9.25 -39.79
C GLY C 207 -0.48 -10.47 -39.39
N THR C 208 -1.38 -10.26 -38.44
CA THR C 208 -2.38 -11.23 -38.04
C THR C 208 -3.71 -10.47 -38.02
N GLU C 209 -4.78 -11.09 -37.52
CA GLU C 209 -6.05 -10.40 -37.34
C GLU C 209 -5.91 -9.19 -36.43
N SER C 210 -4.99 -9.24 -35.47
CA SER C 210 -4.92 -8.22 -34.44
C SER C 210 -3.58 -7.49 -34.34
N MET C 211 -2.66 -7.73 -35.26
CA MET C 211 -1.31 -7.17 -35.14
C MET C 211 -0.73 -6.85 -36.52
N ASN C 212 0.03 -5.75 -36.60
CA ASN C 212 0.73 -5.38 -37.82
C ASN C 212 2.16 -5.02 -37.51
N PHE C 213 3.05 -5.35 -38.44
CA PHE C 213 4.45 -5.05 -38.29
C PHE C 213 4.99 -4.64 -39.65
N ALA C 214 5.86 -3.64 -39.66
CA ALA C 214 6.53 -3.22 -40.87
C ALA C 214 7.86 -2.61 -40.49
N LYS C 215 8.92 -3.03 -41.16
CA LYS C 215 10.26 -2.56 -40.85
C LYS C 215 11.16 -2.71 -42.08
N SER C 216 12.11 -1.80 -42.21
CA SER C 216 13.04 -1.88 -43.32
C SER C 216 14.44 -1.67 -42.77
N PRO C 217 15.48 -2.08 -43.51
CA PRO C 217 16.85 -2.01 -42.97
C PRO C 217 17.38 -0.59 -42.70
N GLU C 218 18.02 -0.43 -41.54
CA GLU C 218 18.70 0.79 -41.15
C GLU C 218 20.20 0.56 -41.29
N ILE C 219 20.72 0.80 -42.49
CA ILE C 219 22.10 0.47 -42.83
C ILE C 219 23.11 1.46 -42.27
N ALA C 220 24.04 0.98 -41.45
CA ALA C 220 25.08 1.79 -40.82
C ALA C 220 26.05 0.93 -40.03
N ALA C 221 27.28 1.41 -39.86
CA ALA C 221 28.27 0.69 -39.08
C ALA C 221 28.20 1.08 -37.60
N ARG C 222 27.95 0.08 -36.77
CA ARG C 222 27.90 0.23 -35.33
C ARG C 222 29.18 -0.36 -34.77
N PRO C 223 29.55 0.00 -33.51
CA PRO C 223 30.75 -0.56 -32.89
C PRO C 223 30.76 -2.08 -32.91
N ALA C 224 31.92 -2.69 -33.15
CA ALA C 224 32.02 -4.13 -33.32
C ALA C 224 31.65 -4.87 -32.06
N VAL C 225 30.79 -5.87 -32.21
CA VAL C 225 30.41 -6.76 -31.12
C VAL C 225 30.45 -8.19 -31.64
N ASN C 226 31.26 -9.05 -31.02
CA ASN C 226 31.58 -10.35 -31.61
C ASN C 226 31.96 -10.20 -33.08
N ASP C 227 32.75 -9.17 -33.37
CA ASP C 227 33.28 -8.98 -34.71
C ASP C 227 32.25 -8.46 -35.69
N GLN C 228 31.08 -8.05 -35.21
CA GLN C 228 30.02 -7.62 -36.11
C GLN C 228 29.72 -6.15 -35.92
N ARG C 229 29.79 -5.39 -37.01
CA ARG C 229 29.36 -3.99 -37.05
C ARG C 229 27.91 -3.90 -37.54
N SER C 230 27.40 -4.97 -38.13
CA SER C 230 25.98 -5.03 -38.46
C SER C 230 25.17 -5.35 -37.20
N ARG C 231 23.84 -5.35 -37.35
CA ARG C 231 22.92 -5.66 -36.25
C ARG C 231 21.72 -6.43 -36.74
N ILE C 232 21.13 -7.20 -35.85
CA ILE C 232 19.79 -7.73 -36.07
C ILE C 232 18.81 -7.15 -35.04
N ASP C 233 17.67 -6.64 -35.49
CA ASP C 233 16.55 -6.35 -34.59
C ASP C 233 15.73 -7.60 -34.41
N TYR C 234 15.62 -8.11 -33.19
CA TYR C 234 14.81 -9.30 -32.93
C TYR C 234 13.45 -8.88 -32.42
N TYR C 235 12.42 -9.63 -32.77
CA TYR C 235 11.06 -9.36 -32.28
C TYR C 235 10.42 -10.67 -31.84
N TRP C 236 9.42 -10.56 -30.98
CA TRP C 236 8.63 -11.70 -30.57
C TRP C 236 7.15 -11.34 -30.61
N SER C 237 6.30 -12.35 -30.69
CA SER C 237 4.87 -12.13 -30.56
C SER C 237 4.20 -13.43 -30.16
N VAL C 238 2.89 -13.36 -29.95
CA VAL C 238 2.09 -14.50 -29.56
C VAL C 238 0.87 -14.60 -30.49
N LEU C 239 0.87 -15.66 -31.29
CA LEU C 239 -0.22 -15.97 -32.21
C LEU C 239 -1.32 -16.67 -31.44
N ARG C 240 -2.47 -16.01 -31.30
CA ARG C 240 -3.56 -16.56 -30.49
C ARG C 240 -4.21 -17.73 -31.21
N PRO C 241 -4.83 -18.65 -30.46
CA PRO C 241 -5.60 -19.74 -31.11
C PRO C 241 -6.61 -19.14 -32.07
N GLY C 242 -6.68 -19.66 -33.30
CA GLY C 242 -7.61 -19.15 -34.29
C GLY C 242 -7.01 -18.06 -35.17
N GLU C 243 -5.93 -17.44 -34.72
CA GLU C 243 -5.29 -16.38 -35.49
C GLU C 243 -4.37 -16.96 -36.58
N THR C 244 -4.12 -16.14 -37.60
CA THR C 244 -3.26 -16.48 -38.72
C THR C 244 -2.15 -15.44 -38.82
N LEU C 245 -0.94 -15.89 -39.10
CA LEU C 245 0.17 -14.97 -39.34
C LEU C 245 0.54 -14.94 -40.83
N ASN C 246 0.53 -13.75 -41.44
CA ASN C 246 1.06 -13.55 -42.80
C ASN C 246 2.43 -12.91 -42.74
N VAL C 247 3.38 -13.44 -43.49
CA VAL C 247 4.72 -12.89 -43.54
C VAL C 247 5.05 -12.56 -44.98
N GLU C 248 5.58 -11.36 -45.22
CA GLU C 248 5.94 -10.91 -46.57
C GLU C 248 7.19 -10.04 -46.49
N SER C 249 8.17 -10.34 -47.32
CA SER C 249 9.41 -9.60 -47.32
C SER C 249 10.13 -9.74 -48.66
N ASN C 250 10.89 -8.72 -49.05
CA ASN C 250 11.74 -8.82 -50.22
C ASN C 250 13.22 -8.74 -49.87
N GLY C 251 13.56 -8.96 -48.59
CA GLY C 251 14.93 -8.85 -48.14
C GLY C 251 15.09 -8.44 -46.69
N ASN C 252 16.24 -8.83 -46.12
CA ASN C 252 16.63 -8.53 -44.73
C ASN C 252 15.79 -9.21 -43.65
N LEU C 253 15.01 -10.21 -44.04
CA LEU C 253 14.18 -10.95 -43.08
C LEU C 253 14.98 -12.05 -42.37
N ILE C 254 15.01 -12.02 -41.04
CA ILE C 254 15.42 -13.21 -40.30
C ILE C 254 14.14 -13.93 -39.87
N ALA C 255 13.86 -15.00 -40.58
CA ALA C 255 12.56 -15.64 -40.59
C ALA C 255 12.31 -16.52 -39.37
N PRO C 256 11.05 -16.62 -38.94
CA PRO C 256 10.75 -17.60 -37.90
C PRO C 256 10.88 -18.99 -38.49
N TRP C 257 11.43 -19.92 -37.74
CA TRP C 257 11.60 -21.29 -38.19
C TRP C 257 10.81 -22.18 -37.25
N TYR C 258 11.33 -22.27 -36.03
CA TYR C 258 10.70 -23.00 -34.95
C TYR C 258 10.10 -22.04 -33.92
N ALA C 259 8.94 -22.43 -33.39
CA ALA C 259 8.20 -21.64 -32.41
C ALA C 259 7.75 -22.55 -31.26
N TYR C 260 6.98 -21.99 -30.32
CA TYR C 260 6.55 -22.74 -29.15
C TYR C 260 5.05 -22.62 -28.89
N LYS C 261 4.38 -23.76 -28.77
CA LYS C 261 3.05 -23.74 -28.18
C LYS C 261 3.29 -23.47 -26.71
N PHE C 262 2.56 -22.52 -26.16
CA PHE C 262 2.84 -22.04 -24.82
C PHE C 262 1.70 -22.43 -23.91
N VAL C 263 2.02 -23.02 -22.76
CA VAL C 263 0.95 -23.40 -21.85
C VAL C 263 0.98 -22.57 -20.58
N SER C 264 -0.17 -21.95 -20.34
CA SER C 264 -0.52 -21.16 -19.15
C SER C 264 0.11 -19.79 -19.15
N LYS C 268 1.22 -19.08 -9.86
CA LYS C 268 2.16 -18.01 -10.15
C LYS C 268 3.49 -18.57 -10.64
N GLY C 269 4.10 -17.89 -11.59
CA GLY C 269 5.38 -18.33 -12.11
C GLY C 269 6.49 -17.48 -11.54
N ALA C 270 7.73 -17.96 -11.65
CA ALA C 270 8.87 -17.22 -11.14
C ALA C 270 10.12 -17.52 -11.93
N VAL C 271 10.94 -16.49 -12.08
CA VAL C 271 12.27 -16.61 -12.60
C VAL C 271 13.23 -16.13 -11.54
N PHE C 272 14.01 -17.05 -10.98
CA PHE C 272 15.02 -16.75 -9.97
C PHE C 272 16.41 -16.59 -10.61
N LYS C 273 17.06 -15.47 -10.39
CA LYS C 273 18.47 -15.35 -10.75
C LYS C 273 19.33 -15.69 -9.53
N SER C 274 20.02 -16.81 -9.60
CA SER C 274 20.68 -17.34 -8.42
C SER C 274 21.74 -18.40 -8.71
N ASP C 275 22.71 -18.55 -7.83
CA ASP C 275 23.68 -19.60 -8.00
C ASP C 275 23.43 -20.86 -7.16
N LEU C 276 22.27 -20.94 -6.50
CA LEU C 276 22.02 -22.09 -5.62
C LEU C 276 21.79 -23.37 -6.39
N PRO C 277 22.21 -24.49 -5.81
CA PRO C 277 22.08 -25.78 -6.51
C PRO C 277 20.67 -26.33 -6.47
N ILE C 278 20.28 -27.00 -7.54
CA ILE C 278 19.01 -27.72 -7.64
C ILE C 278 19.28 -29.15 -7.22
N GLU C 279 18.59 -29.62 -6.20
CA GLU C 279 18.86 -30.94 -5.61
C GLU C 279 17.65 -31.86 -5.69
N ASN C 280 17.87 -33.17 -5.53
CA ASN C 280 16.76 -34.12 -5.57
C ASN C 280 15.98 -34.04 -4.26
N CYS C 281 15.03 -33.10 -4.21
CA CYS C 281 14.25 -32.84 -3.01
C CYS C 281 12.92 -32.21 -3.37
N ASP C 282 12.00 -32.20 -2.41
CA ASP C 282 10.70 -31.56 -2.57
C ASP C 282 10.52 -30.44 -1.57
N ALA C 283 9.70 -29.48 -1.95
CA ALA C 283 9.44 -28.31 -1.13
C ALA C 283 8.00 -27.90 -1.31
N THR C 284 7.50 -27.12 -0.37
CA THR C 284 6.16 -26.60 -0.47
C THR C 284 6.28 -25.07 -0.52
N CYS C 285 7.43 -24.58 -0.10
CA CYS C 285 7.74 -23.15 -0.11
C CYS C 285 9.15 -22.94 -0.59
N GLN C 286 9.30 -22.25 -1.71
CA GLN C 286 10.62 -22.04 -2.26
C GLN C 286 10.91 -20.55 -2.39
N THR C 287 11.95 -20.05 -1.74
CA THR C 287 12.29 -18.66 -1.94
C THR C 287 13.54 -18.60 -2.79
N ILE C 288 13.88 -17.39 -3.25
CA ILE C 288 15.05 -17.21 -4.08
C ILE C 288 16.36 -17.50 -3.36
N THR C 289 16.35 -17.45 -2.03
CA THR C 289 17.56 -17.74 -1.27
C THR C 289 17.45 -19.04 -0.53
N GLY C 290 16.38 -19.79 -0.78
CA GLY C 290 16.29 -21.09 -0.15
C GLY C 290 14.90 -21.59 0.15
N VAL C 291 14.83 -22.87 0.49
CA VAL C 291 13.61 -23.54 0.92
C VAL C 291 13.25 -23.26 2.38
N LEU C 292 11.98 -22.97 2.62
CA LEU C 292 11.45 -22.86 3.96
C LEU C 292 10.71 -24.14 4.28
N ARG C 293 11.10 -24.78 5.37
CA ARG C 293 10.43 -25.98 5.83
C ARG C 293 9.96 -25.71 7.24
N THR C 294 8.74 -25.20 7.36
CA THR C 294 8.32 -24.54 8.59
C THR C 294 6.83 -24.50 8.71
N ASN C 295 6.36 -24.27 9.94
CA ASN C 295 4.95 -24.10 10.20
C ASN C 295 4.71 -22.70 10.73
N LYS C 296 5.76 -21.88 10.77
CA LYS C 296 5.66 -20.52 11.30
C LYS C 296 4.82 -19.61 10.41
N THR C 297 4.35 -18.52 10.98
CA THR C 297 3.44 -17.56 10.35
C THR C 297 4.21 -16.50 9.57
N PHE C 298 5.37 -16.13 10.07
CA PHE C 298 6.19 -15.12 9.42
C PHE C 298 7.55 -15.69 9.05
N GLN C 299 8.24 -14.97 8.17
CA GLN C 299 9.60 -15.31 7.80
C GLN C 299 10.41 -14.09 7.38
N ASN C 300 11.69 -14.11 7.69
CA ASN C 300 12.52 -12.99 7.28
C ASN C 300 13.52 -13.39 6.21
N VAL C 301 13.27 -14.51 5.55
CA VAL C 301 14.20 -14.98 4.55
C VAL C 301 14.10 -14.16 3.24
N SER C 302 12.94 -14.13 2.61
CA SER C 302 12.81 -13.40 1.35
C SER C 302 11.35 -13.11 0.99
N PRO C 303 11.09 -11.92 0.39
CA PRO C 303 9.80 -11.57 -0.19
C PRO C 303 9.59 -12.26 -1.56
N LEU C 304 10.65 -12.83 -2.12
CA LEU C 304 10.56 -13.44 -3.46
C LEU C 304 10.45 -14.95 -3.37
N TRP C 305 9.28 -15.50 -3.67
CA TRP C 305 9.12 -16.95 -3.53
C TRP C 305 8.05 -17.51 -4.43
N ILE C 306 7.92 -18.83 -4.36
CA ILE C 306 6.91 -19.55 -5.10
C ILE C 306 6.40 -20.65 -4.15
N GLY C 307 5.16 -21.09 -4.33
CA GLY C 307 4.56 -22.02 -3.42
C GLY C 307 3.87 -21.29 -2.28
N GLU C 308 3.60 -22.00 -1.19
CA GLU C 308 2.86 -21.42 -0.07
C GLU C 308 3.82 -21.08 1.07
N CYS C 309 4.15 -19.80 1.22
CA CYS C 309 5.15 -19.40 2.20
C CYS C 309 4.54 -18.51 3.28
N PRO C 310 5.21 -18.43 4.44
CA PRO C 310 4.72 -17.45 5.41
C PRO C 310 5.03 -16.03 4.96
N LYS C 311 4.37 -15.08 5.62
CA LYS C 311 4.48 -13.67 5.34
C LYS C 311 5.89 -13.13 5.61
N TYR C 312 6.42 -12.39 4.64
CA TYR C 312 7.73 -11.76 4.79
C TYR C 312 7.64 -10.48 5.60
N VAL C 313 8.54 -10.33 6.57
CA VAL C 313 8.66 -9.13 7.41
C VAL C 313 10.14 -8.88 7.72
N LYS C 314 10.50 -7.66 8.11
CA LYS C 314 11.89 -7.35 8.38
C LYS C 314 12.28 -7.76 9.83
N SER C 315 11.31 -8.18 10.63
CA SER C 315 11.53 -8.52 12.04
C SER C 315 12.59 -9.62 12.30
N GLU C 316 13.20 -9.56 13.48
CA GLU C 316 14.19 -10.57 13.86
C GLU C 316 13.52 -11.73 14.57
N SER C 317 12.40 -11.44 15.24
CA SER C 317 11.70 -12.39 16.07
C SER C 317 10.33 -11.82 16.35
N LEU C 318 9.30 -12.66 16.39
CA LEU C 318 7.97 -12.20 16.82
C LEU C 318 7.42 -13.19 17.84
N ARG C 319 7.90 -13.09 19.08
CA ARG C 319 7.53 -14.05 20.10
C ARG C 319 6.36 -13.56 20.95
N LEU C 320 5.33 -14.38 20.98
CA LEU C 320 4.07 -14.05 21.62
C LEU C 320 4.06 -14.73 22.98
N ALA C 321 3.85 -13.97 24.04
CA ALA C 321 3.71 -14.60 25.34
C ALA C 321 2.40 -15.36 25.32
N THR C 322 2.40 -16.59 25.84
CA THR C 322 1.14 -17.28 26.09
C THR C 322 0.99 -17.53 27.60
N GLY C 323 2.13 -17.79 28.23
CA GLY C 323 2.27 -17.98 29.67
C GLY C 323 2.32 -16.67 30.43
N LEU C 324 2.37 -16.77 31.73
CA LEU C 324 2.60 -15.63 32.61
C LEU C 324 4.04 -15.20 32.92
N ARG C 325 4.22 -14.03 33.55
CA ARG C 325 5.55 -13.60 33.93
C ARG C 325 6.14 -14.64 34.87
N ASN C 326 7.40 -14.99 34.63
CA ASN C 326 8.06 -16.09 35.34
C ASN C 326 8.85 -15.55 36.50
N VAL C 327 8.38 -15.82 37.71
CA VAL C 327 9.04 -15.34 38.92
C VAL C 327 9.35 -16.52 39.88
N PRO C 328 10.29 -17.40 39.49
CA PRO C 328 10.56 -18.60 40.31
C PRO C 328 11.31 -18.31 41.62
N GLN C 329 11.16 -19.16 42.64
CA GLN C 329 11.82 -18.91 43.94
C GLN C 329 13.34 -18.87 43.81
N ILE C 330 13.98 -18.01 44.58
CA ILE C 330 15.43 -17.90 44.52
C ILE C 330 16.07 -18.98 45.40
N ALA C 331 16.71 -19.94 44.75
CA ALA C 331 17.37 -21.03 45.47
C ALA C 331 18.88 -20.84 45.44
N GLY D 1 1.81 -5.49 38.29
CA GLY D 1 1.44 -5.74 36.89
C GLY D 1 0.12 -5.01 37.01
N ILE D 2 -0.74 -4.84 35.99
CA ILE D 2 -1.84 -3.86 36.21
C ILE D 2 -2.90 -4.28 37.27
N PHE D 3 -3.08 -5.57 37.53
CA PHE D 3 -4.03 -5.95 38.59
C PHE D 3 -3.31 -6.14 39.94
N GLY D 4 -1.99 -5.96 39.93
CA GLY D 4 -1.23 -5.88 41.16
C GLY D 4 -0.89 -7.18 41.87
N ALA D 5 -1.33 -8.31 41.34
CA ALA D 5 -1.12 -9.58 42.02
C ALA D 5 0.24 -10.22 41.66
N ILE D 6 0.40 -10.60 40.39
CA ILE D 6 1.62 -11.21 39.90
C ILE D 6 2.79 -10.23 40.02
N ALA D 7 3.90 -10.73 40.57
CA ALA D 7 5.06 -9.91 40.89
C ALA D 7 4.63 -8.64 41.59
N GLY D 8 3.61 -8.78 42.45
CA GLY D 8 3.01 -7.64 43.14
C GLY D 8 2.76 -7.97 44.59
N PHE D 9 1.51 -8.03 45.02
CA PHE D 9 1.26 -8.36 46.43
C PHE D 9 1.40 -9.87 46.64
N ILE D 10 1.49 -10.62 45.55
CA ILE D 10 1.95 -12.01 45.61
C ILE D 10 3.31 -12.05 44.92
N GLU D 11 4.34 -11.98 45.75
CA GLU D 11 5.68 -11.59 45.32
C GLU D 11 6.30 -12.54 44.30
N GLY D 12 6.03 -13.84 44.44
CA GLY D 12 6.60 -14.80 43.53
C GLY D 12 5.66 -15.93 43.12
N GLY D 13 6.09 -16.68 42.13
CA GLY D 13 5.33 -17.82 41.64
C GLY D 13 5.85 -19.10 42.29
N TRP D 14 5.27 -20.21 41.90
CA TRP D 14 5.51 -21.52 42.49
C TRP D 14 5.99 -22.54 41.46
N THR D 15 7.26 -22.89 41.50
CA THR D 15 7.78 -23.96 40.65
C THR D 15 7.17 -25.30 41.05
N GLY D 16 6.63 -25.38 42.27
CA GLY D 16 6.05 -26.64 42.72
C GLY D 16 4.64 -26.87 42.25
N MET D 17 3.99 -25.85 41.70
CA MET D 17 2.66 -26.04 41.12
C MET D 17 2.80 -26.25 39.62
N ILE D 18 2.84 -27.52 39.18
CA ILE D 18 3.21 -27.86 37.79
C ILE D 18 2.02 -28.25 36.93
N ASP D 19 0.84 -28.28 37.52
CA ASP D 19 -0.33 -28.75 36.82
C ASP D 19 -1.30 -27.67 36.37
N GLY D 20 -0.94 -26.40 36.58
CA GLY D 20 -1.79 -25.28 36.17
C GLY D 20 -1.07 -23.95 36.17
N TRP D 21 -1.64 -22.94 35.50
CA TRP D 21 -1.19 -21.56 35.63
C TRP D 21 -1.48 -20.88 36.97
N TYR D 22 -2.68 -21.10 37.49
CA TYR D 22 -3.11 -20.48 38.74
C TYR D 22 -3.61 -21.53 39.72
N GLY D 23 -3.27 -21.35 40.99
CA GLY D 23 -3.46 -22.39 41.98
C GLY D 23 -3.55 -21.99 43.43
N TYR D 24 -3.84 -22.99 44.25
CA TYR D 24 -3.86 -22.84 45.69
C TYR D 24 -2.73 -23.62 46.37
N HIS D 25 -2.14 -23.01 47.38
CA HIS D 25 -1.23 -23.70 48.28
C HIS D 25 -1.87 -23.79 49.66
N HIS D 26 -1.85 -24.95 50.30
CA HIS D 26 -2.46 -25.13 51.62
C HIS D 26 -1.51 -25.78 52.58
N GLU D 27 -1.65 -25.50 53.87
CA GLU D 27 -0.99 -26.30 54.89
C GLU D 27 -2.00 -26.60 56.02
N ASN D 28 -2.05 -27.84 56.45
CA ASN D 28 -2.91 -28.22 57.54
C ASN D 28 -2.32 -29.43 58.25
N SER D 29 -2.94 -29.82 59.34
CA SER D 29 -2.37 -30.88 60.19
C SER D 29 -2.29 -32.19 59.36
N GLN D 30 -3.06 -32.27 58.29
CA GLN D 30 -3.00 -33.41 57.37
C GLN D 30 -1.91 -33.33 56.29
N GLY D 31 -1.19 -32.22 56.24
CA GLY D 31 -0.17 -32.03 55.23
C GLY D 31 -0.23 -30.71 54.48
N SER D 32 0.52 -30.63 53.40
CA SER D 32 0.59 -29.41 52.59
C SER D 32 0.83 -29.69 51.13
N GLY D 33 0.42 -28.74 50.28
CA GLY D 33 0.44 -28.97 48.86
C GLY D 33 0.32 -27.75 47.97
N TYR D 34 0.66 -27.93 46.70
CA TYR D 34 0.38 -26.96 45.68
C TYR D 34 -0.56 -27.57 44.67
N ALA D 35 -1.74 -26.99 44.49
CA ALA D 35 -2.72 -27.51 43.53
C ALA D 35 -3.35 -26.45 42.61
N ALA D 36 -3.37 -26.73 41.31
CA ALA D 36 -3.95 -25.79 40.35
C ALA D 36 -5.45 -25.71 40.47
N ASP D 37 -5.97 -24.52 40.21
CA ASP D 37 -7.38 -24.33 39.96
C ASP D 37 -7.65 -24.53 38.49
N ARG D 38 -8.38 -25.61 38.17
CA ARG D 38 -8.41 -26.17 36.83
C ARG D 38 -9.32 -25.35 35.92
N GLU D 39 -10.43 -24.86 36.46
CA GLU D 39 -11.38 -24.10 35.69
C GLU D 39 -10.80 -22.78 35.18
N SER D 40 -10.16 -22.04 36.07
CA SER D 40 -9.56 -20.78 35.67
C SER D 40 -8.37 -21.03 34.75
N THR D 41 -7.60 -22.07 35.05
CA THR D 41 -6.47 -22.42 34.20
C THR D 41 -6.94 -22.80 32.78
N GLN D 42 -7.92 -23.69 32.68
CA GLN D 42 -8.39 -24.17 31.37
C GLN D 42 -9.05 -23.07 30.58
N LYS D 43 -9.88 -22.25 31.24
CA LYS D 43 -10.47 -21.07 30.59
C LYS D 43 -9.35 -20.17 30.02
N ALA D 44 -8.33 -19.89 30.82
CA ALA D 44 -7.22 -19.07 30.33
C ALA D 44 -6.46 -19.73 29.15
N ILE D 45 -6.18 -21.03 29.25
CA ILE D 45 -5.58 -21.74 28.11
C ILE D 45 -6.43 -21.65 26.83
N ASP D 46 -7.75 -21.83 26.95
CA ASP D 46 -8.66 -21.71 25.81
C ASP D 46 -8.62 -20.30 25.20
N GLY D 47 -8.64 -19.26 26.04
CA GLY D 47 -8.59 -17.91 25.54
C GLY D 47 -7.28 -17.59 24.82
N ILE D 48 -6.17 -17.92 25.45
CA ILE D 48 -4.85 -17.62 24.88
C ILE D 48 -4.62 -18.40 23.61
N THR D 49 -5.06 -19.66 23.59
CA THR D 49 -4.94 -20.47 22.37
C THR D 49 -5.75 -19.79 21.26
N ASN D 50 -6.94 -19.31 21.60
CA ASN D 50 -7.78 -18.64 20.62
C ASN D 50 -7.13 -17.36 20.11
N LYS D 51 -6.47 -16.62 21.01
CA LYS D 51 -5.79 -15.39 20.62
C LYS D 51 -4.68 -15.69 19.62
N VAL D 52 -3.85 -16.68 19.93
CA VAL D 52 -2.78 -17.08 19.04
C VAL D 52 -3.34 -17.51 17.66
N ASN D 53 -4.36 -18.36 17.63
CA ASN D 53 -4.95 -18.81 16.37
C ASN D 53 -5.58 -17.68 15.57
N SER D 54 -6.25 -16.76 16.25
CA SER D 54 -6.88 -15.64 15.58
C SER D 54 -5.81 -14.83 14.91
N ILE D 55 -4.71 -14.59 15.63
CA ILE D 55 -3.62 -13.79 15.06
C ILE D 55 -3.02 -14.52 13.86
N ILE D 56 -2.84 -15.83 13.99
CA ILE D 56 -2.28 -16.59 12.88
C ILE D 56 -3.21 -16.51 11.69
N ASN D 57 -4.51 -16.65 11.94
CA ASN D 57 -5.47 -16.60 10.85
C ASN D 57 -5.50 -15.25 10.15
N LYS D 58 -5.47 -14.18 10.95
CA LYS D 58 -5.51 -12.80 10.44
C LYS D 58 -4.28 -12.52 9.62
N MET D 59 -3.16 -13.13 10.00
CA MET D 59 -1.87 -12.90 9.32
C MET D 59 -1.58 -13.81 8.09
N ASN D 60 -2.53 -14.67 7.74
CA ASN D 60 -2.25 -15.71 6.75
C ASN D 60 -2.29 -15.28 5.26
N THR D 61 -2.58 -14.01 5.02
CA THR D 61 -2.37 -13.40 3.72
C THR D 61 -0.88 -13.10 3.46
N GLN D 62 -0.47 -13.07 2.20
CA GLN D 62 0.90 -12.72 1.85
C GLN D 62 0.92 -11.71 0.72
N PHE D 63 1.74 -10.67 0.84
CA PHE D 63 1.86 -9.71 -0.24
C PHE D 63 2.97 -10.34 -1.05
N GLU D 64 2.84 -10.37 -2.36
CA GLU D 64 3.88 -11.00 -3.17
C GLU D 64 4.70 -10.06 -4.05
N ALA D 65 5.99 -10.02 -3.79
CA ALA D 65 6.92 -9.24 -4.57
C ALA D 65 7.25 -9.99 -5.88
N VAL D 66 7.75 -9.31 -6.90
CA VAL D 66 8.01 -10.00 -8.18
C VAL D 66 9.36 -9.77 -8.81
N ASP D 67 9.72 -10.71 -9.65
CA ASP D 67 11.02 -10.77 -10.30
C ASP D 67 11.19 -9.89 -11.56
N HIS D 68 10.28 -8.94 -11.81
CA HIS D 68 10.28 -8.26 -13.13
C HIS D 68 11.49 -7.38 -13.42
N GLU D 69 11.95 -7.40 -14.67
CA GLU D 69 13.00 -6.51 -15.12
C GLU D 69 12.43 -5.22 -15.71
N PHE D 70 13.23 -4.16 -15.69
CA PHE D 70 12.86 -2.87 -16.27
C PHE D 70 14.02 -2.34 -17.06
N SER D 71 13.74 -1.64 -18.15
CA SER D 71 14.81 -1.20 -19.07
C SER D 71 15.36 0.13 -18.61
N ASN D 72 16.31 0.66 -19.38
CA ASN D 72 16.91 1.97 -19.10
C ASN D 72 16.00 3.15 -19.48
N LEU D 73 14.80 2.83 -19.97
CA LEU D 73 13.73 3.80 -20.20
C LEU D 73 12.54 3.60 -19.26
N GLU D 74 12.75 2.81 -18.22
CA GLU D 74 11.67 2.45 -17.28
C GLU D 74 12.08 2.66 -15.83
N ARG D 75 12.89 3.69 -15.59
CA ARG D 75 13.33 4.01 -14.26
C ARG D 75 12.13 4.39 -13.39
N ARG D 76 11.19 5.17 -13.93
CA ARG D 76 10.04 5.58 -13.16
C ARG D 76 9.17 4.39 -12.73
N ILE D 77 8.82 3.50 -13.65
CA ILE D 77 7.93 2.41 -13.23
C ILE D 77 8.67 1.39 -12.36
N GLY D 78 9.97 1.19 -12.61
CA GLY D 78 10.80 0.28 -11.82
C GLY D 78 10.87 0.75 -10.38
N ASN D 79 11.06 2.05 -10.21
CA ASN D 79 11.05 2.66 -8.89
C ASN D 79 9.64 2.67 -8.26
N LEU D 80 8.61 2.77 -9.09
CA LEU D 80 7.25 2.72 -8.58
C LEU D 80 7.06 1.33 -7.97
N ASN D 81 7.43 0.28 -8.71
CA ASN D 81 7.36 -1.07 -8.16
C ASN D 81 8.13 -1.27 -6.86
N LYS D 82 9.33 -0.70 -6.77
CA LYS D 82 10.16 -0.88 -5.57
C LYS D 82 9.55 -0.19 -4.37
N ARG D 83 9.07 1.03 -4.57
CA ARG D 83 8.41 1.79 -3.49
C ARG D 83 7.12 1.11 -3.03
N MET D 84 6.33 0.65 -3.99
CA MET D 84 5.14 -0.15 -3.71
C MET D 84 5.50 -1.36 -2.81
N GLU D 85 6.45 -2.20 -3.27
CA GLU D 85 6.82 -3.41 -2.54
C GLU D 85 7.43 -3.12 -1.14
N ASP D 86 8.35 -2.15 -1.06
CA ASP D 86 8.89 -1.70 0.22
C ASP D 86 7.78 -1.14 1.11
N GLY D 87 6.81 -0.46 0.50
CA GLY D 87 5.69 0.11 1.22
C GLY D 87 4.86 -0.95 1.94
N PHE D 88 4.51 -2.01 1.22
CA PHE D 88 3.71 -3.05 1.89
C PHE D 88 4.54 -3.80 2.94
N LEU D 89 5.83 -4.01 2.65
CA LEU D 89 6.74 -4.63 3.61
C LEU D 89 6.77 -3.84 4.92
N ASP D 90 6.84 -2.52 4.82
CA ASP D 90 6.94 -1.68 6.01
C ASP D 90 5.62 -1.67 6.79
N VAL D 91 4.52 -1.68 6.05
CA VAL D 91 3.21 -1.74 6.67
C VAL D 91 3.03 -3.05 7.44
N TRP D 92 3.40 -4.19 6.85
CA TRP D 92 3.19 -5.47 7.52
C TRP D 92 4.15 -5.72 8.69
N THR D 93 5.38 -5.23 8.57
CA THR D 93 6.41 -5.35 9.61
C THR D 93 5.92 -4.56 10.84
N TYR D 94 5.39 -3.36 10.57
CA TYR D 94 4.78 -2.54 11.59
C TYR D 94 3.59 -3.27 12.22
N ASN D 95 2.65 -3.73 11.39
CA ASN D 95 1.50 -4.41 11.95
C ASN D 95 1.87 -5.59 12.86
N ALA D 96 2.83 -6.41 12.47
CA ALA D 96 3.22 -7.58 13.26
C ALA D 96 3.96 -7.21 14.54
N GLU D 97 4.95 -6.32 14.45
CA GLU D 97 5.74 -5.94 15.62
C GLU D 97 4.92 -5.21 16.69
N LEU D 98 4.01 -4.35 16.26
CA LEU D 98 3.17 -3.59 17.18
C LEU D 98 2.16 -4.49 17.81
N LEU D 99 1.61 -5.40 17.02
CA LEU D 99 0.61 -6.32 17.54
C LEU D 99 1.25 -7.21 18.61
N VAL D 100 2.46 -7.67 18.36
CA VAL D 100 3.12 -8.51 19.34
C VAL D 100 3.34 -7.77 20.69
N LEU D 101 3.86 -6.54 20.64
CA LEU D 101 4.08 -5.73 21.84
C LEU D 101 2.79 -5.48 22.62
N LEU D 102 1.75 -5.16 21.87
CA LEU D 102 0.46 -4.83 22.46
C LEU D 102 -0.16 -6.07 23.06
N GLU D 103 -0.13 -7.19 22.34
CA GLU D 103 -0.83 -8.35 22.86
C GLU D 103 -0.06 -9.00 24.01
N ASN D 104 1.27 -8.86 24.03
CA ASN D 104 2.03 -9.40 25.15
C ASN D 104 1.72 -8.66 26.45
N GLU D 105 1.60 -7.34 26.37
CA GLU D 105 1.15 -6.49 27.49
C GLU D 105 -0.20 -6.98 27.98
N ARG D 106 -1.15 -7.12 27.06
CA ARG D 106 -2.51 -7.48 27.48
C ARG D 106 -2.63 -8.94 27.97
N THR D 107 -1.78 -9.82 27.42
CA THR D 107 -1.79 -11.22 27.87
C THR D 107 -1.29 -11.29 29.33
N LEU D 108 -0.20 -10.59 29.63
CA LEU D 108 0.32 -10.59 31.01
C LEU D 108 -0.72 -10.03 31.97
N ASP D 109 -1.49 -9.02 31.54
CA ASP D 109 -2.55 -8.45 32.39
C ASP D 109 -3.69 -9.41 32.66
N LEU D 110 -4.04 -10.20 31.65
CA LEU D 110 -5.06 -11.23 31.77
C LEU D 110 -4.66 -12.28 32.82
N HIS D 111 -3.43 -12.77 32.77
CA HIS D 111 -2.95 -13.65 33.83
C HIS D 111 -3.02 -12.99 35.23
N ASP D 112 -2.56 -11.75 35.32
CA ASP D 112 -2.62 -10.98 36.58
C ASP D 112 -4.07 -10.89 37.12
N ALA D 113 -5.01 -10.59 36.23
CA ALA D 113 -6.44 -10.49 36.58
C ALA D 113 -6.99 -11.82 37.08
N ASN D 114 -6.70 -12.91 36.40
CA ASN D 114 -7.18 -14.22 36.84
C ASN D 114 -6.65 -14.60 38.23
N VAL D 115 -5.40 -14.26 38.53
CA VAL D 115 -4.84 -14.53 39.85
C VAL D 115 -5.57 -13.68 40.91
N LYS D 116 -5.71 -12.40 40.59
CA LYS D 116 -6.41 -11.44 41.44
C LYS D 116 -7.83 -11.89 41.78
N ASN D 117 -8.60 -12.27 40.77
CA ASN D 117 -9.96 -12.72 41.01
C ASN D 117 -10.04 -14.02 41.83
N LEU D 118 -9.06 -14.90 41.69
CA LEU D 118 -9.00 -16.10 42.52
C LEU D 118 -8.80 -15.71 43.96
N TYR D 119 -7.89 -14.78 44.18
CA TYR D 119 -7.60 -14.31 45.51
C TYR D 119 -8.83 -13.64 46.15
N GLU D 120 -9.59 -12.87 45.37
CA GLU D 120 -10.76 -12.21 45.91
C GLU D 120 -11.88 -13.22 46.21
N LYS D 121 -11.97 -14.26 45.40
CA LYS D 121 -12.94 -15.34 45.62
C LYS D 121 -12.76 -15.98 47.00
N VAL D 122 -11.53 -16.23 47.38
CA VAL D 122 -11.25 -16.84 48.68
C VAL D 122 -11.50 -15.83 49.81
N LYS D 123 -10.95 -14.63 49.68
CA LYS D 123 -11.08 -13.60 50.71
C LYS D 123 -12.55 -13.30 51.07
N SER D 124 -13.46 -13.33 50.10
CA SER D 124 -14.86 -13.05 50.40
C SER D 124 -15.56 -14.25 51.06
N GLN D 125 -15.10 -15.47 50.78
CA GLN D 125 -15.62 -16.65 51.50
C GLN D 125 -15.21 -16.68 52.98
N LEU D 126 -13.96 -16.36 53.25
CA LEU D 126 -13.38 -16.54 54.57
C LEU D 126 -13.78 -15.45 55.56
N ARG D 127 -13.96 -14.23 55.06
CA ARG D 127 -14.37 -13.11 55.92
C ARG D 127 -13.43 -12.98 57.12
N ASP D 128 -13.98 -12.87 58.32
CA ASP D 128 -13.13 -12.73 59.51
C ASP D 128 -12.75 -14.07 60.16
N ASN D 129 -13.13 -15.19 59.54
CA ASN D 129 -12.74 -16.52 59.99
C ASN D 129 -11.29 -16.86 59.66
N ALA D 130 -10.60 -15.90 59.03
CA ALA D 130 -9.21 -16.08 58.68
C ALA D 130 -8.48 -14.75 58.70
N ASN D 131 -7.18 -14.82 58.88
CA ASN D 131 -6.34 -13.65 58.98
C ASN D 131 -5.51 -13.52 57.70
N ASP D 132 -5.54 -12.34 57.11
CA ASP D 132 -4.76 -12.05 55.92
C ASP D 132 -3.32 -11.87 56.37
N LEU D 133 -2.48 -12.86 56.10
CA LEU D 133 -1.06 -12.59 56.12
C LEU D 133 -0.83 -11.86 54.82
N GLY D 134 0.38 -11.40 54.56
CA GLY D 134 0.64 -10.84 53.25
C GLY D 134 0.82 -11.95 52.21
N ASN D 135 1.22 -11.54 51.01
CA ASN D 135 1.62 -12.48 49.97
C ASN D 135 0.50 -13.41 49.53
N GLY D 136 -0.73 -12.93 49.60
CA GLY D 136 -1.85 -13.72 49.12
C GLY D 136 -2.20 -14.96 49.96
N CYS D 137 -1.67 -15.03 51.19
CA CYS D 137 -1.94 -16.11 52.13
C CYS D 137 -2.93 -15.73 53.20
N PHE D 138 -3.80 -16.67 53.53
CA PHE D 138 -4.72 -16.54 54.67
C PHE D 138 -4.45 -17.57 55.76
N GLU D 139 -4.40 -17.14 57.02
CA GLU D 139 -4.32 -18.10 58.14
C GLU D 139 -5.67 -18.24 58.81
N PHE D 140 -6.21 -19.45 58.81
CA PHE D 140 -7.51 -19.72 59.43
C PHE D 140 -7.48 -19.52 60.95
N TRP D 141 -8.58 -19.04 61.53
CA TRP D 141 -8.70 -18.92 62.98
C TRP D 141 -9.28 -20.20 63.57
N HIS D 142 -9.56 -21.16 62.70
CA HIS D 142 -10.13 -22.43 63.10
C HIS D 142 -9.34 -23.55 62.47
N LYS D 143 -9.60 -24.78 62.89
CA LYS D 143 -8.96 -25.91 62.24
C LYS D 143 -9.61 -26.08 60.89
N CYS D 144 -8.79 -26.15 59.84
CA CYS D 144 -9.35 -26.26 58.51
C CYS D 144 -8.95 -27.58 57.85
N ASP D 145 -9.96 -28.41 57.64
CA ASP D 145 -9.87 -29.79 57.16
C ASP D 145 -9.44 -29.85 55.69
N ASN D 146 -9.01 -31.01 55.21
CA ASN D 146 -8.78 -31.18 53.78
C ASN D 146 -10.10 -30.92 53.07
N GLU D 147 -11.15 -31.46 53.67
CA GLU D 147 -12.50 -31.27 53.19
C GLU D 147 -12.89 -29.80 53.26
N CYS D 148 -12.50 -29.13 54.34
CA CYS D 148 -12.69 -27.69 54.46
C CYS D 148 -11.88 -26.95 53.40
N MET D 149 -10.66 -27.40 53.15
CA MET D 149 -9.83 -26.80 52.10
C MET D 149 -10.49 -26.94 50.73
N GLU D 150 -11.08 -28.10 50.46
CA GLU D 150 -11.73 -28.30 49.17
C GLU D 150 -12.95 -27.40 49.06
N SER D 151 -13.59 -27.11 50.20
CA SER D 151 -14.79 -26.29 50.19
C SER D 151 -14.43 -24.83 49.90
N VAL D 152 -13.23 -24.40 50.29
CA VAL D 152 -12.80 -23.04 49.99
C VAL D 152 -12.49 -22.96 48.50
N LYS D 153 -11.87 -24.01 47.98
CA LYS D 153 -11.45 -24.07 46.58
C LYS D 153 -12.63 -24.14 45.61
N ASN D 154 -13.67 -24.90 45.94
CA ASN D 154 -14.78 -25.01 45.00
C ASN D 154 -15.92 -24.05 45.35
N GLY D 155 -15.64 -23.08 46.22
CA GLY D 155 -16.61 -22.05 46.58
C GLY D 155 -17.75 -22.42 47.53
N THR D 156 -17.58 -23.50 48.31
CA THR D 156 -18.65 -23.97 49.20
C THR D 156 -18.33 -23.75 50.69
N TYR D 157 -17.43 -22.82 50.98
CA TYR D 157 -16.95 -22.65 52.35
C TYR D 157 -18.09 -22.23 53.27
N ASP D 158 -18.30 -23.00 54.33
CA ASP D 158 -19.35 -22.77 55.30
C ASP D 158 -18.88 -21.88 56.44
N TYR D 159 -18.92 -20.57 56.23
CA TYR D 159 -18.52 -19.61 57.24
C TYR D 159 -19.20 -19.77 58.60
N PRO D 160 -20.55 -19.87 58.64
CA PRO D 160 -21.18 -20.00 59.97
C PRO D 160 -20.65 -21.22 60.76
N LYS D 161 -20.45 -22.33 60.08
CA LYS D 161 -19.98 -23.57 60.70
C LYS D 161 -18.76 -23.39 61.60
N TYR D 162 -17.91 -22.43 61.25
CA TYR D 162 -16.65 -22.24 61.98
C TYR D 162 -16.58 -20.90 62.69
N GLN D 163 -17.64 -20.10 62.58
CA GLN D 163 -17.67 -18.74 63.14
C GLN D 163 -17.38 -18.68 64.67
N LYS D 164 -17.97 -19.61 65.42
CA LYS D 164 -17.81 -19.61 66.86
C LYS D 164 -16.38 -20.02 67.28
N GLU D 165 -15.91 -21.15 66.76
CA GLU D 165 -14.52 -21.56 66.97
C GLU D 165 -13.55 -20.42 66.65
N SER D 166 -13.77 -19.80 65.49
CA SER D 166 -12.93 -18.72 64.98
C SER D 166 -12.86 -17.52 65.91
N LYS D 167 -14.02 -17.00 66.30
CA LYS D 167 -14.10 -15.85 67.19
C LYS D 167 -13.40 -16.15 68.52
N LEU D 168 -13.66 -17.35 69.04
CA LEU D 168 -13.05 -17.77 70.31
C LEU D 168 -11.54 -17.77 70.21
N ASN D 169 -11.02 -18.24 69.08
CA ASN D 169 -9.57 -18.23 68.85
C ASN D 169 -9.04 -16.83 68.59
N ARG D 170 -9.79 -16.08 67.79
CA ARG D 170 -9.35 -14.76 67.38
C ARG D 170 -8.91 -13.92 68.57
N GLN D 171 -9.82 -13.66 69.50
CA GLN D 171 -9.52 -12.72 70.57
C GLN D 171 -8.90 -13.33 71.82
N GLY D 172 -8.76 -14.65 71.85
CA GLY D 172 -7.99 -15.26 72.90
C GLY D 172 -6.57 -14.72 72.76
N ILE D 173 -6.13 -14.62 71.52
CA ILE D 173 -4.80 -14.14 71.19
C ILE D 173 -4.48 -12.83 71.90
N PRO E 3 -33.70 -14.85 55.06
CA PRO E 3 -34.59 -14.08 55.93
C PRO E 3 -34.35 -12.56 55.90
N GLY E 4 -33.09 -12.10 55.91
CA GLY E 4 -32.83 -10.67 55.86
C GLY E 4 -33.19 -10.09 54.49
N ASP E 5 -33.49 -8.80 54.45
CA ASP E 5 -33.66 -8.10 53.17
C ASP E 5 -32.35 -8.17 52.40
N LYS E 6 -32.42 -7.99 51.08
CA LYS E 6 -31.22 -8.11 50.25
C LYS E 6 -31.21 -7.05 49.17
N ILE E 7 -30.02 -6.63 48.79
CA ILE E 7 -29.85 -5.86 47.56
C ILE E 7 -28.67 -6.52 46.81
N CYS E 8 -28.88 -6.74 45.51
CA CYS E 8 -27.93 -7.45 44.68
C CYS E 8 -27.49 -6.55 43.54
N ILE E 9 -26.23 -6.70 43.15
CA ILE E 9 -25.71 -5.96 42.01
C ILE E 9 -25.60 -6.89 40.82
N GLY E 10 -26.02 -6.43 39.65
CA GLY E 10 -26.10 -7.30 38.47
C GLY E 10 -26.17 -6.59 37.13
N TYR E 11 -26.45 -7.35 36.08
CA TYR E 11 -26.32 -6.80 34.73
C TYR E 11 -27.45 -7.32 33.83
N HIS E 12 -27.74 -6.56 32.79
CA HIS E 12 -28.78 -6.90 31.80
C HIS E 12 -28.56 -8.26 31.12
N ALA E 13 -29.68 -8.94 30.84
CA ALA E 13 -29.71 -10.13 30.00
C ALA E 13 -30.87 -9.96 29.03
N ASN E 14 -30.87 -10.64 27.89
CA ASN E 14 -32.00 -10.52 26.98
C ASN E 14 -32.17 -11.70 26.05
N ASN E 15 -33.17 -11.62 25.18
CA ASN E 15 -33.46 -12.75 24.29
C ASN E 15 -32.51 -12.85 23.09
N SER E 16 -31.48 -12.01 23.04
CA SER E 16 -30.51 -12.03 21.92
C SER E 16 -29.85 -13.38 21.68
N THR E 17 -29.83 -13.80 20.42
CA THR E 17 -29.02 -14.94 19.99
C THR E 17 -27.97 -14.47 18.97
N THR E 18 -27.72 -13.16 18.97
CA THR E 18 -26.69 -12.56 18.12
C THR E 18 -25.31 -12.63 18.79
N GLN E 19 -24.33 -13.11 18.02
CA GLN E 19 -23.00 -13.38 18.56
C GLN E 19 -21.90 -12.55 17.94
N VAL E 20 -20.83 -12.38 18.71
CA VAL E 20 -19.63 -11.75 18.18
C VAL E 20 -18.45 -12.64 18.46
N ASP E 21 -17.31 -12.33 17.83
CA ASP E 21 -16.03 -13.00 18.13
C ASP E 21 -15.13 -11.95 18.78
N THR E 22 -14.24 -12.39 19.66
CA THR E 22 -13.18 -11.56 20.23
C THR E 22 -11.86 -12.31 20.04
N LEU E 23 -10.74 -11.67 20.38
CA LEU E 23 -9.46 -12.40 20.34
C LEU E 23 -9.44 -13.64 21.23
N LEU E 24 -10.15 -13.59 22.36
CA LEU E 24 -10.09 -14.66 23.35
C LEU E 24 -11.12 -15.75 23.10
N GLU E 25 -12.23 -15.40 22.46
CA GLU E 25 -13.36 -16.32 22.37
C GLU E 25 -14.24 -16.08 21.14
N LYS E 26 -14.60 -17.16 20.47
CA LYS E 26 -15.51 -17.10 19.32
C LYS E 26 -16.95 -17.33 19.78
N ASN E 27 -17.91 -16.87 18.99
CA ASN E 27 -19.34 -17.09 19.21
C ASN E 27 -19.84 -16.62 20.57
N VAL E 28 -19.50 -15.39 20.95
CA VAL E 28 -19.99 -14.88 22.23
C VAL E 28 -21.31 -14.16 22.05
N THR E 29 -22.35 -14.68 22.68
CA THR E 29 -23.66 -14.05 22.58
C THR E 29 -23.70 -12.77 23.38
N VAL E 30 -24.08 -11.68 22.73
CA VAL E 30 -24.02 -10.36 23.34
C VAL E 30 -25.42 -9.71 23.26
N THR E 31 -25.72 -8.86 24.25
CA THR E 31 -27.05 -8.26 24.41
C THR E 31 -27.38 -7.22 23.35
N HIS E 32 -26.38 -6.45 22.94
CA HIS E 32 -26.53 -5.43 21.91
C HIS E 32 -25.27 -5.44 21.06
N SER E 33 -25.44 -5.29 19.75
CA SER E 33 -24.29 -5.27 18.86
C SER E 33 -24.60 -4.50 17.57
N VAL E 34 -23.59 -4.16 16.78
CA VAL E 34 -23.83 -3.52 15.49
C VAL E 34 -23.00 -4.15 14.37
N GLU E 35 -23.67 -4.48 13.26
CA GLU E 35 -23.00 -4.99 12.06
C GLU E 35 -22.43 -3.81 11.27
N LEU E 36 -21.12 -3.77 11.06
CA LEU E 36 -20.54 -2.62 10.36
C LEU E 36 -20.45 -2.87 8.86
N LEU E 37 -20.67 -4.12 8.45
CA LEU E 37 -20.49 -4.53 7.05
C LEU E 37 -21.79 -4.78 6.32
N GLU E 38 -21.86 -4.24 5.09
CA GLU E 38 -23.01 -4.40 4.20
C GLU E 38 -22.75 -5.44 3.11
N ASN E 39 -23.60 -6.46 3.03
CA ASN E 39 -23.39 -7.47 2.01
C ASN E 39 -24.50 -7.56 0.97
N GLN E 40 -25.46 -6.64 1.01
CA GLN E 40 -26.60 -6.67 0.11
C GLN E 40 -26.50 -5.55 -0.90
N LYS E 41 -27.10 -5.76 -2.06
CA LYS E 41 -27.04 -4.79 -3.16
C LYS E 41 -28.29 -4.91 -4.05
N GLU E 42 -28.66 -3.85 -4.73
CA GLU E 42 -29.69 -3.96 -5.79
C GLU E 42 -28.97 -4.28 -7.08
N LYS E 43 -29.37 -5.36 -7.74
CA LYS E 43 -28.69 -5.80 -8.95
C LYS E 43 -29.09 -4.99 -10.21
N ARG E 44 -28.70 -3.73 -10.26
CA ARG E 44 -29.08 -2.83 -11.34
C ARG E 44 -28.23 -1.57 -11.31
N PHE E 45 -28.37 -0.74 -12.33
CA PHE E 45 -27.65 0.52 -12.44
C PHE E 45 -28.62 1.68 -12.27
N CYS E 46 -28.23 2.67 -11.49
CA CYS E 46 -29.09 3.78 -11.12
C CYS E 46 -28.41 5.09 -11.43
N LYS E 47 -29.18 6.16 -11.44
CA LYS E 47 -28.61 7.49 -11.60
C LYS E 47 -27.77 7.80 -10.39
N ILE E 48 -26.77 8.68 -10.53
CA ILE E 48 -25.96 9.00 -9.36
C ILE E 48 -26.32 10.38 -8.80
N MET E 49 -25.72 11.46 -9.30
CA MET E 49 -26.08 12.81 -8.81
C MET E 49 -27.28 13.30 -9.59
N ASN E 50 -28.33 12.49 -9.56
CA ASN E 50 -29.52 12.65 -10.41
C ASN E 50 -29.09 12.68 -11.88
N LYS E 51 -28.04 11.93 -12.22
CA LYS E 51 -27.57 11.90 -13.60
C LYS E 51 -27.49 10.48 -14.11
N ALA E 52 -28.13 10.25 -15.25
CA ALA E 52 -28.20 8.96 -15.88
C ALA E 52 -26.83 8.57 -16.37
N PRO E 53 -26.53 7.27 -16.38
CA PRO E 53 -25.31 6.80 -16.99
C PRO E 53 -25.51 6.66 -18.52
N LEU E 54 -24.43 6.47 -19.27
CA LEU E 54 -24.54 6.30 -20.72
C LEU E 54 -24.53 4.81 -21.05
N ASP E 55 -25.60 4.33 -21.68
CA ASP E 55 -25.68 2.92 -22.02
C ASP E 55 -25.20 2.78 -23.45
N LEU E 56 -24.07 2.11 -23.63
CA LEU E 56 -23.48 1.95 -24.94
C LEU E 56 -24.18 0.85 -25.76
N LYS E 57 -25.01 0.06 -25.09
CA LYS E 57 -25.88 -0.93 -25.75
C LYS E 57 -25.09 -1.95 -26.56
N ASP E 58 -25.30 -1.97 -27.87
CA ASP E 58 -24.61 -2.92 -28.77
C ASP E 58 -23.28 -2.37 -29.31
N CYS E 59 -22.84 -1.25 -28.77
CA CYS E 59 -21.58 -0.62 -29.18
C CYS E 59 -20.50 -0.64 -28.09
N THR E 60 -19.26 -0.92 -28.48
CA THR E 60 -18.10 -0.75 -27.63
C THR E 60 -17.76 0.75 -27.58
N ILE E 61 -16.85 1.14 -26.68
CA ILE E 61 -16.37 2.53 -26.63
C ILE E 61 -15.80 2.99 -27.99
N GLU E 62 -15.01 2.13 -28.64
CA GLU E 62 -14.50 2.43 -29.98
C GLU E 62 -15.60 2.69 -31.01
N GLY E 63 -16.62 1.83 -31.04
CA GLY E 63 -17.72 1.97 -31.99
C GLY E 63 -18.43 3.30 -31.81
N TRP E 64 -18.65 3.64 -30.54
CA TRP E 64 -19.26 4.90 -30.18
C TRP E 64 -18.45 6.11 -30.66
N ILE E 65 -17.20 6.29 -30.22
CA ILE E 65 -16.57 7.59 -30.50
C ILE E 65 -15.90 7.71 -31.85
N LEU E 66 -15.69 6.61 -32.57
CA LEU E 66 -15.26 6.71 -33.95
C LEU E 66 -16.48 6.99 -34.85
N GLY E 67 -17.65 6.64 -34.33
CA GLY E 67 -18.89 6.84 -35.06
C GLY E 67 -19.20 5.70 -36.01
N ASN E 68 -18.94 4.47 -35.59
CA ASN E 68 -19.45 3.31 -36.29
C ASN E 68 -20.90 3.56 -36.74
N PRO E 69 -21.21 3.27 -38.02
CA PRO E 69 -22.52 3.60 -38.59
C PRO E 69 -23.66 2.92 -37.85
N LYS E 70 -23.42 1.79 -37.19
CA LYS E 70 -24.48 1.10 -36.46
C LYS E 70 -24.66 1.65 -35.05
N CYS E 71 -23.84 2.64 -34.71
CA CYS E 71 -23.85 3.26 -33.38
C CYS E 71 -24.53 4.63 -33.42
N ASP E 72 -25.38 4.82 -34.41
CA ASP E 72 -25.98 6.12 -34.65
C ASP E 72 -26.83 6.58 -33.48
N LEU E 73 -27.44 5.66 -32.76
CA LEU E 73 -28.24 6.06 -31.61
C LEU E 73 -27.39 6.85 -30.63
N LEU E 74 -26.16 6.44 -30.45
CA LEU E 74 -25.23 7.15 -29.58
C LEU E 74 -24.89 8.56 -30.10
N LEU E 75 -24.88 8.72 -31.41
CA LEU E 75 -24.29 9.87 -32.08
C LEU E 75 -24.86 11.21 -31.66
N GLY E 76 -23.99 12.20 -31.49
CA GLY E 76 -24.37 13.49 -30.94
C GLY E 76 -23.81 13.76 -29.56
N ASP E 77 -24.31 14.81 -28.90
CA ASP E 77 -23.85 15.18 -27.58
C ASP E 77 -24.22 14.15 -26.51
N GLN E 78 -23.34 13.97 -25.52
CA GLN E 78 -23.64 13.11 -24.39
C GLN E 78 -23.11 13.69 -23.09
N SER E 79 -23.82 13.43 -22.00
CA SER E 79 -23.36 13.78 -20.66
C SER E 79 -23.72 12.61 -19.76
N TRP E 80 -22.86 12.25 -18.81
CA TRP E 80 -23.07 10.99 -18.09
C TRP E 80 -22.43 10.96 -16.70
N SER E 81 -22.96 10.09 -15.86
CA SER E 81 -22.43 9.94 -14.50
C SER E 81 -21.45 8.79 -14.45
N TYR E 82 -21.46 7.94 -15.49
CA TYR E 82 -20.57 6.80 -15.65
C TYR E 82 -21.00 6.05 -16.90
N ILE E 83 -20.14 5.18 -17.42
CA ILE E 83 -20.43 4.49 -18.67
C ILE E 83 -20.68 3.02 -18.41
N VAL E 84 -21.71 2.48 -19.06
CA VAL E 84 -21.95 1.06 -19.07
C VAL E 84 -21.67 0.51 -20.49
N GLU E 85 -20.63 -0.31 -20.60
CA GLU E 85 -20.32 -1.05 -21.84
C GLU E 85 -20.74 -2.51 -21.64
N ARG E 86 -21.55 -3.02 -22.56
CA ARG E 86 -22.04 -4.40 -22.53
C ARG E 86 -20.96 -5.35 -23.06
N PRO E 87 -20.72 -6.45 -22.33
CA PRO E 87 -19.60 -7.34 -22.65
C PRO E 87 -19.70 -7.94 -24.04
N ASN E 88 -20.91 -8.18 -24.52
CA ASN E 88 -21.07 -8.77 -25.84
C ASN E 88 -21.34 -7.78 -26.96
N ALA E 89 -21.25 -6.49 -26.66
CA ALA E 89 -21.49 -5.45 -27.67
C ALA E 89 -20.68 -5.77 -28.93
N GLN E 90 -21.33 -5.69 -30.08
CA GLN E 90 -20.66 -6.16 -31.31
C GLN E 90 -20.18 -5.05 -32.21
N ASN E 91 -20.67 -3.83 -32.04
CA ASN E 91 -20.27 -2.76 -32.94
C ASN E 91 -19.09 -1.92 -32.43
N GLY E 92 -17.92 -2.18 -32.98
CA GLY E 92 -16.70 -1.50 -32.58
C GLY E 92 -15.94 -0.93 -33.77
N ILE E 93 -14.70 -1.37 -33.94
CA ILE E 93 -13.92 -1.04 -35.12
C ILE E 93 -14.37 -1.94 -36.25
N CYS E 94 -15.01 -1.37 -37.27
CA CYS E 94 -15.68 -2.18 -38.31
C CYS E 94 -14.75 -2.48 -39.47
N TYR E 95 -13.97 -1.49 -39.90
CA TYR E 95 -12.85 -1.71 -40.80
C TYR E 95 -11.59 -2.08 -39.98
N PRO E 96 -10.97 -3.26 -40.25
CA PRO E 96 -9.91 -3.82 -39.41
C PRO E 96 -8.70 -2.92 -39.29
N GLY E 97 -8.11 -2.91 -38.11
CA GLY E 97 -6.95 -2.10 -37.86
C GLY E 97 -6.84 -1.88 -36.37
N VAL E 98 -5.76 -1.21 -35.97
CA VAL E 98 -5.47 -0.97 -34.57
C VAL E 98 -5.82 0.46 -34.20
N LEU E 99 -6.61 0.64 -33.13
CA LEU E 99 -6.75 1.98 -32.57
C LEU E 99 -5.62 2.22 -31.57
N ASN E 100 -4.59 2.90 -32.07
CA ASN E 100 -3.37 3.15 -31.32
C ASN E 100 -3.56 3.88 -29.97
N GLU E 101 -2.80 3.45 -28.96
CA GLU E 101 -2.96 3.93 -27.59
C GLU E 101 -4.42 3.84 -27.12
N LEU E 102 -4.99 2.66 -27.30
CA LEU E 102 -6.38 2.41 -26.97
C LEU E 102 -6.67 2.53 -25.47
N GLU E 103 -5.81 1.92 -24.66
CA GLU E 103 -6.07 1.83 -23.22
C GLU E 103 -6.08 3.22 -22.62
N GLU E 104 -5.17 4.04 -23.12
CA GLU E 104 -4.97 5.42 -22.69
C GLU E 104 -6.15 6.32 -23.20
N LEU E 105 -6.68 6.02 -24.38
CA LEU E 105 -7.92 6.64 -24.84
C LEU E 105 -9.08 6.30 -23.92
N LYS E 106 -9.24 5.03 -23.56
CA LYS E 106 -10.33 4.55 -22.71
C LYS E 106 -10.23 5.24 -21.32
N ALA E 107 -9.01 5.45 -20.84
CA ALA E 107 -8.79 6.13 -19.57
C ALA E 107 -9.17 7.62 -19.63
N PHE E 108 -8.81 8.28 -20.72
CA PHE E 108 -9.19 9.69 -20.92
C PHE E 108 -10.71 9.90 -21.03
N ILE E 109 -11.37 9.04 -21.80
CA ILE E 109 -12.81 9.11 -21.97
C ILE E 109 -13.50 8.91 -20.61
N GLY E 110 -12.95 8.02 -19.80
CA GLY E 110 -13.49 7.72 -18.49
C GLY E 110 -13.50 8.92 -17.55
N SER E 111 -12.46 9.74 -17.64
CA SER E 111 -12.29 10.95 -16.83
C SER E 111 -13.34 12.03 -17.10
N GLY E 112 -13.92 12.00 -18.29
CA GLY E 112 -14.92 12.93 -18.74
C GLY E 112 -16.31 12.77 -18.15
N GLU E 113 -17.08 13.84 -18.19
CA GLU E 113 -18.50 13.83 -17.82
C GLU E 113 -19.42 14.16 -18.99
N ARG E 114 -18.86 14.70 -20.07
CA ARG E 114 -19.66 15.12 -21.21
C ARG E 114 -18.83 15.44 -22.46
N VAL E 115 -19.43 15.14 -23.62
CA VAL E 115 -18.86 15.55 -24.91
C VAL E 115 -19.90 16.26 -25.78
N GLU E 116 -19.42 17.21 -26.57
CA GLU E 116 -20.25 17.84 -27.59
C GLU E 116 -19.66 17.58 -28.96
N ARG E 117 -20.43 16.92 -29.81
CA ARG E 117 -19.98 16.55 -31.15
C ARG E 117 -20.10 17.75 -32.08
N PHE E 118 -19.07 18.01 -32.88
CA PHE E 118 -19.11 19.13 -33.82
C PHE E 118 -18.26 18.85 -35.07
N GLU E 119 -18.58 19.52 -36.17
CA GLU E 119 -17.80 19.38 -37.41
C GLU E 119 -16.47 20.14 -37.32
N MET E 120 -15.38 19.39 -37.15
CA MET E 120 -14.06 20.00 -37.03
C MET E 120 -13.50 20.40 -38.40
N PHE E 121 -13.64 19.53 -39.38
CA PHE E 121 -13.18 19.76 -40.75
C PHE E 121 -14.28 19.47 -41.76
N PRO E 122 -14.90 20.52 -42.31
CA PRO E 122 -15.82 20.30 -43.43
C PRO E 122 -15.13 19.57 -44.59
N LYS E 123 -15.89 18.82 -45.37
CA LYS E 123 -15.33 18.04 -46.47
C LYS E 123 -14.66 18.95 -47.48
N SER E 124 -15.17 20.17 -47.58
CA SER E 124 -14.69 21.16 -48.51
C SER E 124 -13.26 21.56 -48.18
N THR E 125 -12.81 21.19 -46.99
CA THR E 125 -11.49 21.56 -46.51
C THR E 125 -10.41 21.05 -47.44
N TRP E 126 -10.62 19.87 -47.99
CA TRP E 126 -9.60 19.22 -48.82
C TRP E 126 -9.91 19.44 -50.30
N ALA E 127 -8.96 19.99 -51.01
CA ALA E 127 -9.16 20.45 -52.37
C ALA E 127 -8.56 19.51 -53.40
N GLY E 128 -9.33 19.22 -54.44
CA GLY E 128 -8.87 18.41 -55.54
C GLY E 128 -8.99 16.92 -55.34
N VAL E 129 -9.65 16.51 -54.27
CA VAL E 129 -9.87 15.09 -54.00
C VAL E 129 -11.35 14.74 -53.93
N ASP E 130 -11.66 13.45 -53.92
CA ASP E 130 -13.03 13.00 -53.78
C ASP E 130 -13.31 12.70 -52.31
N THR E 131 -14.42 13.22 -51.80
CA THR E 131 -14.78 13.06 -50.41
C THR E 131 -16.10 12.26 -50.32
N SER E 132 -16.66 11.90 -51.47
CA SER E 132 -17.97 11.22 -51.48
C SER E 132 -17.91 9.71 -51.65
N ARG E 133 -16.72 9.14 -51.84
CA ARG E 133 -16.65 7.73 -52.20
C ARG E 133 -16.06 6.83 -51.11
N GLY E 134 -15.69 7.42 -49.98
CA GLY E 134 -14.99 6.70 -48.92
C GLY E 134 -15.84 5.80 -48.06
N VAL E 135 -16.49 4.82 -48.68
CA VAL E 135 -17.34 3.88 -47.94
C VAL E 135 -16.82 2.48 -48.15
N THR E 136 -17.31 1.53 -47.36
CA THR E 136 -16.81 0.16 -47.44
C THR E 136 -17.87 -0.80 -46.96
N ASN E 137 -17.92 -1.97 -47.60
CA ASN E 137 -18.84 -3.04 -47.19
C ASN E 137 -18.49 -3.65 -45.83
N ALA E 138 -17.37 -3.27 -45.24
CA ALA E 138 -17.03 -3.74 -43.89
C ALA E 138 -17.71 -2.89 -42.83
N CYS E 139 -18.17 -1.68 -43.21
CA CYS E 139 -18.84 -0.77 -42.29
C CYS E 139 -20.26 -0.43 -42.70
N PRO E 140 -21.16 -1.41 -42.67
CA PRO E 140 -22.52 -1.11 -43.10
C PRO E 140 -23.27 -0.32 -42.02
N SER E 141 -24.22 0.52 -42.41
CA SER E 141 -25.21 1.05 -41.46
C SER E 141 -26.33 0.04 -41.42
N TYR E 142 -27.38 0.30 -40.66
CA TYR E 142 -28.52 -0.59 -40.68
C TYR E 142 -29.28 -0.47 -42.01
N THR E 143 -29.13 0.67 -42.69
CA THR E 143 -29.88 0.91 -43.94
C THR E 143 -29.10 0.80 -45.26
N ILE E 144 -27.77 0.89 -45.19
CA ILE E 144 -26.96 0.68 -46.39
C ILE E 144 -25.83 -0.29 -46.16
N ASP E 145 -25.50 -1.04 -47.22
CA ASP E 145 -24.50 -2.08 -47.12
C ASP E 145 -23.08 -1.54 -47.02
N SER E 146 -22.86 -0.35 -47.55
CA SER E 146 -21.50 0.23 -47.59
C SER E 146 -21.44 1.65 -47.07
N SER E 147 -20.98 1.82 -45.83
CA SER E 147 -20.91 3.16 -45.23
C SER E 147 -19.52 3.42 -44.65
N PHE E 148 -19.42 4.33 -43.69
CA PHE E 148 -18.16 4.55 -43.02
C PHE E 148 -18.38 5.21 -41.66
N TYR E 149 -17.30 5.32 -40.88
CA TYR E 149 -17.35 6.04 -39.60
C TYR E 149 -17.89 7.45 -39.81
N ARG E 150 -18.72 7.94 -38.87
CA ARG E 150 -19.32 9.25 -39.06
C ARG E 150 -18.35 10.37 -38.68
N ASN E 151 -17.28 10.03 -37.98
CA ASN E 151 -16.36 11.06 -37.50
C ASN E 151 -15.11 11.16 -38.36
N LEU E 152 -15.07 10.38 -39.44
CA LEU E 152 -13.94 10.36 -40.33
C LEU E 152 -14.36 10.45 -41.80
N VAL E 153 -13.46 10.92 -42.63
CA VAL E 153 -13.68 10.85 -44.08
C VAL E 153 -12.56 10.09 -44.75
N TRP E 154 -12.93 8.99 -45.38
CA TRP E 154 -11.99 8.23 -46.18
C TRP E 154 -11.84 8.92 -47.54
N ILE E 155 -10.81 9.74 -47.68
CA ILE E 155 -10.56 10.54 -48.87
C ILE E 155 -9.90 9.73 -49.98
N VAL E 156 -10.44 9.81 -51.19
CA VAL E 156 -9.92 9.05 -52.34
C VAL E 156 -9.66 9.94 -53.56
N LYS E 157 -8.87 9.45 -54.51
CA LYS E 157 -8.62 10.14 -55.79
C LYS E 157 -9.89 10.62 -56.50
N THR E 158 -9.84 11.83 -57.06
CA THR E 158 -10.83 12.23 -58.04
C THR E 158 -10.67 11.36 -59.30
N ASP E 159 -11.78 11.03 -59.95
CA ASP E 159 -11.81 10.15 -61.12
C ASP E 159 -10.68 10.47 -62.09
N SER E 160 -10.43 11.75 -62.28
CA SER E 160 -9.22 12.17 -62.95
C SER E 160 -8.13 12.35 -61.91
N ALA E 161 -7.08 11.56 -62.04
CA ALA E 161 -5.88 11.68 -61.22
C ALA E 161 -5.36 13.14 -61.22
N THR E 162 -4.44 13.52 -60.35
CA THR E 162 -3.84 12.69 -59.32
C THR E 162 -4.38 13.09 -57.96
N TYR E 163 -3.86 12.48 -56.93
CA TYR E 163 -4.16 12.87 -55.55
C TYR E 163 -3.17 13.95 -55.15
N PRO E 164 -3.62 15.21 -55.05
CA PRO E 164 -2.71 16.34 -54.73
C PRO E 164 -2.37 16.46 -53.25
N VAL E 165 -1.40 17.32 -52.93
CA VAL E 165 -1.19 17.70 -51.54
C VAL E 165 -2.48 18.39 -51.07
N ILE E 166 -3.03 17.91 -49.96
CA ILE E 166 -4.18 18.54 -49.34
C ILE E 166 -3.80 19.04 -47.96
N LYS E 167 -4.52 20.04 -47.48
CA LYS E 167 -4.15 20.78 -46.29
C LYS E 167 -5.37 21.26 -45.54
N GLY E 168 -5.30 21.23 -44.21
CA GLY E 168 -6.37 21.74 -43.40
C GLY E 168 -5.82 22.18 -42.05
N THR E 169 -6.47 23.19 -41.47
CA THR E 169 -6.02 23.70 -40.18
C THR E 169 -7.25 23.95 -39.35
N TYR E 170 -7.11 23.77 -38.04
CA TYR E 170 -8.17 24.11 -37.12
C TYR E 170 -7.56 24.71 -35.85
N ASN E 171 -8.06 25.88 -35.49
CA ASN E 171 -7.58 26.55 -34.33
C ASN E 171 -8.61 26.50 -33.22
N ASN E 172 -8.28 25.81 -32.14
CA ASN E 172 -9.17 25.72 -30.98
C ASN E 172 -9.23 27.05 -30.24
N THR E 173 -10.23 27.86 -30.60
CA THR E 173 -10.50 29.15 -29.98
C THR E 173 -11.31 28.98 -28.70
N GLY E 174 -11.86 27.80 -28.53
CA GLY E 174 -12.79 27.53 -27.44
C GLY E 174 -12.14 27.40 -26.07
N THR E 175 -12.98 27.03 -25.11
CA THR E 175 -12.57 26.87 -23.71
C THR E 175 -12.17 25.43 -23.40
N GLN E 176 -12.67 24.50 -24.21
CA GLN E 176 -12.61 23.09 -23.91
C GLN E 176 -11.60 22.33 -24.78
N PRO E 177 -10.97 21.28 -24.20
CA PRO E 177 -10.08 20.43 -24.99
C PRO E 177 -10.88 19.75 -26.10
N ILE E 178 -10.25 19.45 -27.24
CA ILE E 178 -10.96 18.74 -28.30
C ILE E 178 -10.35 17.35 -28.52
N LEU E 179 -11.22 16.34 -28.47
CA LEU E 179 -10.84 14.96 -28.74
C LEU E 179 -11.19 14.61 -30.17
N TYR E 180 -10.19 14.20 -30.94
CA TYR E 180 -10.43 13.92 -32.35
C TYR E 180 -9.63 12.74 -32.83
N PHE E 181 -9.92 12.33 -34.06
CA PHE E 181 -9.48 11.06 -34.60
C PHE E 181 -9.04 11.18 -36.06
N TRP E 182 -8.10 10.34 -36.46
CA TRP E 182 -7.72 10.23 -37.88
C TRP E 182 -7.15 8.85 -38.08
N GLY E 183 -6.82 8.55 -39.31
CA GLY E 183 -6.39 7.22 -39.70
C GLY E 183 -5.45 7.28 -40.89
N VAL E 184 -4.75 6.17 -41.11
CA VAL E 184 -3.88 5.99 -42.26
C VAL E 184 -4.27 4.68 -42.89
N HIS E 185 -4.63 4.73 -44.17
CA HIS E 185 -4.99 3.52 -44.89
C HIS E 185 -3.77 2.73 -45.36
N HIS E 186 -3.79 1.41 -45.15
CA HIS E 186 -2.67 0.54 -45.54
C HIS E 186 -3.20 -0.54 -46.48
N PRO E 187 -3.21 -0.26 -47.79
CA PRO E 187 -3.75 -1.21 -48.77
C PRO E 187 -3.06 -2.60 -48.77
N LEU E 188 -3.80 -3.60 -49.20
CA LEU E 188 -3.27 -4.96 -49.25
C LEU E 188 -2.34 -5.11 -50.47
N ASP E 189 -2.59 -4.31 -51.51
CA ASP E 189 -1.91 -4.34 -52.84
C ASP E 189 -1.32 -3.01 -53.23
N THR E 190 -0.44 -3.02 -54.22
CA THR E 190 -0.07 -1.77 -54.90
C THR E 190 -1.15 -1.39 -55.92
N THR E 191 -2.03 -2.34 -56.23
CA THR E 191 -3.13 -2.06 -57.14
C THR E 191 -4.22 -1.23 -56.47
N VAL E 192 -4.51 -1.54 -55.21
CA VAL E 192 -5.45 -0.74 -54.44
C VAL E 192 -4.81 0.61 -54.18
N GLN E 193 -3.53 0.62 -53.82
CA GLN E 193 -2.83 1.88 -53.58
C GLN E 193 -2.94 2.81 -54.78
N ASP E 194 -2.60 2.29 -55.96
CA ASP E 194 -2.61 3.11 -57.18
C ASP E 194 -4.03 3.53 -57.57
N ASN E 195 -5.01 2.66 -57.39
CA ASN E 195 -6.37 3.04 -57.75
C ASN E 195 -6.99 4.10 -56.83
N LEU E 196 -6.80 3.97 -55.52
CA LEU E 196 -7.38 4.92 -54.57
C LEU E 196 -6.60 6.22 -54.54
N TYR E 197 -5.29 6.11 -54.56
CA TYR E 197 -4.42 7.25 -54.35
C TYR E 197 -3.52 7.34 -55.55
N GLY E 198 -2.58 8.27 -55.58
CA GLY E 198 -1.78 8.33 -56.80
C GLY E 198 -0.80 7.17 -56.99
N SER E 199 0.14 7.36 -57.91
CA SER E 199 1.40 6.65 -57.79
C SER E 199 2.25 7.64 -57.02
N GLY E 200 3.38 7.20 -56.48
CA GLY E 200 4.27 8.09 -55.76
C GLY E 200 4.31 7.82 -54.27
N ASP E 201 5.31 8.36 -53.57
CA ASP E 201 5.45 8.14 -52.13
C ASP E 201 4.45 8.97 -51.32
N LYS E 202 3.57 8.31 -50.59
CA LYS E 202 2.50 8.98 -49.86
C LYS E 202 2.85 9.13 -48.37
N TYR E 203 2.41 10.24 -47.80
CA TYR E 203 2.60 10.52 -46.38
C TYR E 203 1.35 11.15 -45.77
N VAL E 204 1.26 11.08 -44.44
CA VAL E 204 0.23 11.75 -43.70
C VAL E 204 0.93 12.42 -42.53
N ARG E 205 0.94 13.74 -42.56
CA ARG E 205 1.61 14.47 -41.51
C ARG E 205 0.65 15.41 -40.79
N MET E 206 0.78 15.44 -39.47
CA MET E 206 -0.03 16.33 -38.66
C MET E 206 0.80 16.91 -37.56
N GLY E 207 0.44 18.11 -37.12
CA GLY E 207 1.18 18.79 -36.07
C GLY E 207 0.42 19.91 -35.40
N THR E 208 0.74 20.12 -34.14
CA THR E 208 0.21 21.21 -33.36
C THR E 208 1.42 21.91 -32.75
N GLU E 209 1.17 22.86 -31.85
CA GLU E 209 2.23 23.50 -31.07
C GLU E 209 3.02 22.48 -30.25
N SER E 210 2.40 21.35 -29.92
CA SER E 210 3.04 20.41 -28.98
C SER E 210 3.09 18.95 -29.44
N MET E 211 2.45 18.64 -30.57
CA MET E 211 2.34 17.28 -31.07
C MET E 211 2.87 17.22 -32.52
N ASN E 212 3.62 16.15 -32.84
CA ASN E 212 4.12 15.84 -34.18
C ASN E 212 3.70 14.45 -34.63
N PHE E 213 3.21 14.32 -35.85
CA PHE E 213 2.81 13.03 -36.38
C PHE E 213 3.25 12.83 -37.82
N ALA E 214 3.78 11.65 -38.13
CA ALA E 214 4.18 11.31 -39.50
C ALA E 214 4.07 9.81 -39.74
N LYS E 215 3.37 9.44 -40.80
CA LYS E 215 3.14 8.05 -41.17
C LYS E 215 3.05 7.93 -42.69
N SER E 216 3.55 6.83 -43.24
CA SER E 216 3.36 6.52 -44.66
C SER E 216 2.84 5.09 -44.77
N PRO E 217 2.19 4.77 -45.89
CA PRO E 217 1.56 3.45 -46.01
C PRO E 217 2.53 2.26 -46.03
N GLU E 218 2.03 1.15 -45.51
CA GLU E 218 2.75 -0.10 -45.27
C GLU E 218 1.97 -1.18 -46.01
N ILE E 219 2.28 -1.37 -47.28
CA ILE E 219 1.43 -2.20 -48.11
C ILE E 219 1.77 -3.69 -47.97
N ALA E 220 0.75 -4.47 -47.64
CA ALA E 220 0.87 -5.92 -47.50
C ALA E 220 -0.51 -6.50 -47.24
N ALA E 221 -0.68 -7.77 -47.51
CA ALA E 221 -1.96 -8.40 -47.25
C ALA E 221 -1.96 -9.04 -45.88
N ARG E 222 -2.84 -8.56 -45.01
CA ARG E 222 -3.05 -9.12 -43.68
C ARG E 222 -4.16 -10.15 -43.77
N PRO E 223 -4.29 -11.05 -42.79
CA PRO E 223 -5.41 -11.99 -42.93
C PRO E 223 -6.74 -11.26 -43.00
N ALA E 224 -7.70 -11.83 -43.75
CA ALA E 224 -9.01 -11.22 -43.94
C ALA E 224 -9.75 -11.03 -42.61
N VAL E 225 -10.21 -9.81 -42.36
CA VAL E 225 -11.15 -9.55 -41.25
C VAL E 225 -12.30 -8.73 -41.82
N ASN E 226 -13.53 -9.21 -41.69
CA ASN E 226 -14.68 -8.58 -42.37
C ASN E 226 -14.40 -8.38 -43.86
N ASP E 227 -13.87 -9.43 -44.50
CA ASP E 227 -13.46 -9.45 -45.91
C ASP E 227 -12.40 -8.42 -46.31
N GLN E 228 -11.64 -7.91 -45.33
CA GLN E 228 -10.62 -6.92 -45.64
C GLN E 228 -9.23 -7.42 -45.25
N ARG E 229 -8.32 -7.41 -46.23
CA ARG E 229 -6.92 -7.77 -46.00
C ARG E 229 -6.09 -6.50 -45.94
N SER E 230 -6.73 -5.37 -46.24
CA SER E 230 -6.14 -4.07 -45.96
C SER E 230 -6.38 -3.74 -44.48
N ARG E 231 -5.71 -2.70 -43.98
CA ARG E 231 -5.91 -2.24 -42.62
C ARG E 231 -5.97 -0.72 -42.59
N ILE E 232 -6.59 -0.18 -41.55
CA ILE E 232 -6.46 1.22 -41.22
C ILE E 232 -5.79 1.32 -39.85
N ASP E 233 -4.73 2.13 -39.75
CA ASP E 233 -4.21 2.50 -38.44
C ASP E 233 -5.02 3.69 -37.95
N TYR E 234 -5.69 3.54 -36.81
CA TYR E 234 -6.45 4.66 -36.25
C TYR E 234 -5.65 5.40 -35.18
N TYR E 235 -5.83 6.71 -35.15
CA TYR E 235 -5.19 7.51 -34.13
C TYR E 235 -6.14 8.48 -33.43
N TRP E 236 -5.81 8.85 -32.19
CA TRP E 236 -6.57 9.90 -31.52
C TRP E 236 -5.61 10.88 -30.92
N SER E 237 -6.11 12.07 -30.63
CA SER E 237 -5.35 13.02 -29.85
C SER E 237 -6.27 14.03 -29.17
N VAL E 238 -5.65 14.98 -28.46
CA VAL E 238 -6.41 16.03 -27.78
C VAL E 238 -5.85 17.42 -28.08
N LEU E 239 -6.66 18.22 -28.77
CA LEU E 239 -6.26 19.58 -29.14
C LEU E 239 -6.60 20.52 -27.98
N ARG E 240 -5.59 20.96 -27.25
CA ARG E 240 -5.80 21.83 -26.08
C ARG E 240 -6.40 23.19 -26.46
N PRO E 241 -7.05 23.87 -25.50
CA PRO E 241 -7.53 25.21 -25.83
C PRO E 241 -6.37 26.11 -26.26
N GLY E 242 -6.60 26.93 -27.26
CA GLY E 242 -5.56 27.80 -27.79
C GLY E 242 -4.66 27.15 -28.82
N GLU E 243 -4.73 25.82 -28.94
CA GLU E 243 -3.83 25.12 -29.87
C GLU E 243 -4.43 24.97 -31.27
N THR E 244 -3.55 24.99 -32.27
CA THR E 244 -3.97 24.82 -33.66
C THR E 244 -3.47 23.49 -34.21
N LEU E 245 -4.32 22.82 -34.98
CA LEU E 245 -3.96 21.60 -35.68
C LEU E 245 -3.70 21.85 -37.18
N ASN E 246 -2.52 21.46 -37.68
CA ASN E 246 -2.27 21.46 -39.15
C ASN E 246 -2.26 20.05 -39.73
N VAL E 247 -3.05 19.84 -40.78
CA VAL E 247 -3.09 18.55 -41.46
C VAL E 247 -2.49 18.66 -42.87
N GLU E 248 -1.70 17.67 -43.25
CA GLU E 248 -1.12 17.68 -44.58
C GLU E 248 -0.87 16.26 -45.04
N SER E 249 -1.47 15.93 -46.18
CA SER E 249 -1.31 14.62 -46.76
C SER E 249 -1.19 14.67 -48.27
N ASN E 250 -0.74 13.53 -48.77
CA ASN E 250 -0.40 13.25 -50.15
C ASN E 250 -1.28 12.09 -50.67
N GLY E 251 -1.82 11.33 -49.72
CA GLY E 251 -2.71 10.22 -50.00
C GLY E 251 -2.77 9.30 -48.78
N ASN E 252 -3.79 8.44 -48.69
CA ASN E 252 -3.91 7.44 -47.61
C ASN E 252 -4.39 8.04 -46.29
N LEU E 253 -4.80 9.30 -46.31
CA LEU E 253 -5.28 9.95 -45.10
C LEU E 253 -6.73 9.62 -44.89
N ILE E 254 -7.05 9.19 -43.68
CA ILE E 254 -8.43 9.11 -43.29
C ILE E 254 -8.65 10.30 -42.38
N ALA E 255 -9.36 11.28 -42.92
CA ALA E 255 -9.43 12.60 -42.34
C ALA E 255 -10.30 12.72 -41.09
N PRO E 256 -9.91 13.60 -40.18
CA PRO E 256 -10.83 13.90 -39.08
C PRO E 256 -12.01 14.62 -39.70
N TRP E 257 -13.23 14.26 -39.37
CA TRP E 257 -14.38 15.01 -39.87
C TRP E 257 -15.12 15.70 -38.69
N TYR E 258 -15.57 14.88 -37.75
CA TYR E 258 -16.29 15.37 -36.58
C TYR E 258 -15.44 14.99 -35.38
N ALA E 259 -15.48 15.85 -34.36
CA ALA E 259 -14.69 15.70 -33.13
C ALA E 259 -15.55 16.13 -31.95
N TYR E 260 -14.99 15.98 -30.75
CA TYR E 260 -15.73 16.28 -29.53
C TYR E 260 -15.07 17.34 -28.65
N LYS E 261 -15.83 18.37 -28.32
CA LYS E 261 -15.52 19.20 -27.17
C LYS E 261 -15.69 18.31 -25.96
N PHE E 262 -14.63 18.22 -25.15
CA PHE E 262 -14.59 17.26 -24.03
C PHE E 262 -14.60 17.99 -22.68
N VAL E 263 -15.51 17.63 -21.78
CA VAL E 263 -15.45 18.24 -20.44
C VAL E 263 -15.15 17.20 -19.37
N SER E 264 -14.15 17.52 -18.56
CA SER E 264 -13.72 16.68 -17.44
C SER E 264 -14.41 17.08 -16.14
N LYS E 267 -13.19 14.70 -10.65
CA LYS E 267 -13.94 13.77 -9.82
C LYS E 267 -13.51 12.33 -10.12
N LYS E 268 -14.44 11.41 -9.96
CA LYS E 268 -14.22 9.98 -10.16
C LYS E 268 -14.96 9.46 -11.39
N GLY E 269 -14.23 8.96 -12.37
CA GLY E 269 -14.86 8.40 -13.55
C GLY E 269 -15.02 6.90 -13.45
N ALA E 270 -16.04 6.38 -14.13
CA ALA E 270 -16.28 4.94 -14.14
C ALA E 270 -16.78 4.47 -15.50
N VAL E 271 -16.10 3.44 -16.02
CA VAL E 271 -16.62 2.65 -17.11
C VAL E 271 -16.89 1.26 -16.59
N PHE E 272 -18.16 0.92 -16.44
CA PHE E 272 -18.55 -0.38 -15.93
C PHE E 272 -18.85 -1.35 -17.06
N LYS E 273 -18.14 -2.48 -17.11
CA LYS E 273 -18.42 -3.51 -18.09
C LYS E 273 -19.37 -4.54 -17.49
N SER E 274 -20.62 -4.47 -17.88
CA SER E 274 -21.65 -5.24 -17.19
C SER E 274 -22.90 -5.40 -18.04
N ASP E 275 -23.70 -6.43 -17.74
CA ASP E 275 -24.95 -6.68 -18.46
C ASP E 275 -26.18 -6.33 -17.63
N LEU E 276 -25.95 -5.76 -16.45
CA LEU E 276 -27.04 -5.38 -15.55
C LEU E 276 -27.93 -4.29 -16.13
N PRO E 277 -29.22 -4.28 -15.76
CA PRO E 277 -30.16 -3.28 -16.31
C PRO E 277 -29.99 -1.87 -15.74
N ILE E 278 -30.22 -0.87 -16.58
CA ILE E 278 -30.33 0.51 -16.12
C ILE E 278 -31.81 0.85 -15.92
N GLU E 279 -32.15 1.26 -14.71
CA GLU E 279 -33.54 1.49 -14.36
C GLU E 279 -33.74 2.91 -13.93
N ASN E 280 -35.00 3.31 -13.85
CA ASN E 280 -35.36 4.70 -13.56
C ASN E 280 -35.25 5.01 -12.08
N CYS E 281 -34.07 4.78 -11.54
CA CYS E 281 -33.83 4.71 -10.10
C CYS E 281 -32.73 5.70 -9.75
N ASP E 282 -32.73 6.20 -8.52
CA ASP E 282 -31.68 7.09 -8.07
C ASP E 282 -30.85 6.43 -6.97
N ALA E 283 -29.60 6.87 -6.85
CA ALA E 283 -28.67 6.24 -5.91
C ALA E 283 -27.56 7.17 -5.52
N THR E 284 -26.85 6.78 -4.46
CA THR E 284 -25.74 7.52 -3.92
C THR E 284 -24.43 6.75 -4.11
N CYS E 285 -24.54 5.43 -4.06
CA CYS E 285 -23.40 4.55 -4.24
C CYS E 285 -23.70 3.50 -5.29
N GLN E 286 -22.97 3.54 -6.39
CA GLN E 286 -23.13 2.55 -7.45
C GLN E 286 -21.89 1.69 -7.63
N THR E 287 -22.07 0.40 -7.46
CA THR E 287 -21.04 -0.62 -7.63
C THR E 287 -21.20 -1.28 -9.02
N ILE E 288 -20.12 -1.86 -9.58
CA ILE E 288 -20.19 -2.54 -10.88
C ILE E 288 -21.17 -3.72 -10.82
N THR E 289 -21.42 -4.25 -9.62
CA THR E 289 -22.39 -5.35 -9.46
C THR E 289 -23.70 -4.88 -8.81
N GLY E 290 -23.88 -3.57 -8.66
CA GLY E 290 -25.14 -3.08 -8.18
C GLY E 290 -25.11 -1.94 -7.17
N VAL E 291 -26.30 -1.43 -6.86
CA VAL E 291 -26.43 -0.30 -5.95
C VAL E 291 -26.27 -0.74 -4.51
N LEU E 292 -25.55 0.04 -3.71
CA LEU E 292 -25.57 -0.12 -2.27
C LEU E 292 -26.41 1.00 -1.70
N ARG E 293 -27.49 0.65 -1.02
CA ARG E 293 -28.27 1.62 -0.29
C ARG E 293 -28.08 1.27 1.16
N THR E 294 -27.29 2.05 1.87
CA THR E 294 -26.81 1.57 3.17
C THR E 294 -26.14 2.67 3.98
N ASN E 295 -26.15 2.50 5.30
CA ASN E 295 -25.45 3.41 6.20
C ASN E 295 -24.16 2.79 6.75
N LYS E 296 -23.93 1.54 6.40
CA LYS E 296 -22.80 0.82 6.96
C LYS E 296 -21.43 1.34 6.48
N THR E 297 -20.39 1.00 7.24
CA THR E 297 -19.01 1.49 7.07
C THR E 297 -18.22 0.66 6.06
N PHE E 298 -18.50 -0.64 6.05
CA PHE E 298 -17.80 -1.56 5.18
C PHE E 298 -18.77 -2.24 4.23
N GLN E 299 -18.26 -2.73 3.12
CA GLN E 299 -19.08 -3.49 2.20
C GLN E 299 -18.29 -4.63 1.54
N ASN E 300 -18.92 -5.77 1.34
CA ASN E 300 -18.19 -6.85 0.71
C ASN E 300 -18.64 -7.08 -0.73
N VAL E 301 -19.22 -6.05 -1.33
CA VAL E 301 -19.83 -6.22 -2.64
C VAL E 301 -18.84 -6.09 -3.79
N SER E 302 -18.16 -4.94 -3.88
CA SER E 302 -17.17 -4.76 -4.94
C SER E 302 -16.24 -3.59 -4.66
N PRO E 303 -14.96 -3.74 -5.04
CA PRO E 303 -13.95 -2.67 -5.00
C PRO E 303 -14.15 -1.62 -6.11
N LEU E 304 -15.07 -1.87 -7.03
CA LEU E 304 -15.28 -0.98 -8.17
C LEU E 304 -16.59 -0.24 -8.08
N TRP E 305 -16.51 1.07 -7.89
CA TRP E 305 -17.73 1.82 -7.63
C TRP E 305 -17.56 3.27 -7.97
N ILE E 306 -18.69 3.96 -8.05
CA ILE E 306 -18.73 5.40 -8.17
C ILE E 306 -19.76 5.94 -7.14
N GLY E 307 -19.53 7.15 -6.62
CA GLY E 307 -20.38 7.75 -5.60
C GLY E 307 -19.74 7.66 -4.22
N GLU E 308 -20.53 7.85 -3.16
CA GLU E 308 -20.00 7.66 -1.80
C GLU E 308 -20.34 6.27 -1.28
N CYS E 309 -19.39 5.35 -1.34
CA CYS E 309 -19.68 3.97 -0.98
C CYS E 309 -18.96 3.61 0.32
N PRO E 310 -19.39 2.53 1.00
CA PRO E 310 -18.60 2.03 2.14
C PRO E 310 -17.28 1.44 1.64
N LYS E 311 -16.31 1.27 2.53
CA LYS E 311 -15.02 0.67 2.17
C LYS E 311 -15.12 -0.82 1.87
N TYR E 312 -14.49 -1.22 0.77
CA TYR E 312 -14.46 -2.60 0.37
C TYR E 312 -13.46 -3.44 1.20
N VAL E 313 -13.92 -4.59 1.70
CA VAL E 313 -13.09 -5.55 2.41
C VAL E 313 -13.60 -6.94 2.06
N LYS E 314 -12.79 -7.96 2.27
CA LYS E 314 -13.19 -9.34 1.96
C LYS E 314 -13.97 -10.03 3.08
N SER E 315 -14.20 -9.32 4.19
CA SER E 315 -14.91 -9.87 5.32
C SER E 315 -16.35 -10.29 5.01
N GLU E 316 -16.78 -11.38 5.62
CA GLU E 316 -18.17 -11.81 5.66
C GLU E 316 -19.11 -10.96 6.53
N SER E 317 -18.59 -10.55 7.69
CA SER E 317 -19.31 -9.82 8.73
C SER E 317 -18.33 -9.10 9.63
N LEU E 318 -18.70 -7.90 10.08
CA LEU E 318 -17.85 -7.12 10.98
C LEU E 318 -18.70 -6.58 12.14
N ARG E 319 -19.12 -7.48 13.02
CA ARG E 319 -20.06 -7.10 14.05
C ARG E 319 -19.33 -6.70 15.35
N LEU E 320 -19.53 -5.45 15.77
CA LEU E 320 -18.99 -4.89 17.01
C LEU E 320 -19.97 -5.12 18.14
N ALA E 321 -19.49 -5.71 19.21
CA ALA E 321 -20.24 -5.73 20.47
C ALA E 321 -20.40 -4.31 20.97
N THR E 322 -21.62 -3.96 21.37
CA THR E 322 -21.86 -2.72 22.08
C THR E 322 -22.34 -3.02 23.53
N GLY E 323 -23.24 -3.99 23.65
CA GLY E 323 -23.72 -4.41 24.96
C GLY E 323 -22.77 -5.41 25.57
N LEU E 324 -23.27 -6.27 26.45
CA LEU E 324 -22.37 -7.12 27.19
C LEU E 324 -22.68 -8.59 26.97
N ARG E 325 -21.87 -9.46 27.57
CA ARG E 325 -22.08 -10.90 27.44
C ARG E 325 -23.49 -11.28 27.90
N ASN E 326 -24.25 -11.98 27.05
CA ASN E 326 -25.65 -12.27 27.36
C ASN E 326 -25.77 -13.59 28.14
N VAL E 327 -26.14 -13.52 29.41
CA VAL E 327 -26.27 -14.75 30.20
C VAL E 327 -27.64 -14.82 30.88
N PRO E 328 -28.71 -15.06 30.10
CA PRO E 328 -30.07 -15.13 30.65
C PRO E 328 -30.29 -16.37 31.50
N GLN E 329 -31.24 -16.31 32.44
CA GLN E 329 -31.66 -17.46 33.24
C GLN E 329 -33.09 -17.88 32.87
N GLY F 1 -14.55 -13.54 33.66
CA GLY F 1 -14.29 -12.29 32.99
C GLY F 1 -13.02 -11.71 33.53
N ILE F 2 -12.44 -10.73 32.85
CA ILE F 2 -11.19 -10.12 33.33
C ILE F 2 -11.34 -9.41 34.68
N PHE F 3 -12.46 -8.72 34.88
CA PHE F 3 -12.76 -8.15 36.18
C PHE F 3 -13.55 -9.10 37.06
N GLY F 4 -13.88 -10.26 36.52
CA GLY F 4 -14.43 -11.37 37.28
C GLY F 4 -15.87 -11.32 37.77
N ALA F 5 -16.62 -10.25 37.43
CA ALA F 5 -18.01 -10.12 37.86
C ALA F 5 -18.96 -10.82 36.89
N ILE F 6 -18.96 -10.38 35.62
CA ILE F 6 -19.86 -10.95 34.61
C ILE F 6 -19.49 -12.40 34.27
N ALA F 7 -20.49 -13.30 34.30
CA ALA F 7 -20.25 -14.74 34.13
C ALA F 7 -19.13 -15.23 35.05
N GLY F 8 -19.07 -14.60 36.23
CA GLY F 8 -18.03 -14.79 37.20
C GLY F 8 -18.71 -14.93 38.54
N PHE F 9 -18.32 -14.13 39.53
CA PHE F 9 -18.92 -14.29 40.84
C PHE F 9 -20.39 -13.85 40.81
N ILE F 10 -20.79 -13.06 39.81
CA ILE F 10 -22.21 -12.82 39.54
C ILE F 10 -22.55 -13.70 38.36
N GLU F 11 -23.16 -14.84 38.66
CA GLU F 11 -23.14 -15.99 37.76
C GLU F 11 -23.95 -15.77 36.48
N GLY F 12 -24.98 -14.94 36.57
CA GLY F 12 -25.83 -14.74 35.41
C GLY F 12 -26.34 -13.33 35.32
N GLY F 13 -27.01 -13.02 34.22
CA GLY F 13 -27.58 -11.71 34.04
C GLY F 13 -29.04 -11.71 34.43
N TRP F 14 -29.69 -10.56 34.30
CA TRP F 14 -31.07 -10.40 34.71
C TRP F 14 -31.96 -10.01 33.54
N THR F 15 -32.69 -10.98 32.98
CA THR F 15 -33.70 -10.66 31.95
C THR F 15 -34.74 -9.69 32.48
N GLY F 16 -34.90 -9.67 33.81
CA GLY F 16 -35.88 -8.80 34.41
C GLY F 16 -35.49 -7.34 34.41
N MET F 17 -34.19 -7.05 34.34
CA MET F 17 -33.74 -5.67 34.38
C MET F 17 -33.63 -5.14 32.96
N ILE F 18 -34.67 -4.42 32.56
CA ILE F 18 -35.00 -4.09 31.16
C ILE F 18 -34.47 -2.71 30.77
N ASP F 19 -34.29 -1.84 31.75
CA ASP F 19 -34.06 -0.45 31.44
C ASP F 19 -32.60 0.00 31.59
N GLY F 20 -31.68 -0.95 31.77
CA GLY F 20 -30.28 -0.60 31.92
C GLY F 20 -29.33 -1.74 31.66
N TRP F 21 -28.06 -1.43 31.41
CA TRP F 21 -26.97 -2.42 31.40
C TRP F 21 -26.56 -3.00 32.77
N TYR F 22 -26.46 -2.11 33.78
CA TYR F 22 -26.01 -2.44 35.15
C TYR F 22 -27.03 -1.91 36.13
N GLY F 23 -27.15 -2.57 37.27
CA GLY F 23 -28.18 -2.18 38.21
C GLY F 23 -28.37 -3.06 39.41
N TYR F 24 -29.51 -2.86 40.07
CA TYR F 24 -29.83 -3.45 41.35
C TYR F 24 -31.07 -4.32 41.39
N HIS F 25 -30.96 -5.42 42.12
CA HIS F 25 -32.07 -6.29 42.46
C HIS F 25 -32.24 -6.27 43.98
N HIS F 26 -33.42 -5.87 44.46
CA HIS F 26 -33.66 -5.87 45.90
C HIS F 26 -34.75 -6.83 46.30
N GLU F 27 -34.75 -7.24 47.56
CA GLU F 27 -35.88 -7.95 48.11
C GLU F 27 -36.19 -7.44 49.51
N ASN F 28 -37.44 -7.13 49.78
CA ASN F 28 -37.84 -6.74 51.12
C ASN F 28 -39.32 -7.04 51.34
N SER F 29 -39.78 -6.85 52.56
CA SER F 29 -41.15 -7.15 52.98
C SER F 29 -42.18 -6.50 52.04
N GLN F 30 -41.79 -5.40 51.40
CA GLN F 30 -42.70 -4.68 50.49
C GLN F 30 -42.67 -5.26 49.08
N GLY F 31 -41.73 -6.17 48.81
CA GLY F 31 -41.60 -6.75 47.50
C GLY F 31 -40.18 -6.97 47.02
N SER F 32 -40.04 -7.12 45.72
CA SER F 32 -38.75 -7.31 45.08
C SER F 32 -38.80 -6.74 43.68
N GLY F 33 -37.64 -6.42 43.12
CA GLY F 33 -37.60 -5.98 41.73
C GLY F 33 -36.24 -5.52 41.26
N TYR F 34 -36.26 -4.80 40.13
CA TYR F 34 -35.05 -4.42 39.39
C TYR F 34 -35.04 -2.93 39.17
N ALA F 35 -33.84 -2.34 39.21
CA ALA F 35 -33.65 -0.93 38.87
C ALA F 35 -32.24 -0.72 38.30
N ALA F 36 -32.19 -0.14 37.11
CA ALA F 36 -30.92 0.18 36.45
C ALA F 36 -30.20 1.27 37.21
N ASP F 37 -28.88 1.18 37.26
CA ASP F 37 -28.10 2.32 37.71
C ASP F 37 -27.94 3.21 36.50
N ARG F 38 -28.59 4.37 36.57
CA ARG F 38 -28.73 5.25 35.43
C ARG F 38 -27.42 5.93 35.08
N GLU F 39 -26.65 6.32 36.09
CA GLU F 39 -25.42 7.09 35.84
C GLU F 39 -24.35 6.23 35.18
N SER F 40 -24.07 5.05 35.73
CA SER F 40 -23.05 4.21 35.12
C SER F 40 -23.50 3.68 33.75
N THR F 41 -24.81 3.42 33.59
CA THR F 41 -25.32 2.92 32.33
C THR F 41 -25.15 3.96 31.23
N GLN F 42 -25.50 5.20 31.51
CA GLN F 42 -25.37 6.25 30.51
C GLN F 42 -23.91 6.55 30.18
N LYS F 43 -23.03 6.48 31.18
CA LYS F 43 -21.62 6.73 30.95
C LYS F 43 -21.04 5.65 30.03
N ALA F 44 -21.46 4.39 30.20
CA ALA F 44 -21.02 3.30 29.33
C ALA F 44 -21.54 3.48 27.91
N ILE F 45 -22.84 3.77 27.77
CA ILE F 45 -23.46 4.10 26.47
C ILE F 45 -22.72 5.25 25.76
N ASP F 46 -22.41 6.30 26.50
CA ASP F 46 -21.66 7.42 25.93
C ASP F 46 -20.27 6.95 25.45
N GLY F 47 -19.60 6.16 26.28
CA GLY F 47 -18.28 5.65 25.92
C GLY F 47 -18.30 4.72 24.71
N ILE F 48 -19.22 3.76 24.71
CA ILE F 48 -19.34 2.80 23.61
C ILE F 48 -19.78 3.48 22.30
N THR F 49 -20.71 4.43 22.40
CA THR F 49 -21.09 5.27 21.27
C THR F 49 -19.87 6.00 20.71
N ASN F 50 -19.09 6.64 21.57
CA ASN F 50 -17.88 7.31 21.08
C ASN F 50 -16.92 6.34 20.37
N LYS F 51 -16.75 5.15 20.92
CA LYS F 51 -15.86 4.16 20.36
C LYS F 51 -16.35 3.78 18.97
N VAL F 52 -17.63 3.47 18.85
CA VAL F 52 -18.22 3.13 17.55
C VAL F 52 -18.02 4.27 16.54
N ASN F 53 -18.25 5.51 16.95
CA ASN F 53 -18.11 6.62 16.00
C ASN F 53 -16.66 6.93 15.65
N SER F 54 -15.75 6.70 16.59
CA SER F 54 -14.32 6.86 16.29
C SER F 54 -13.89 5.86 15.24
N ILE F 55 -14.31 4.62 15.41
CA ILE F 55 -13.96 3.56 14.48
C ILE F 55 -14.51 3.83 13.09
N ILE F 56 -15.78 4.21 13.05
CA ILE F 56 -16.42 4.57 11.80
C ILE F 56 -15.69 5.75 11.16
N ASN F 57 -15.33 6.75 11.96
CA ASN F 57 -14.64 7.93 11.44
C ASN F 57 -13.24 7.61 10.90
N LYS F 58 -12.47 6.81 11.64
CA LYS F 58 -11.13 6.42 11.18
C LYS F 58 -11.18 5.53 9.92
N MET F 59 -12.27 4.79 9.78
CA MET F 59 -12.45 3.89 8.64
C MET F 59 -13.10 4.60 7.46
N ASN F 60 -13.12 5.94 7.52
CA ASN F 60 -13.87 6.72 6.57
C ASN F 60 -13.21 6.95 5.21
N THR F 61 -11.95 6.64 5.07
CA THR F 61 -11.34 6.77 3.75
C THR F 61 -11.57 5.51 2.94
N GLN F 62 -11.32 5.57 1.63
CA GLN F 62 -11.42 4.36 0.84
C GLN F 62 -10.27 4.28 -0.15
N PHE F 63 -9.78 3.07 -0.39
CA PHE F 63 -8.87 2.86 -1.50
C PHE F 63 -9.73 2.51 -2.71
N GLU F 64 -9.48 3.18 -3.83
CA GLU F 64 -10.32 2.93 -5.00
C GLU F 64 -9.60 2.15 -6.09
N ALA F 65 -10.14 0.98 -6.43
CA ALA F 65 -9.71 0.21 -7.58
C ALA F 65 -10.21 0.87 -8.86
N VAL F 66 -9.49 0.72 -9.96
CA VAL F 66 -9.92 1.38 -11.19
C VAL F 66 -10.34 0.52 -12.39
N ASP F 67 -9.76 -0.66 -12.55
CA ASP F 67 -10.07 -1.44 -13.77
C ASP F 67 -9.81 -0.67 -15.07
N HIS F 68 -8.65 -0.02 -15.14
CA HIS F 68 -8.11 0.46 -16.39
C HIS F 68 -7.80 -0.76 -17.23
N GLU F 69 -7.72 -0.59 -18.54
CA GLU F 69 -7.31 -1.69 -19.42
C GLU F 69 -5.81 -1.71 -19.66
N PHE F 70 -5.25 -2.90 -19.92
CA PHE F 70 -3.81 -3.02 -20.19
C PHE F 70 -3.59 -3.88 -21.41
N SER F 71 -2.64 -3.47 -22.25
CA SER F 71 -2.42 -4.14 -23.53
C SER F 71 -1.60 -5.42 -23.35
N ASN F 72 -1.38 -6.13 -24.46
CA ASN F 72 -0.61 -7.36 -24.44
C ASN F 72 0.90 -7.09 -24.32
N LEU F 73 1.28 -5.82 -24.33
CA LEU F 73 2.63 -5.41 -23.98
C LEU F 73 2.68 -4.70 -22.60
N GLU F 74 1.66 -4.92 -21.78
CA GLU F 74 1.59 -4.26 -20.48
C GLU F 74 1.30 -5.25 -19.34
N ARG F 75 1.86 -6.45 -19.45
CA ARG F 75 1.62 -7.49 -18.45
C ARG F 75 2.21 -7.07 -17.10
N ARG F 76 3.37 -6.44 -17.13
CA ARG F 76 4.05 -6.02 -15.90
C ARG F 76 3.26 -4.93 -15.15
N ILE F 77 2.85 -3.88 -15.84
CA ILE F 77 2.17 -2.79 -15.15
C ILE F 77 0.76 -3.22 -14.78
N GLY F 78 0.12 -4.03 -15.64
CA GLY F 78 -1.19 -4.61 -15.32
C GLY F 78 -1.10 -5.44 -14.04
N ASN F 79 -0.06 -6.27 -13.94
CA ASN F 79 0.20 -7.06 -12.74
C ASN F 79 0.56 -6.17 -11.53
N LEU F 80 1.29 -5.09 -11.78
CA LEU F 80 1.67 -4.16 -10.74
C LEU F 80 0.40 -3.56 -10.15
N ASN F 81 -0.51 -3.15 -11.02
CA ASN F 81 -1.77 -2.59 -10.55
C ASN F 81 -2.58 -3.56 -9.71
N LYS F 82 -2.66 -4.81 -10.17
CA LYS F 82 -3.40 -5.85 -9.50
C LYS F 82 -2.84 -6.15 -8.10
N ARG F 83 -1.51 -6.30 -8.02
CA ARG F 83 -0.88 -6.64 -6.76
C ARG F 83 -1.01 -5.46 -5.80
N MET F 84 -0.92 -4.26 -6.35
CA MET F 84 -1.11 -3.02 -5.61
C MET F 84 -2.51 -2.99 -4.97
N GLU F 85 -3.55 -3.17 -5.79
CA GLU F 85 -4.92 -3.13 -5.32
C GLU F 85 -5.24 -4.29 -4.38
N ASP F 86 -4.78 -5.49 -4.71
CA ASP F 86 -4.93 -6.61 -3.79
C ASP F 86 -4.19 -6.37 -2.50
N GLY F 87 -3.09 -5.61 -2.54
CA GLY F 87 -2.29 -5.40 -1.34
C GLY F 87 -3.02 -4.50 -0.35
N PHE F 88 -3.58 -3.39 -0.85
CA PHE F 88 -4.34 -2.51 0.02
C PHE F 88 -5.61 -3.18 0.49
N LEU F 89 -6.22 -4.02 -0.35
CA LEU F 89 -7.38 -4.83 0.06
C LEU F 89 -7.02 -5.71 1.28
N ASP F 90 -5.85 -6.32 1.25
CA ASP F 90 -5.47 -7.23 2.32
C ASP F 90 -5.14 -6.49 3.64
N VAL F 91 -4.57 -5.29 3.52
CA VAL F 91 -4.26 -4.46 4.68
C VAL F 91 -5.54 -3.96 5.37
N TRP F 92 -6.49 -3.43 4.59
CA TRP F 92 -7.73 -2.94 5.19
C TRP F 92 -8.56 -4.09 5.71
N THR F 93 -8.58 -5.21 4.99
CA THR F 93 -9.33 -6.36 5.50
C THR F 93 -8.76 -6.81 6.85
N TYR F 94 -7.44 -6.84 6.93
CA TYR F 94 -6.77 -7.17 8.17
C TYR F 94 -7.08 -6.11 9.23
N ASN F 95 -6.95 -4.83 8.87
CA ASN F 95 -7.19 -3.77 9.86
C ASN F 95 -8.59 -3.87 10.46
N ALA F 96 -9.60 -4.01 9.60
CA ALA F 96 -10.98 -4.12 10.08
C ALA F 96 -11.22 -5.34 10.96
N GLU F 97 -10.80 -6.51 10.50
CA GLU F 97 -11.12 -7.74 11.24
C GLU F 97 -10.39 -7.84 12.59
N LEU F 98 -9.16 -7.34 12.64
CA LEU F 98 -8.37 -7.42 13.85
C LEU F 98 -8.90 -6.44 14.87
N LEU F 99 -9.21 -5.24 14.41
CA LEU F 99 -9.78 -4.19 15.26
C LEU F 99 -11.10 -4.66 15.89
N VAL F 100 -11.97 -5.26 15.09
CA VAL F 100 -13.24 -5.76 15.64
C VAL F 100 -12.99 -6.84 16.72
N LEU F 101 -12.07 -7.79 16.50
CA LEU F 101 -11.79 -8.81 17.54
C LEU F 101 -11.23 -8.23 18.83
N LEU F 102 -10.33 -7.28 18.68
CA LEU F 102 -9.66 -6.62 19.80
C LEU F 102 -10.65 -5.77 20.57
N GLU F 103 -11.39 -4.94 19.85
CA GLU F 103 -12.32 -4.04 20.49
C GLU F 103 -13.46 -4.79 21.16
N ASN F 104 -13.90 -5.87 20.54
CA ASN F 104 -14.89 -6.71 21.17
C ASN F 104 -14.40 -7.29 22.50
N GLU F 105 -13.15 -7.71 22.59
CA GLU F 105 -12.60 -8.20 23.83
C GLU F 105 -12.60 -7.10 24.88
N ARG F 106 -12.15 -5.90 24.50
CA ARG F 106 -12.06 -4.79 25.45
C ARG F 106 -13.44 -4.28 25.88
N THR F 107 -14.41 -4.28 24.98
CA THR F 107 -15.78 -3.82 25.33
C THR F 107 -16.41 -4.76 26.35
N LEU F 108 -16.24 -6.07 26.20
CA LEU F 108 -16.78 -6.98 27.20
C LEU F 108 -16.11 -6.72 28.53
N ASP F 109 -14.80 -6.47 28.52
CA ASP F 109 -14.07 -6.18 29.76
C ASP F 109 -14.57 -4.91 30.42
N LEU F 110 -14.86 -3.89 29.62
CA LEU F 110 -15.33 -2.64 30.18
C LEU F 110 -16.66 -2.82 30.90
N HIS F 111 -17.58 -3.58 30.29
CA HIS F 111 -18.85 -3.86 30.91
C HIS F 111 -18.61 -4.61 32.23
N ASP F 112 -17.67 -5.54 32.20
CA ASP F 112 -17.32 -6.30 33.40
C ASP F 112 -16.80 -5.38 34.53
N ALA F 113 -15.94 -4.43 34.18
CA ALA F 113 -15.43 -3.46 35.16
C ALA F 113 -16.53 -2.56 35.74
N ASN F 114 -17.46 -2.11 34.91
CA ASN F 114 -18.53 -1.24 35.38
C ASN F 114 -19.40 -1.98 36.39
N VAL F 115 -19.63 -3.27 36.15
CA VAL F 115 -20.42 -4.07 37.10
C VAL F 115 -19.65 -4.20 38.42
N LYS F 116 -18.38 -4.59 38.34
CA LYS F 116 -17.51 -4.70 39.51
C LYS F 116 -17.42 -3.40 40.33
N ASN F 117 -17.27 -2.27 39.66
CA ASN F 117 -17.11 -1.02 40.37
C ASN F 117 -18.45 -0.64 41.04
N LEU F 118 -19.57 -1.03 40.43
CA LEU F 118 -20.87 -0.84 41.06
C LEU F 118 -21.00 -1.71 42.30
N TYR F 119 -20.55 -2.96 42.20
CA TYR F 119 -20.59 -3.85 43.34
C TYR F 119 -19.72 -3.30 44.49
N GLU F 120 -18.58 -2.69 44.17
CA GLU F 120 -17.69 -2.20 45.23
C GLU F 120 -18.21 -0.91 45.87
N LYS F 121 -18.91 -0.12 45.07
CA LYS F 121 -19.55 1.11 45.50
C LYS F 121 -20.59 0.84 46.61
N VAL F 122 -21.43 -0.15 46.35
CA VAL F 122 -22.41 -0.59 47.32
C VAL F 122 -21.76 -1.18 48.55
N LYS F 123 -20.89 -2.15 48.33
CA LYS F 123 -20.11 -2.79 49.37
C LYS F 123 -19.53 -1.80 50.37
N SER F 124 -18.96 -0.71 49.87
CA SER F 124 -18.26 0.21 50.76
C SER F 124 -19.24 1.10 51.51
N GLN F 125 -20.43 1.29 50.94
CA GLN F 125 -21.52 1.96 51.64
C GLN F 125 -22.01 1.12 52.80
N LEU F 126 -22.26 -0.15 52.54
CA LEU F 126 -22.97 -0.98 53.50
C LEU F 126 -22.11 -1.38 54.70
N ARG F 127 -20.80 -1.54 54.49
CA ARG F 127 -19.87 -1.98 55.53
C ARG F 127 -20.38 -3.25 56.22
N ASP F 128 -20.37 -3.26 57.56
CA ASP F 128 -20.82 -4.45 58.30
C ASP F 128 -22.31 -4.45 58.69
N ASN F 129 -23.09 -3.51 58.16
CA ASN F 129 -24.55 -3.51 58.26
C ASN F 129 -25.20 -4.56 57.35
N ALA F 130 -24.37 -5.24 56.57
CA ALA F 130 -24.81 -6.29 55.68
C ALA F 130 -23.73 -7.34 55.47
N ASN F 131 -24.17 -8.55 55.21
CA ASN F 131 -23.32 -9.66 54.85
C ASN F 131 -23.13 -9.76 53.31
N ASP F 132 -21.88 -9.72 52.86
CA ASP F 132 -21.51 -9.93 51.44
C ASP F 132 -21.62 -11.41 51.16
N LEU F 133 -22.64 -11.83 50.41
CA LEU F 133 -22.75 -13.23 50.02
C LEU F 133 -21.79 -13.43 48.86
N GLY F 134 -21.60 -14.65 48.38
CA GLY F 134 -20.57 -14.80 47.34
C GLY F 134 -20.85 -14.16 45.98
N ASN F 135 -22.07 -13.69 45.79
CA ASN F 135 -22.66 -13.60 44.48
C ASN F 135 -23.13 -12.21 44.04
N GLY F 136 -22.49 -11.16 44.56
CA GLY F 136 -22.91 -9.80 44.28
C GLY F 136 -24.10 -9.36 45.12
N CYS F 137 -24.60 -10.22 46.01
CA CYS F 137 -25.75 -9.91 46.85
C CYS F 137 -25.34 -9.63 48.28
N PHE F 138 -26.06 -8.71 48.91
CA PHE F 138 -25.84 -8.31 50.29
C PHE F 138 -27.09 -8.55 51.11
N GLU F 139 -26.95 -9.26 52.23
CA GLU F 139 -28.08 -9.53 53.10
C GLU F 139 -27.97 -8.60 54.30
N PHE F 140 -28.93 -7.71 54.45
CA PHE F 140 -28.91 -6.70 55.50
C PHE F 140 -29.04 -7.31 56.90
N TRP F 141 -28.38 -6.70 57.88
CA TRP F 141 -28.51 -7.09 59.28
C TRP F 141 -29.62 -6.30 59.95
N HIS F 142 -30.27 -5.44 59.17
CA HIS F 142 -31.36 -4.59 59.64
C HIS F 142 -32.52 -4.60 58.64
N LYS F 143 -33.70 -4.11 59.05
CA LYS F 143 -34.79 -4.02 58.07
C LYS F 143 -34.51 -2.90 57.08
N CYS F 144 -34.42 -3.23 55.79
CA CYS F 144 -34.17 -2.21 54.80
C CYS F 144 -35.40 -1.83 54.00
N ASP F 145 -35.78 -0.57 54.16
CA ASP F 145 -36.97 0.04 53.60
C ASP F 145 -36.82 0.26 52.11
N ASN F 146 -37.94 0.50 51.44
CA ASN F 146 -37.90 0.89 50.04
C ASN F 146 -37.12 2.19 49.98
N GLU F 147 -37.33 3.05 50.97
CA GLU F 147 -36.55 4.26 51.11
C GLU F 147 -35.08 3.94 51.36
N CYS F 148 -34.85 2.96 52.22
CA CYS F 148 -33.52 2.45 52.47
C CYS F 148 -32.85 1.88 51.23
N MET F 149 -33.62 1.13 50.46
CA MET F 149 -33.09 0.56 49.23
C MET F 149 -32.74 1.67 48.27
N GLU F 150 -33.63 2.67 48.16
CA GLU F 150 -33.38 3.82 47.30
C GLU F 150 -32.09 4.56 47.65
N SER F 151 -31.86 4.77 48.94
CA SER F 151 -30.66 5.50 49.36
C SER F 151 -29.39 4.71 49.05
N VAL F 152 -29.46 3.39 49.15
CA VAL F 152 -28.34 2.55 48.73
C VAL F 152 -28.04 2.77 47.25
N LYS F 153 -29.11 2.88 46.46
CA LYS F 153 -28.94 3.07 45.02
C LYS F 153 -28.44 4.46 44.67
N ASN F 154 -28.78 5.44 45.51
CA ASN F 154 -28.41 6.85 45.30
C ASN F 154 -27.05 7.26 45.86
N GLY F 155 -26.39 6.34 46.54
CA GLY F 155 -25.15 6.66 47.24
C GLY F 155 -25.37 7.46 48.53
N THR F 156 -26.61 7.53 48.99
CA THR F 156 -26.90 8.27 50.22
C THR F 156 -27.27 7.38 51.40
N TYR F 157 -26.83 6.12 51.39
CA TYR F 157 -27.09 5.22 52.51
C TYR F 157 -26.50 5.71 53.84
N ASP F 158 -27.28 5.59 54.90
CA ASP F 158 -26.87 6.11 56.20
C ASP F 158 -26.43 4.96 57.12
N TYR F 159 -25.14 4.65 57.15
CA TYR F 159 -24.59 3.57 57.98
C TYR F 159 -24.79 3.76 59.50
N PRO F 160 -24.52 4.97 60.02
CA PRO F 160 -24.72 5.09 61.48
C PRO F 160 -26.18 4.87 61.86
N LYS F 161 -27.11 5.33 61.03
CA LYS F 161 -28.55 5.23 61.30
C LYS F 161 -28.99 3.80 61.59
N TYR F 162 -28.32 2.83 61.00
CA TYR F 162 -28.67 1.42 61.20
C TYR F 162 -27.62 0.62 61.96
N GLN F 163 -26.56 1.29 62.41
CA GLN F 163 -25.43 0.58 63.00
C GLN F 163 -25.83 -0.24 64.24
N LYS F 164 -26.53 0.37 65.20
CA LYS F 164 -26.86 -0.36 66.43
C LYS F 164 -27.89 -1.49 66.19
N GLU F 165 -28.95 -1.24 65.42
CA GLU F 165 -29.84 -2.33 65.01
C GLU F 165 -29.09 -3.49 64.34
N SER F 166 -28.06 -3.14 63.57
CA SER F 166 -27.30 -4.14 62.83
C SER F 166 -26.41 -4.94 63.74
N LYS F 167 -25.77 -4.26 64.69
CA LYS F 167 -24.89 -4.91 65.67
C LYS F 167 -25.66 -5.99 66.44
N LEU F 168 -26.87 -5.64 66.85
CA LEU F 168 -27.72 -6.55 67.61
C LEU F 168 -27.94 -7.88 66.95
N ASN F 169 -28.42 -7.85 65.70
CA ASN F 169 -28.74 -9.06 64.99
C ASN F 169 -27.50 -9.80 64.53
N ARG F 170 -26.50 -9.03 64.08
CA ARG F 170 -25.23 -9.58 63.63
C ARG F 170 -24.58 -10.42 64.74
N GLN F 171 -24.89 -10.08 65.99
CA GLN F 171 -24.42 -10.86 67.15
C GLN F 171 -25.51 -11.76 67.76
N GLY F 172 -26.74 -11.23 67.87
CA GLY F 172 -27.84 -11.99 68.41
C GLY F 172 -28.25 -13.18 67.56
#